data_7JKQ
#
_entry.id   7JKQ
#
_cell.length_a   1.00
_cell.length_b   1.00
_cell.length_c   1.00
_cell.angle_alpha   90.00
_cell.angle_beta   90.00
_cell.angle_gamma   90.00
#
_symmetry.space_group_name_H-M   'P 1'
#
loop_
_entity.id
_entity.type
_entity.pdbx_description
1 polymer 'Dipeptidyl peptidase 9'
2 polymer 'Caspase recruitment domain-containing protein 8'
#
loop_
_entity_poly.entity_id
_entity_poly.type
_entity_poly.pdbx_seq_one_letter_code
_entity_poly.pdbx_strand_id
1 'polypeptide(L)'
;MATTGTPTADRGDAAATDDPAARFQVQKHSWDGLRSIIHGSRKYSGLIVNKAPHDFQFVQKTDESGPHSHRLYYLGMPYG
SRENSLLYSEIPKKVRKEALLLLSWKQMLDHFQATPHHGVYSREEELLRERKRLGVFGITSYDFHSESGLFLFQASNSLF
HCRDGGKNGFMVSPMKPLEIKTQCSGPRMDPKICPADPAFFSFINNSDLWVANIETGEERRLTFCHQGLSNVLDDPKSAG
VATFVIQEEFDRFTGYWWCPTASWEGSEGLKTLRILYEEVDESEVEVIHVPSPALEERKTDSYRYPRTGSKNPKIALKLA
EFQTDSQGKIVSTQEKELVQPFSSLFPKVEYIARAGWTRDGKYAWAMFLDRPQQWLQLVLLPPALFIPSTENEEQRLASA
RAVPRNVQPYVVYEEVTNVWINVHDIFYPFPQSEGEDELCFLRANECKTGFCHLYKVTAVLKSQGYDWSEPFSPGEDEFK
CPIKEEIALTSGEWEVLARHGSKIWVNEETKLVYFQGTKDTPLEHHLYVVSYEAAGEIVRLTTPGFSHSCSMSQNFDMFV
SHYSSVSTPPCVHVYKLSGPDDDPLHKQPRFWASMMEAASCPPDYVPPEIFHFHTRSDVRLYGMIYKPHALQPGKKHPTV
LFVYGGPQVQLVNNSFKGIKYLRLNTLASLGYAVVVIDGRGSCQRGLRFEGALKNQMGQVEIEDQVEGLQFVAEKYGFID
LSRVAIHGWSYGGFLSLMGLIHKPQVFKVAIAGAPVTVWMAYDTGYTERYMDVPENNQHGYEAGSVALHVEKLPNEPNRL
LILHGFLDENVHFFHTNFLVSQLIRAGKPYQLQIYPNERHSIRCPESGEHYEVTLLHFLQEYL
;
A,D
2 'polypeptide(L)'
;MEKKECPEKSSSSEEELPRRDSGSSRNIDASKLIRLQGSRKLLVDNSIRELQYTKTGIFFQAEACVTNDTVYRELPCVSE
TLCDISHFFQEDDETEAEPLLFRAVPECQLSGGDIPSVSEEQESSEGQDSGDICSEENQIVSSYASKVCFEIEEDYKNRQ
FLGPEGNVDVELIDKSTNRYSVWFPTAGWYLWSATGLGFLVRDEVTVTIAFGSWSQHLALDLQHHEQWLVGGPLFDVTAE
PEEAVAEIHLPHFISLQAGEVDVSWFLVAHFKNEGMVLEHPARVEPFYAVLESPSFSLMGILLRIASGTRLSIPITSNTL
IYYHPHPEDIKFHLYLVPSDALLTKAIDDEEDRFHGVRLQTSPPMEPLNFGSSYIVSNSANLKVMPKELKLSYRSPGEIQ
HFSKFYAGQMKEPIQLEITEKRHGTLVWDTEVKPVDLQLVAASAPPPFSGAAFVKENHRQLQARMGDLKGVLDDLQDNEV
LTENEKELVEQEKTRQSKNEALLSMVEKKGDLALDVLFRSISERDPYLVSYLRQQNL
;
B,C
#
# COMPACT_ATOMS: atom_id res chain seq x y z
N ASP A 18 27.04 22.38 23.73
CA ASP A 18 28.01 23.30 24.30
C ASP A 18 29.03 22.57 25.18
N ASP A 19 28.52 21.85 26.18
CA ASP A 19 29.36 21.12 27.09
C ASP A 19 29.18 19.62 26.83
N PRO A 20 30.12 18.95 26.17
CA PRO A 20 29.95 17.54 25.82
C PRO A 20 30.45 16.55 26.86
N ALA A 21 30.81 17.02 28.06
CA ALA A 21 31.28 16.10 29.10
C ALA A 21 30.13 15.30 29.69
N ALA A 22 28.93 15.88 29.75
CA ALA A 22 27.78 15.25 30.38
C ALA A 22 26.67 14.91 29.39
N ARG A 23 27.02 14.69 28.12
CA ARG A 23 26.04 14.38 27.08
C ARG A 23 26.28 13.00 26.52
N PHE A 24 25.32 12.10 26.72
CA PHE A 24 25.40 10.77 26.13
C PHE A 24 25.26 10.85 24.62
N GLN A 25 26.20 10.25 23.91
CA GLN A 25 26.12 10.12 22.47
C GLN A 25 25.69 8.69 22.13
N VAL A 26 24.63 8.56 21.35
CA VAL A 26 24.15 7.25 20.95
C VAL A 26 25.10 6.67 19.92
N GLN A 27 25.41 5.38 20.07
CA GLN A 27 26.36 4.74 19.16
C GLN A 27 25.72 4.58 17.79
N LYS A 28 26.33 5.20 16.78
CA LYS A 28 25.79 5.19 15.42
C LYS A 28 26.00 3.82 14.80
N HIS A 29 24.91 3.09 14.63
CA HIS A 29 24.96 1.79 13.98
C HIS A 29 24.72 1.94 12.49
N SER A 30 25.24 0.98 11.72
CA SER A 30 24.88 0.85 10.33
C SER A 30 23.42 0.45 10.17
N TRP A 31 22.90 0.60 8.95
CA TRP A 31 21.51 0.24 8.66
C TRP A 31 21.25 -1.24 8.89
N ASP A 32 22.15 -2.11 8.42
CA ASP A 32 21.99 -3.54 8.66
C ASP A 32 22.13 -3.89 10.14
N GLY A 33 23.01 -3.17 10.85
CA GLY A 33 23.04 -3.26 12.31
C GLY A 33 21.71 -2.93 12.96
N LEU A 34 21.09 -1.83 12.52
CA LEU A 34 19.78 -1.43 13.06
C LEU A 34 18.69 -2.45 12.74
N ARG A 35 18.73 -3.04 11.54
CA ARG A 35 17.82 -4.15 11.26
C ARG A 35 18.08 -5.32 12.20
N SER A 36 19.35 -5.66 12.43
CA SER A 36 19.72 -6.73 13.38
C SER A 36 19.18 -6.46 14.78
N ILE A 37 19.17 -5.18 15.18
CA ILE A 37 18.66 -4.77 16.48
C ILE A 37 17.14 -4.90 16.54
N ILE A 38 16.46 -4.42 15.50
CA ILE A 38 15.00 -4.55 15.45
C ILE A 38 14.58 -6.02 15.41
N HIS A 39 15.27 -6.87 14.63
CA HIS A 39 14.94 -8.30 14.69
C HIS A 39 15.19 -8.87 16.09
N GLY A 40 16.33 -8.52 16.71
CA GLY A 40 16.54 -8.99 18.08
C GLY A 40 15.51 -8.48 19.07
N SER A 41 14.84 -7.37 18.74
CA SER A 41 13.73 -6.88 19.55
C SER A 41 12.50 -7.75 19.33
N ARG A 42 12.30 -8.16 18.08
CA ARG A 42 11.05 -8.81 17.65
C ARG A 42 11.18 -10.32 17.52
N LYS A 43 12.23 -10.93 18.08
CA LYS A 43 12.22 -12.38 18.28
C LYS A 43 11.06 -12.81 19.15
N TYR A 44 10.81 -12.09 20.24
CA TYR A 44 9.77 -12.44 21.19
C TYR A 44 8.51 -11.62 21.01
N SER A 45 8.45 -10.76 19.98
CA SER A 45 7.24 -9.99 19.73
C SER A 45 6.10 -10.87 19.22
N GLY A 46 6.44 -11.94 18.48
CA GLY A 46 5.45 -12.92 18.10
C GLY A 46 4.99 -13.78 19.27
N LEU A 47 5.77 -13.85 20.34
CA LEU A 47 5.41 -14.56 21.55
C LEU A 47 4.74 -13.69 22.60
N ILE A 48 5.07 -12.40 22.65
CA ILE A 48 4.53 -11.55 23.72
C ILE A 48 3.07 -11.20 23.45
N VAL A 49 2.62 -11.21 22.20
CA VAL A 49 1.22 -11.09 21.86
C VAL A 49 0.80 -12.39 21.17
N ASN A 50 -0.25 -13.01 21.70
CA ASN A 50 -0.74 -14.27 21.17
C ASN A 50 -2.22 -14.18 20.81
N LYS A 51 -2.75 -12.97 20.65
CA LYS A 51 -4.18 -12.69 20.52
C LYS A 51 -4.95 -13.33 21.69
N ALA A 52 -4.67 -12.76 22.87
CA ALA A 52 -5.14 -13.29 24.14
C ALA A 52 -6.66 -13.43 24.14
N PRO A 53 -7.20 -14.49 24.75
CA PRO A 53 -8.59 -14.88 24.49
C PRO A 53 -9.61 -13.88 24.98
N HIS A 54 -10.76 -13.91 24.31
CA HIS A 54 -11.73 -12.83 24.37
C HIS A 54 -13.07 -13.37 23.91
N ASP A 55 -14.11 -12.56 24.14
CA ASP A 55 -15.51 -12.84 23.78
C ASP A 55 -15.97 -14.12 24.49
N PHE A 56 -15.85 -14.10 25.82
CA PHE A 56 -16.11 -15.28 26.64
C PHE A 56 -17.60 -15.52 26.81
N GLN A 57 -17.97 -16.79 26.82
CA GLN A 57 -19.35 -17.21 26.99
C GLN A 57 -19.41 -18.43 27.89
N PHE A 58 -19.85 -18.22 29.14
CA PHE A 58 -20.07 -19.28 30.11
C PHE A 58 -21.38 -20.02 29.86
N VAL A 59 -21.34 -21.36 29.85
CA VAL A 59 -22.57 -22.15 29.79
C VAL A 59 -22.47 -23.25 30.85
N GLN A 60 -23.51 -23.41 31.66
CA GLN A 60 -23.42 -24.45 32.68
C GLN A 60 -23.63 -25.83 32.07
N LYS A 61 -23.18 -26.84 32.82
CA LYS A 61 -23.33 -28.21 32.36
C LYS A 61 -24.63 -28.83 32.84
N THR A 62 -25.01 -28.54 34.09
CA THR A 62 -26.25 -28.98 34.75
C THR A 62 -26.41 -30.50 34.69
N ASP A 63 -25.37 -31.20 35.10
CA ASP A 63 -25.33 -32.66 35.05
C ASP A 63 -25.39 -33.30 36.42
N GLU A 64 -24.79 -32.68 37.43
CA GLU A 64 -24.72 -33.06 38.85
C GLU A 64 -23.94 -34.35 39.09
N SER A 65 -23.35 -34.96 38.06
CA SER A 65 -22.50 -36.13 38.23
C SER A 65 -21.19 -36.04 37.48
N GLY A 66 -21.11 -35.23 36.43
CA GLY A 66 -19.87 -35.04 35.71
C GLY A 66 -18.91 -34.15 36.46
N PRO A 67 -17.71 -34.01 35.92
CA PRO A 67 -16.68 -33.23 36.61
C PRO A 67 -16.62 -31.75 36.27
N HIS A 68 -17.31 -31.30 35.22
CA HIS A 68 -17.15 -29.94 34.75
C HIS A 68 -18.37 -29.12 35.16
N SER A 69 -18.13 -27.93 35.72
CA SER A 69 -19.28 -27.14 36.16
C SER A 69 -19.85 -26.35 34.99
N HIS A 70 -18.96 -25.81 34.15
CA HIS A 70 -19.29 -25.03 32.97
C HIS A 70 -18.42 -25.43 31.79
N ARG A 71 -18.74 -24.83 30.66
CA ARG A 71 -17.86 -24.78 29.50
C ARG A 71 -17.74 -23.31 29.10
N LEU A 72 -16.50 -22.81 29.08
CA LEU A 72 -16.20 -21.46 28.66
C LEU A 72 -15.87 -21.46 27.17
N TYR A 73 -16.62 -20.70 26.39
CA TYR A 73 -16.37 -20.57 24.96
C TYR A 73 -15.74 -19.23 24.63
N TYR A 74 -14.77 -19.22 23.74
CA TYR A 74 -14.05 -18.00 23.44
C TYR A 74 -13.31 -18.13 22.13
N LEU A 75 -12.80 -17.00 21.66
CA LEU A 75 -11.95 -16.93 20.48
C LEU A 75 -10.48 -16.94 20.91
N GLY A 76 -9.64 -17.54 20.06
CA GLY A 76 -8.24 -17.60 20.37
C GLY A 76 -7.43 -18.15 19.23
N MET A 77 -6.15 -17.82 19.16
CA MET A 77 -5.24 -18.65 18.40
C MET A 77 -4.36 -19.39 19.40
N PRO A 78 -4.33 -20.72 19.35
CA PRO A 78 -3.59 -21.49 20.36
C PRO A 78 -2.08 -21.51 20.16
N TYR A 79 -1.57 -20.60 19.32
CA TYR A 79 -0.18 -20.32 18.97
C TYR A 79 0.39 -21.40 18.04
N GLY A 80 -0.35 -22.50 17.85
CA GLY A 80 0.01 -23.53 16.92
C GLY A 80 -0.55 -23.35 15.52
N SER A 81 -1.17 -22.20 15.26
CA SER A 81 -1.73 -21.92 13.94
C SER A 81 -1.75 -20.43 13.71
N ARG A 82 -1.74 -20.05 12.42
CA ARG A 82 -1.79 -18.65 12.04
C ARG A 82 -3.17 -18.03 12.27
N GLU A 83 -4.20 -18.86 12.37
CA GLU A 83 -5.58 -18.39 12.34
C GLU A 83 -6.16 -18.26 13.75
N ASN A 84 -7.04 -17.26 13.90
CA ASN A 84 -7.87 -17.13 15.08
C ASN A 84 -9.09 -18.03 14.92
N SER A 85 -9.37 -18.84 15.94
CA SER A 85 -10.53 -19.70 15.84
C SER A 85 -11.27 -19.77 17.16
N LEU A 86 -12.49 -20.28 17.06
CA LEU A 86 -13.37 -20.50 18.20
C LEU A 86 -12.86 -21.71 18.99
N LEU A 87 -12.77 -21.58 20.31
CA LEU A 87 -12.21 -22.64 21.14
C LEU A 87 -13.07 -22.82 22.39
N TYR A 88 -12.70 -23.78 23.24
CA TYR A 88 -13.33 -23.84 24.56
C TYR A 88 -12.40 -24.43 25.61
N SER A 89 -12.74 -24.10 26.87
CA SER A 89 -12.13 -24.67 28.06
C SER A 89 -13.21 -25.31 28.92
N GLU A 90 -12.81 -26.24 29.78
CA GLU A 90 -13.71 -26.92 30.71
C GLU A 90 -13.46 -26.46 32.15
N ILE A 91 -14.43 -25.75 32.71
CA ILE A 91 -14.33 -25.22 34.07
C ILE A 91 -14.84 -26.28 35.03
N PRO A 92 -14.02 -26.80 35.93
CA PRO A 92 -14.44 -27.91 36.79
C PRO A 92 -15.32 -27.48 37.95
N LYS A 93 -15.92 -28.49 38.58
CA LYS A 93 -16.73 -28.26 39.78
C LYS A 93 -15.87 -28.01 41.01
N LYS A 94 -14.69 -28.60 41.10
CA LYS A 94 -13.85 -28.38 42.27
C LYS A 94 -12.37 -28.40 41.90
N VAL A 95 -11.66 -27.37 42.32
CA VAL A 95 -10.21 -27.29 42.26
C VAL A 95 -9.73 -27.01 43.68
N ARG A 96 -8.52 -27.47 44.01
CA ARG A 96 -8.01 -27.37 45.36
C ARG A 96 -7.04 -26.19 45.50
N LYS A 97 -6.96 -25.66 46.72
CA LYS A 97 -5.96 -24.65 47.02
C LYS A 97 -4.58 -25.30 47.10
N GLU A 98 -3.55 -24.44 47.11
CA GLU A 98 -2.14 -24.81 46.91
C GLU A 98 -2.03 -25.63 45.61
N ALA A 99 -2.55 -25.05 44.54
CA ALA A 99 -2.52 -25.64 43.21
C ALA A 99 -2.68 -24.52 42.20
N LEU A 100 -2.54 -24.86 40.92
CA LEU A 100 -2.66 -23.87 39.84
C LEU A 100 -3.12 -24.59 38.59
N LEU A 101 -4.41 -24.49 38.29
CA LEU A 101 -4.98 -25.16 37.13
C LEU A 101 -4.86 -24.27 35.90
N LEU A 102 -4.23 -24.82 34.86
CA LEU A 102 -4.03 -24.12 33.59
C LEU A 102 -4.80 -24.90 32.54
N LEU A 103 -5.70 -24.21 31.84
CA LEU A 103 -6.66 -24.87 30.96
C LEU A 103 -6.04 -25.25 29.63
N SER A 104 -6.37 -26.46 29.17
CA SER A 104 -6.15 -26.79 27.77
C SER A 104 -7.18 -26.08 26.91
N TRP A 105 -6.76 -25.70 25.71
CA TRP A 105 -7.62 -24.96 24.78
C TRP A 105 -8.11 -25.95 23.73
N LYS A 106 -9.28 -26.52 23.96
CA LYS A 106 -9.81 -27.53 23.05
C LYS A 106 -10.51 -26.89 21.86
N GLN A 107 -10.52 -27.63 20.75
CA GLN A 107 -11.07 -27.16 19.48
C GLN A 107 -12.52 -27.59 19.32
N MET A 108 -13.33 -26.73 18.70
CA MET A 108 -14.54 -27.26 18.07
C MET A 108 -14.43 -27.33 16.56
N LEU A 109 -13.50 -26.61 15.97
CA LEU A 109 -13.30 -26.61 14.52
C LEU A 109 -12.05 -27.42 14.21
N ASP A 110 -12.20 -28.42 13.33
CA ASP A 110 -11.16 -29.43 13.14
C ASP A 110 -10.19 -29.01 12.04
N HIS A 111 -9.22 -28.19 12.45
CA HIS A 111 -7.93 -27.94 11.77
C HIS A 111 -8.05 -27.49 10.31
N PHE A 112 -9.09 -26.70 10.01
CA PHE A 112 -9.19 -26.13 8.67
C PHE A 112 -8.79 -24.65 8.71
N GLN A 113 -8.80 -24.04 7.54
CA GLN A 113 -8.41 -22.64 7.39
C GLN A 113 -9.65 -21.78 7.21
N ALA A 114 -9.71 -20.68 7.97
CA ALA A 114 -10.84 -19.75 7.94
C ALA A 114 -10.47 -18.42 7.30
N THR A 115 -9.46 -18.40 6.44
CA THR A 115 -9.01 -17.19 5.75
C THR A 115 -8.56 -17.60 4.35
N PRO A 116 -8.90 -16.81 3.31
CA PRO A 116 -8.37 -17.00 1.97
C PRO A 116 -6.84 -16.86 1.90
N VAL A 136 -5.23 -9.48 11.64
CA VAL A 136 -5.46 -10.81 12.16
C VAL A 136 -6.35 -11.61 11.21
N PHE A 137 -6.26 -12.94 11.28
CA PHE A 137 -6.91 -13.81 10.31
C PHE A 137 -7.63 -14.93 11.04
N GLY A 138 -8.68 -15.45 10.39
CA GLY A 138 -9.51 -16.50 10.94
C GLY A 138 -10.94 -16.03 11.10
N ILE A 139 -11.54 -16.35 12.25
CA ILE A 139 -12.90 -15.91 12.55
C ILE A 139 -12.82 -14.69 13.47
N THR A 140 -13.13 -13.52 12.94
CA THR A 140 -13.00 -12.28 13.70
C THR A 140 -13.93 -12.15 14.91
N SER A 141 -15.19 -12.54 14.72
CA SER A 141 -16.20 -12.46 15.76
C SER A 141 -17.24 -13.53 15.52
N TYR A 142 -18.03 -13.87 16.53
CA TYR A 142 -19.04 -14.91 16.33
C TYR A 142 -20.30 -14.51 17.07
N ASP A 143 -21.40 -15.19 16.76
CA ASP A 143 -22.66 -14.95 17.42
C ASP A 143 -23.11 -16.26 18.06
N PHE A 144 -23.80 -16.14 19.19
CA PHE A 144 -24.22 -17.27 20.00
C PHE A 144 -25.64 -17.12 20.49
N HIS A 145 -26.37 -18.23 20.51
CA HIS A 145 -27.72 -18.27 21.05
C HIS A 145 -27.75 -19.36 22.12
N SER A 146 -28.10 -18.95 23.34
CA SER A 146 -27.86 -19.75 24.54
C SER A 146 -28.74 -20.99 24.60
N GLU A 147 -30.05 -20.84 24.37
CA GLU A 147 -31.00 -21.92 24.59
C GLU A 147 -30.78 -23.08 23.62
N SER A 148 -30.70 -22.78 22.32
CA SER A 148 -30.35 -23.80 21.34
C SER A 148 -28.88 -24.16 21.37
N GLY A 149 -28.04 -23.29 21.93
CA GLY A 149 -26.60 -23.53 21.93
C GLY A 149 -25.99 -23.41 20.55
N LEU A 150 -26.43 -22.42 19.78
CA LEU A 150 -26.05 -22.29 18.38
C LEU A 150 -24.90 -21.29 18.24
N PHE A 151 -23.85 -21.69 17.52
CA PHE A 151 -22.68 -20.85 17.26
C PHE A 151 -22.66 -20.56 15.78
N LEU A 152 -23.11 -19.37 15.40
CA LEU A 152 -23.10 -18.94 14.00
C LEU A 152 -21.95 -17.96 13.84
N PHE A 153 -21.03 -18.25 12.93
CA PHE A 153 -19.90 -17.35 12.74
C PHE A 153 -19.58 -17.14 11.27
N GLN A 154 -18.72 -16.16 11.06
CA GLN A 154 -18.20 -15.75 9.77
C GLN A 154 -16.76 -16.22 9.62
N ALA A 155 -16.49 -16.89 8.50
CA ALA A 155 -15.17 -17.39 8.16
C ALA A 155 -15.01 -17.17 6.66
N SER A 156 -14.12 -17.94 6.02
CA SER A 156 -13.54 -17.56 4.73
C SER A 156 -14.56 -17.51 3.61
N ASN A 157 -15.07 -16.28 3.38
CA ASN A 157 -16.00 -15.92 2.31
C ASN A 157 -17.31 -16.71 2.36
N SER A 158 -17.71 -17.14 3.55
CA SER A 158 -18.95 -17.89 3.74
C SER A 158 -19.33 -17.91 5.21
N LEU A 159 -20.57 -18.33 5.46
CA LEU A 159 -21.14 -18.41 6.79
C LEU A 159 -21.08 -19.86 7.28
N PHE A 160 -20.90 -20.01 8.58
CA PHE A 160 -20.75 -21.33 9.18
C PHE A 160 -21.52 -21.34 10.49
N HIS A 161 -21.79 -22.53 10.99
CA HIS A 161 -22.46 -22.70 12.26
C HIS A 161 -22.13 -24.08 12.81
N CYS A 162 -22.46 -24.24 14.09
CA CYS A 162 -22.28 -25.49 14.84
C CYS A 162 -23.15 -25.37 16.07
N ARG A 163 -23.31 -26.48 16.78
CA ARG A 163 -24.17 -26.42 17.96
C ARG A 163 -23.64 -27.32 19.06
N ASP A 164 -23.78 -26.82 20.29
CA ASP A 164 -23.16 -27.45 21.45
C ASP A 164 -23.90 -26.93 22.68
N GLY A 165 -24.56 -27.82 23.40
CA GLY A 165 -25.09 -27.50 24.71
C GLY A 165 -26.55 -27.11 24.79
N GLY A 166 -27.40 -27.60 23.89
CA GLY A 166 -28.82 -27.40 24.04
C GLY A 166 -29.44 -28.64 24.65
N LYS A 167 -30.48 -29.18 24.03
CA LYS A 167 -30.88 -30.55 24.35
C LYS A 167 -29.89 -31.56 23.79
N ASN A 168 -29.14 -31.18 22.75
CA ASN A 168 -27.97 -31.94 22.35
C ASN A 168 -26.88 -31.82 23.41
N GLY A 169 -26.17 -32.91 23.65
CA GLY A 169 -25.19 -32.97 24.71
C GLY A 169 -23.93 -32.21 24.39
N PHE A 170 -23.10 -32.06 25.42
CA PHE A 170 -21.80 -31.43 25.29
C PHE A 170 -20.81 -32.44 24.72
N MET A 171 -20.36 -32.21 23.50
CA MET A 171 -19.42 -33.09 22.83
C MET A 171 -18.03 -32.97 23.44
N VAL A 172 -17.15 -33.89 23.04
CA VAL A 172 -15.75 -33.84 23.46
C VAL A 172 -14.84 -33.60 22.26
N SER A 173 -14.90 -34.51 21.28
CA SER A 173 -14.07 -34.35 20.09
C SER A 173 -14.75 -33.42 19.09
N PRO A 174 -13.99 -32.56 18.40
CA PRO A 174 -14.61 -31.62 17.47
C PRO A 174 -15.12 -32.26 16.19
N MET A 175 -16.20 -31.68 15.65
CA MET A 175 -16.72 -32.07 14.35
C MET A 175 -16.52 -30.94 13.34
N LYS A 176 -16.91 -31.20 12.10
CA LYS A 176 -16.87 -30.17 11.08
C LYS A 176 -18.00 -29.17 11.31
N PRO A 177 -17.75 -27.88 11.10
CA PRO A 177 -18.84 -26.90 11.21
C PRO A 177 -19.66 -26.90 9.93
N LEU A 178 -20.98 -26.91 10.08
CA LEU A 178 -21.85 -26.93 8.91
C LEU A 178 -21.86 -25.56 8.24
N GLU A 179 -21.68 -25.56 6.93
CA GLU A 179 -21.61 -24.36 6.13
C GLU A 179 -23.02 -24.05 5.64
N ILE A 180 -23.39 -22.78 5.64
CA ILE A 180 -24.75 -22.40 5.26
C ILE A 180 -24.73 -21.92 3.81
N LYS A 181 -25.33 -22.70 2.93
CA LYS A 181 -25.35 -22.39 1.51
C LYS A 181 -26.31 -21.24 1.23
N THR A 182 -26.08 -20.56 0.12
CA THR A 182 -26.94 -19.47 -0.30
C THR A 182 -27.04 -19.43 -1.82
N GLN A 183 -28.18 -18.96 -2.30
CA GLN A 183 -28.34 -18.68 -3.72
C GLN A 183 -27.96 -17.26 -4.08
N CYS A 184 -27.88 -16.38 -3.09
CA CYS A 184 -27.50 -14.99 -3.31
C CYS A 184 -25.99 -14.86 -3.40
N SER A 185 -25.53 -13.93 -4.22
CA SER A 185 -24.11 -13.75 -4.48
C SER A 185 -23.56 -12.55 -3.72
N GLY A 186 -22.26 -12.60 -3.43
CA GLY A 186 -21.61 -11.59 -2.64
C GLY A 186 -21.32 -12.08 -1.24
N PRO A 187 -20.55 -11.29 -0.47
CA PRO A 187 -20.28 -11.65 0.92
C PRO A 187 -21.50 -11.39 1.80
N ARG A 188 -21.58 -12.16 2.88
CA ARG A 188 -22.68 -12.06 3.84
C ARG A 188 -22.14 -11.43 5.11
N MET A 189 -22.29 -10.11 5.23
CA MET A 189 -21.73 -9.39 6.35
C MET A 189 -22.69 -9.40 7.55
N ASP A 190 -22.08 -9.37 8.74
CA ASP A 190 -22.64 -9.16 10.07
C ASP A 190 -23.85 -10.05 10.35
N PRO A 191 -23.66 -11.36 10.55
CA PRO A 191 -24.80 -12.23 10.83
C PRO A 191 -25.17 -12.32 12.30
N LYS A 192 -26.48 -12.40 12.54
CA LYS A 192 -27.03 -12.52 13.89
C LYS A 192 -28.15 -13.54 13.91
N ILE A 193 -28.15 -14.40 14.93
CA ILE A 193 -29.21 -15.37 15.14
C ILE A 193 -30.39 -14.67 15.81
N CYS A 194 -31.61 -14.99 15.38
CA CYS A 194 -32.79 -14.45 16.03
C CYS A 194 -32.94 -15.04 17.43
N PRO A 195 -32.96 -14.22 18.50
CA PRO A 195 -33.13 -14.77 19.85
C PRO A 195 -34.49 -15.38 20.08
N ALA A 196 -35.55 -14.82 19.47
CA ALA A 196 -36.89 -15.37 19.64
C ALA A 196 -37.02 -16.74 19.00
N ASP A 197 -36.42 -16.94 17.83
CA ASP A 197 -36.47 -18.23 17.16
C ASP A 197 -35.07 -18.54 16.68
N PRO A 198 -34.36 -19.47 17.32
CA PRO A 198 -32.95 -19.70 16.98
C PRO A 198 -32.72 -20.37 15.63
N ALA A 199 -33.74 -21.00 15.04
CA ALA A 199 -33.61 -21.61 13.72
C ALA A 199 -33.39 -20.56 12.63
N PHE A 200 -33.88 -19.35 12.84
CA PHE A 200 -33.76 -18.25 11.88
C PHE A 200 -32.61 -17.33 12.24
N PHE A 201 -31.98 -16.80 11.21
CA PHE A 201 -30.93 -15.83 11.39
C PHE A 201 -31.01 -14.80 10.29
N SER A 202 -30.10 -13.82 10.34
CA SER A 202 -30.14 -12.71 9.40
C SER A 202 -28.75 -12.19 9.18
N PHE A 203 -28.57 -11.56 8.02
CA PHE A 203 -27.26 -11.01 7.66
C PHE A 203 -27.46 -9.89 6.67
N ILE A 204 -26.39 -9.15 6.42
CA ILE A 204 -26.40 -8.16 5.36
C ILE A 204 -25.78 -8.81 4.13
N ASN A 205 -26.40 -8.62 2.97
CA ASN A 205 -25.78 -8.99 1.70
C ASN A 205 -26.01 -7.85 0.74
N ASN A 206 -24.91 -7.32 0.17
CA ASN A 206 -24.92 -6.20 -0.77
C ASN A 206 -25.70 -5.00 -0.21
N SER A 207 -25.42 -4.70 1.06
CA SER A 207 -26.01 -3.58 1.81
C SER A 207 -27.54 -3.64 1.87
N ASP A 208 -28.08 -4.85 1.99
CA ASP A 208 -29.50 -5.09 2.22
C ASP A 208 -29.66 -6.20 3.23
N LEU A 209 -30.69 -6.09 4.06
CA LEU A 209 -30.94 -7.09 5.09
C LEU A 209 -31.60 -8.33 4.49
N TRP A 210 -30.99 -9.49 4.72
CA TRP A 210 -31.50 -10.79 4.36
C TRP A 210 -31.78 -11.57 5.63
N VAL A 211 -32.50 -12.68 5.47
CA VAL A 211 -32.85 -13.57 6.58
C VAL A 211 -32.89 -14.98 6.02
N ALA A 212 -32.48 -15.94 6.85
CA ALA A 212 -32.35 -17.32 6.40
C ALA A 212 -32.82 -18.25 7.50
N ASN A 213 -32.65 -19.54 7.24
CA ASN A 213 -32.96 -20.59 8.20
C ASN A 213 -31.95 -21.72 8.09
N ILE A 214 -31.50 -22.18 9.26
CA ILE A 214 -30.39 -23.13 9.33
C ILE A 214 -30.79 -24.49 8.77
N GLU A 215 -31.89 -25.06 9.26
CA GLU A 215 -32.19 -26.46 8.92
C GLU A 215 -32.76 -26.62 7.51
N THR A 216 -33.63 -25.73 7.06
CA THR A 216 -34.23 -25.89 5.75
C THR A 216 -33.40 -25.28 4.63
N GLY A 217 -32.49 -24.37 4.94
CA GLY A 217 -31.63 -23.78 3.94
C GLY A 217 -32.24 -22.64 3.14
N GLU A 218 -33.45 -22.21 3.47
CA GLU A 218 -34.16 -21.16 2.76
C GLU A 218 -33.70 -19.76 3.22
N GLU A 219 -33.65 -18.83 2.28
CA GLU A 219 -33.35 -17.43 2.60
C GLU A 219 -34.33 -16.53 1.86
N ARG A 220 -34.34 -15.26 2.26
CA ARG A 220 -35.24 -14.24 1.73
C ARG A 220 -34.75 -12.84 2.06
N ARG A 221 -34.73 -11.98 1.04
CA ARG A 221 -34.41 -10.57 1.23
C ARG A 221 -35.55 -9.88 1.95
N LEU A 222 -35.23 -8.86 2.74
CA LEU A 222 -36.25 -8.11 3.45
C LEU A 222 -36.34 -6.66 3.00
N THR A 223 -35.22 -6.04 2.66
CA THR A 223 -35.22 -4.69 2.13
C THR A 223 -34.72 -4.71 0.69
N PHE A 224 -35.48 -4.09 -0.21
CA PHE A 224 -35.20 -4.09 -1.64
C PHE A 224 -34.84 -2.70 -2.12
N CYS A 225 -34.01 -2.01 -1.35
CA CYS A 225 -33.68 -0.63 -1.64
C CYS A 225 -32.35 -0.43 -2.37
N HIS A 226 -31.46 -1.42 -2.37
CA HIS A 226 -30.14 -1.30 -2.97
C HIS A 226 -30.09 -2.28 -4.13
N GLN A 227 -30.30 -1.76 -5.34
CA GLN A 227 -30.38 -2.61 -6.52
C GLN A 227 -29.03 -3.15 -6.95
N GLY A 228 -27.94 -2.46 -6.63
CA GLY A 228 -26.62 -2.90 -7.00
C GLY A 228 -26.35 -2.89 -8.49
N LEU A 229 -26.94 -1.94 -9.21
CA LEU A 229 -26.76 -1.87 -10.66
C LEU A 229 -25.39 -1.32 -11.03
N SER A 230 -24.81 -0.49 -10.19
CA SER A 230 -23.58 0.23 -10.53
C SER A 230 -22.89 0.62 -9.23
N ASN A 231 -21.97 1.59 -9.33
CA ASN A 231 -21.19 2.05 -8.21
C ASN A 231 -22.04 2.75 -7.13
N VAL A 232 -21.40 2.97 -5.98
CA VAL A 232 -22.04 3.64 -4.86
C VAL A 232 -22.25 5.13 -5.17
N LEU A 233 -21.55 5.67 -6.18
CA LEU A 233 -21.82 7.01 -6.67
C LEU A 233 -23.19 7.12 -7.33
N ASP A 234 -23.76 6.01 -7.79
CA ASP A 234 -25.07 6.03 -8.41
C ASP A 234 -26.12 5.17 -7.70
N ASP A 235 -25.74 4.45 -6.65
CA ASP A 235 -26.68 3.64 -5.88
C ASP A 235 -26.47 3.94 -4.40
N PRO A 236 -27.02 5.04 -3.90
CA PRO A 236 -26.68 5.52 -2.56
C PRO A 236 -27.59 5.07 -1.42
N LYS A 237 -28.60 4.23 -1.69
CA LYS A 237 -29.50 3.80 -0.63
C LYS A 237 -28.97 2.52 0.02
N SER A 238 -28.89 2.54 1.34
CA SER A 238 -28.36 1.43 2.13
C SER A 238 -29.40 0.99 3.15
N ALA A 239 -29.21 -0.21 3.70
CA ALA A 239 -30.17 -0.71 4.70
C ALA A 239 -29.47 -1.68 5.64
N GLY A 240 -29.52 -1.38 6.93
CA GLY A 240 -28.97 -2.27 7.94
C GLY A 240 -27.46 -2.25 8.07
N VAL A 241 -26.78 -1.33 7.41
CA VAL A 241 -25.33 -1.25 7.48
C VAL A 241 -24.98 0.00 8.27
N ALA A 242 -23.85 -0.07 8.94
CA ALA A 242 -23.30 1.11 9.59
C ALA A 242 -22.42 1.84 8.59
N THR A 243 -22.64 3.15 8.46
CA THR A 243 -21.87 3.96 7.54
C THR A 243 -20.45 4.16 8.06
N PHE A 244 -19.66 4.93 7.31
CA PHE A 244 -18.27 5.17 7.66
C PHE A 244 -18.14 5.89 8.99
N VAL A 245 -18.71 7.09 9.09
CA VAL A 245 -18.52 7.93 10.27
C VAL A 245 -19.15 7.31 11.52
N ILE A 246 -20.24 6.56 11.35
CA ILE A 246 -20.85 5.86 12.48
C ILE A 246 -19.99 4.68 12.90
N GLN A 247 -19.46 3.94 11.92
CA GLN A 247 -18.61 2.80 12.19
C GLN A 247 -17.29 3.19 12.87
N GLU A 248 -16.67 4.28 12.45
CA GLU A 248 -15.32 4.56 12.92
C GLU A 248 -15.22 5.66 13.97
N GLU A 249 -16.29 6.40 14.24
CA GLU A 249 -16.25 7.38 15.33
C GLU A 249 -17.34 7.22 16.38
N PHE A 250 -18.39 6.45 16.11
CA PHE A 250 -19.34 6.10 17.15
C PHE A 250 -19.26 4.64 17.54
N ASP A 251 -18.35 3.88 16.94
CA ASP A 251 -18.05 2.48 17.27
C ASP A 251 -19.28 1.59 17.28
N ARG A 252 -20.11 1.73 16.25
CA ARG A 252 -21.22 0.81 16.01
C ARG A 252 -20.96 0.09 14.69
N PHE A 253 -21.03 -1.24 14.72
CA PHE A 253 -20.65 -2.05 13.59
C PHE A 253 -21.83 -2.81 13.02
N THR A 254 -23.05 -2.41 13.38
CA THR A 254 -24.28 -3.02 12.88
C THR A 254 -25.35 -1.95 12.75
N GLY A 255 -26.31 -2.20 11.88
CA GLY A 255 -27.40 -1.27 11.73
C GLY A 255 -28.74 -1.96 11.77
N TYR A 256 -28.77 -3.17 12.33
CA TYR A 256 -30.00 -3.91 12.51
C TYR A 256 -29.97 -4.70 13.82
N TRP A 257 -31.14 -4.81 14.45
CA TRP A 257 -31.33 -5.39 15.76
C TRP A 257 -32.57 -6.26 15.75
N TRP A 258 -32.41 -7.55 16.01
CA TRP A 258 -33.55 -8.47 16.09
C TRP A 258 -34.47 -8.13 17.26
N CYS A 259 -35.76 -8.38 17.08
CA CYS A 259 -36.67 -8.35 18.22
C CYS A 259 -36.44 -9.61 19.04
N PRO A 260 -36.28 -9.52 20.35
CA PRO A 260 -35.94 -10.71 21.15
C PRO A 260 -37.12 -11.61 21.44
N THR A 261 -38.36 -11.16 21.23
CA THR A 261 -39.54 -11.97 21.43
C THR A 261 -40.37 -11.97 20.16
N ALA A 262 -41.22 -12.97 20.03
CA ALA A 262 -42.02 -13.18 18.83
C ALA A 262 -43.46 -12.82 19.14
N SER A 263 -43.96 -11.78 18.48
CA SER A 263 -45.36 -11.42 18.62
C SER A 263 -46.22 -12.37 17.79
N TRP A 264 -47.50 -12.41 18.14
CA TRP A 264 -48.46 -13.27 17.46
C TRP A 264 -49.60 -12.41 16.90
N GLU A 265 -49.59 -12.21 15.58
CA GLU A 265 -50.73 -11.56 14.94
C GLU A 265 -51.97 -12.43 14.98
N GLY A 266 -51.80 -13.75 15.02
CA GLY A 266 -52.89 -14.69 15.15
C GLY A 266 -53.87 -14.72 13.99
N SER A 267 -53.36 -14.71 12.76
CA SER A 267 -54.22 -15.00 11.61
C SER A 267 -54.73 -16.43 11.70
N GLU A 268 -53.85 -17.42 11.55
CA GLU A 268 -54.21 -18.77 11.97
C GLU A 268 -53.21 -19.37 12.96
N GLY A 269 -51.92 -19.35 12.62
CA GLY A 269 -50.89 -19.89 13.50
C GLY A 269 -49.55 -19.20 13.34
N LEU A 270 -49.56 -18.00 12.78
CA LEU A 270 -48.34 -17.39 12.25
C LEU A 270 -47.53 -16.70 13.34
N LYS A 271 -46.23 -17.00 13.36
CA LYS A 271 -45.27 -16.45 14.33
C LYS A 271 -44.57 -15.26 13.68
N THR A 272 -44.87 -14.06 14.14
CA THR A 272 -44.24 -12.87 13.60
C THR A 272 -42.83 -12.76 14.19
N LEU A 273 -41.91 -12.15 13.43
CA LEU A 273 -40.53 -11.94 13.85
C LEU A 273 -40.08 -10.62 13.24
N ARG A 274 -39.94 -9.63 14.10
CA ARG A 274 -39.57 -8.26 13.76
C ARG A 274 -38.05 -8.07 13.77
N ILE A 275 -37.59 -7.05 13.04
CA ILE A 275 -36.21 -6.54 13.12
C ILE A 275 -36.26 -5.03 12.99
N LEU A 276 -35.62 -4.32 13.91
CA LEU A 276 -35.41 -2.89 13.74
C LEU A 276 -34.14 -2.68 12.94
N TYR A 277 -34.19 -1.84 11.91
CA TYR A 277 -32.98 -1.55 11.18
C TYR A 277 -32.99 -0.06 10.87
N GLU A 278 -31.84 0.47 10.53
CA GLU A 278 -31.78 1.89 10.19
C GLU A 278 -31.55 1.98 8.69
N GLU A 279 -32.51 2.57 7.98
CA GLU A 279 -32.31 2.89 6.60
C GLU A 279 -31.49 4.18 6.53
N VAL A 280 -30.53 4.19 5.61
CA VAL A 280 -29.62 5.31 5.44
C VAL A 280 -29.43 5.63 3.96
N ASP A 281 -29.65 6.90 3.60
CA ASP A 281 -29.41 7.40 2.25
C ASP A 281 -28.19 8.30 2.22
N GLU A 282 -27.25 7.97 1.35
CA GLU A 282 -25.98 8.64 1.22
C GLU A 282 -25.87 9.39 -0.11
N SER A 283 -26.94 10.05 -0.55
CA SER A 283 -26.89 10.68 -1.87
C SER A 283 -26.19 12.03 -1.81
N GLU A 284 -26.51 12.85 -0.80
CA GLU A 284 -26.02 14.22 -0.73
C GLU A 284 -24.75 14.37 0.09
N VAL A 285 -23.96 13.31 0.21
CA VAL A 285 -22.74 13.30 1.00
C VAL A 285 -21.57 13.13 0.04
N GLU A 286 -20.46 13.82 0.34
CA GLU A 286 -19.34 13.88 -0.59
C GLU A 286 -18.65 12.54 -0.76
N VAL A 287 -18.28 12.25 -2.00
CA VAL A 287 -17.59 11.02 -2.39
C VAL A 287 -16.12 11.32 -2.57
N ILE A 288 -15.26 10.47 -2.01
CA ILE A 288 -13.82 10.63 -2.10
C ILE A 288 -13.27 9.34 -2.70
N HIS A 289 -12.24 9.47 -3.51
CA HIS A 289 -11.59 8.29 -4.06
C HIS A 289 -10.33 8.01 -3.27
N VAL A 290 -10.18 6.78 -2.81
CA VAL A 290 -8.98 6.38 -2.09
C VAL A 290 -8.42 5.17 -2.83
N PRO A 291 -7.10 5.12 -3.08
CA PRO A 291 -6.50 3.95 -3.74
C PRO A 291 -6.80 2.60 -3.12
N SER A 292 -7.12 1.64 -3.97
CA SER A 292 -7.41 0.28 -3.58
C SER A 292 -6.11 -0.44 -3.19
N PRO A 293 -6.21 -1.51 -2.40
CA PRO A 293 -5.02 -2.34 -2.10
C PRO A 293 -4.29 -2.88 -3.31
N ALA A 294 -4.98 -3.16 -4.41
CA ALA A 294 -4.35 -3.71 -5.61
C ALA A 294 -3.73 -2.56 -6.39
N LEU A 295 -2.46 -2.26 -6.09
CA LEU A 295 -1.79 -1.11 -6.67
C LEU A 295 -1.52 -1.27 -8.16
N GLU A 296 -1.34 -2.51 -8.63
CA GLU A 296 -1.09 -2.78 -10.05
C GLU A 296 -2.23 -2.29 -10.93
N GLU A 297 -3.47 -2.51 -10.51
CA GLU A 297 -4.62 -2.14 -11.31
C GLU A 297 -4.81 -0.63 -11.43
N ARG A 298 -4.21 0.15 -10.51
CA ARG A 298 -4.37 1.61 -10.41
C ARG A 298 -5.83 2.04 -10.37
N LYS A 299 -6.64 1.28 -9.65
CA LYS A 299 -8.04 1.63 -9.45
C LYS A 299 -8.21 2.16 -8.04
N THR A 300 -9.24 2.97 -7.86
CA THR A 300 -9.57 3.47 -6.53
C THR A 300 -10.86 2.83 -6.06
N ASP A 301 -11.25 3.15 -4.83
CA ASP A 301 -12.58 2.88 -4.32
C ASP A 301 -13.22 4.19 -3.92
N SER A 302 -14.48 4.37 -4.31
CA SER A 302 -15.28 5.48 -3.83
C SER A 302 -15.66 5.23 -2.38
N TYR A 303 -15.70 6.31 -1.60
CA TYR A 303 -16.06 6.30 -0.18
C TYR A 303 -16.97 7.49 0.08
N ARG A 304 -18.15 7.21 0.62
CA ARG A 304 -19.11 8.24 1.04
C ARG A 304 -18.61 8.83 2.35
N TYR A 305 -17.71 9.80 2.24
CA TYR A 305 -17.01 10.35 3.41
C TYR A 305 -17.55 11.72 3.78
N PRO A 306 -18.31 11.85 4.86
CA PRO A 306 -18.81 13.17 5.23
C PRO A 306 -17.76 14.02 5.93
N ARG A 307 -17.15 14.97 5.24
CA ARG A 307 -16.29 15.89 5.94
C ARG A 307 -17.12 16.93 6.67
N THR A 308 -16.47 17.66 7.58
CA THR A 308 -17.13 18.69 8.36
C THR A 308 -17.69 19.79 7.49
N GLY A 309 -18.86 20.31 7.88
CA GLY A 309 -19.61 21.24 7.09
C GLY A 309 -20.55 20.56 6.12
N SER A 310 -20.08 19.50 5.45
CA SER A 310 -20.89 18.77 4.50
C SER A 310 -21.96 17.96 5.23
N LYS A 311 -22.89 17.43 4.45
CA LYS A 311 -24.08 16.81 5.00
C LYS A 311 -23.79 15.36 5.39
N ASN A 312 -24.23 14.98 6.58
CA ASN A 312 -24.14 13.58 7.00
C ASN A 312 -25.26 12.79 6.32
N PRO A 313 -25.14 11.46 6.23
CA PRO A 313 -26.18 10.69 5.56
C PRO A 313 -27.52 10.71 6.27
N LYS A 314 -28.59 10.57 5.48
CA LYS A 314 -29.95 10.78 5.91
C LYS A 314 -30.53 9.49 6.48
N ILE A 315 -30.82 9.49 7.77
CA ILE A 315 -31.09 8.27 8.52
C ILE A 315 -32.59 8.13 8.69
N ALA A 316 -33.02 6.94 9.12
CA ALA A 316 -34.40 6.61 9.46
C ALA A 316 -34.42 5.23 10.12
N LEU A 317 -35.38 5.02 11.01
CA LEU A 317 -35.58 3.72 11.62
C LEU A 317 -36.73 3.01 10.93
N LYS A 318 -36.66 1.69 10.86
CA LYS A 318 -37.58 0.94 10.02
C LYS A 318 -37.76 -0.45 10.61
N LEU A 319 -38.95 -1.01 10.45
CA LEU A 319 -39.26 -2.37 10.89
C LEU A 319 -39.35 -3.34 9.73
N ALA A 320 -38.49 -4.33 9.70
CA ALA A 320 -38.62 -5.39 8.71
C ALA A 320 -39.19 -6.60 9.45
N GLU A 321 -40.47 -6.87 9.23
CA GLU A 321 -41.16 -7.99 9.86
C GLU A 321 -41.30 -9.13 8.88
N PHE A 322 -41.60 -10.31 9.42
CA PHE A 322 -42.03 -11.43 8.61
C PHE A 322 -42.72 -12.44 9.51
N GLN A 323 -43.35 -13.44 8.90
CA GLN A 323 -44.12 -14.42 9.67
C GLN A 323 -43.71 -15.83 9.28
N THR A 324 -44.10 -16.78 10.12
CA THR A 324 -43.67 -18.17 9.96
C THR A 324 -44.79 -19.13 10.36
N ASP A 325 -44.92 -20.23 9.62
CA ASP A 325 -45.78 -21.31 10.06
C ASP A 325 -45.13 -22.11 11.20
N SER A 326 -45.89 -23.06 11.73
CA SER A 326 -45.34 -23.96 12.75
C SER A 326 -44.25 -24.88 12.20
N GLN A 327 -44.29 -25.17 10.90
CA GLN A 327 -43.29 -26.04 10.29
C GLN A 327 -41.95 -25.35 10.08
N GLY A 328 -41.91 -24.02 10.13
CA GLY A 328 -40.67 -23.29 10.03
C GLY A 328 -40.35 -22.86 8.61
N LYS A 329 -41.34 -22.25 7.96
CA LYS A 329 -41.19 -21.70 6.62
C LYS A 329 -41.76 -20.29 6.62
N ILE A 330 -41.04 -19.36 6.01
CA ILE A 330 -41.51 -17.97 5.97
C ILE A 330 -42.71 -17.87 5.03
N VAL A 331 -43.69 -17.07 5.40
CA VAL A 331 -44.92 -16.97 4.62
C VAL A 331 -45.05 -15.56 4.07
N SER A 332 -45.21 -14.58 4.96
CA SER A 332 -45.36 -13.19 4.54
C SER A 332 -44.22 -12.37 5.12
N THR A 333 -44.11 -11.14 4.60
CA THR A 333 -43.02 -10.24 4.94
C THR A 333 -43.64 -8.83 4.88
N GLN A 334 -42.93 -7.84 5.45
CA GLN A 334 -43.43 -6.45 5.47
C GLN A 334 -42.40 -5.44 5.95
N GLU A 335 -42.10 -4.48 5.08
CA GLU A 335 -41.36 -3.29 5.48
C GLU A 335 -42.33 -2.35 6.18
N LYS A 336 -41.88 -1.73 7.27
CA LYS A 336 -42.69 -0.75 7.95
C LYS A 336 -41.86 0.49 8.25
N GLU A 337 -42.55 1.62 8.34
CA GLU A 337 -41.95 2.94 8.49
C GLU A 337 -42.82 3.76 9.44
N LEU A 338 -42.21 4.78 10.03
CA LEU A 338 -42.88 5.60 11.02
C LEU A 338 -44.02 6.40 10.36
N VAL A 339 -45.02 6.76 11.18
CA VAL A 339 -46.22 7.44 10.66
C VAL A 339 -45.89 8.81 10.10
N GLN A 340 -44.89 9.48 10.64
CA GLN A 340 -44.29 10.66 10.06
C GLN A 340 -42.94 10.28 9.49
N PRO A 341 -42.38 11.10 8.60
CA PRO A 341 -40.96 10.93 8.27
C PRO A 341 -40.10 11.16 9.51
N PHE A 342 -38.95 10.47 9.54
CA PHE A 342 -38.10 10.43 10.72
C PHE A 342 -37.53 11.82 11.01
N SER A 343 -37.04 12.51 9.98
CA SER A 343 -36.48 13.85 10.12
C SER A 343 -37.47 14.86 10.69
N SER A 344 -38.77 14.65 10.44
CA SER A 344 -39.80 15.56 10.93
C SER A 344 -40.30 15.18 12.31
N LEU A 345 -40.45 13.87 12.58
CA LEU A 345 -40.79 13.42 13.93
C LEU A 345 -39.68 13.68 14.93
N PHE A 346 -38.42 13.66 14.49
CA PHE A 346 -37.27 13.91 15.36
C PHE A 346 -36.39 14.94 14.68
N PRO A 347 -36.77 16.22 14.76
CA PRO A 347 -35.93 17.27 14.17
C PRO A 347 -34.60 17.40 14.88
N LYS A 348 -33.61 17.87 14.11
CA LYS A 348 -32.20 18.08 14.50
C LYS A 348 -31.52 16.83 15.08
N VAL A 349 -32.05 15.64 14.82
CA VAL A 349 -31.43 14.37 15.18
C VAL A 349 -30.56 13.95 14.01
N GLU A 350 -29.26 13.85 14.24
CA GLU A 350 -28.33 13.60 13.14
C GLU A 350 -27.78 12.18 13.12
N TYR A 351 -27.46 11.60 14.27
CA TYR A 351 -26.87 10.28 14.32
C TYR A 351 -27.66 9.35 15.24
N ILE A 352 -27.84 8.11 14.77
CA ILE A 352 -28.32 7.03 15.61
C ILE A 352 -27.06 6.37 16.16
N ALA A 353 -26.68 6.76 17.38
CA ALA A 353 -25.53 6.16 18.04
C ALA A 353 -25.69 4.65 18.20
N ARG A 354 -26.75 4.25 18.88
CA ARG A 354 -27.11 2.87 19.22
C ARG A 354 -28.61 2.70 19.12
N ALA A 355 -29.02 1.43 19.13
CA ALA A 355 -30.42 1.05 19.13
C ALA A 355 -30.48 -0.41 19.52
N GLY A 356 -31.68 -0.84 19.86
CA GLY A 356 -31.94 -2.23 20.19
C GLY A 356 -33.38 -2.37 20.63
N TRP A 357 -33.64 -3.31 21.52
CA TRP A 357 -34.99 -3.53 22.00
C TRP A 357 -34.97 -3.78 23.49
N THR A 358 -36.09 -3.50 24.14
CA THR A 358 -36.28 -3.96 25.50
C THR A 358 -36.46 -5.48 25.49
N ARG A 359 -36.14 -6.11 26.63
CA ARG A 359 -36.05 -7.57 26.68
C ARG A 359 -37.41 -8.23 26.48
N ASP A 360 -38.47 -7.60 26.97
CA ASP A 360 -39.82 -8.08 26.71
C ASP A 360 -40.24 -7.92 25.26
N GLY A 361 -39.59 -7.02 24.51
CA GLY A 361 -39.90 -6.81 23.12
C GLY A 361 -40.89 -5.69 22.89
N LYS A 362 -41.41 -5.08 23.95
CA LYS A 362 -42.51 -4.14 23.84
C LYS A 362 -42.09 -2.83 23.20
N TYR A 363 -40.81 -2.46 23.26
CA TYR A 363 -40.35 -1.22 22.66
C TYR A 363 -39.00 -1.43 22.01
N ALA A 364 -38.76 -0.72 20.91
CA ALA A 364 -37.45 -0.67 20.29
C ALA A 364 -36.76 0.63 20.72
N TRP A 365 -35.68 0.52 21.45
CA TRP A 365 -35.04 1.75 21.92
C TRP A 365 -33.97 2.19 20.93
N ALA A 366 -33.59 3.46 21.02
CA ALA A 366 -32.54 4.03 20.17
C ALA A 366 -32.00 5.27 20.85
N MET A 367 -30.69 5.39 20.90
CA MET A 367 -30.01 6.60 21.34
C MET A 367 -29.76 7.49 20.13
N PHE A 368 -30.39 8.66 20.11
CA PHE A 368 -30.16 9.65 19.08
C PHE A 368 -29.16 10.69 19.55
N LEU A 369 -28.65 11.46 18.60
CA LEU A 369 -27.61 12.44 18.88
C LEU A 369 -27.66 13.53 17.83
N ASP A 370 -27.40 14.76 18.26
CA ASP A 370 -27.46 15.94 17.42
C ASP A 370 -26.12 16.12 16.70
N ARG A 371 -26.14 16.95 15.65
CA ARG A 371 -24.92 17.22 14.89
C ARG A 371 -23.80 17.88 15.70
N PRO A 372 -24.02 18.85 16.60
CA PRO A 372 -22.93 19.24 17.51
C PRO A 372 -22.53 18.16 18.52
N GLN A 373 -23.36 17.11 18.70
CA GLN A 373 -23.14 16.00 19.62
C GLN A 373 -23.04 16.49 21.06
N GLN A 374 -24.09 17.19 21.49
CA GLN A 374 -24.22 17.71 22.83
C GLN A 374 -25.63 17.49 23.37
N TRP A 375 -26.47 16.77 22.62
CA TRP A 375 -27.90 16.77 22.86
C TRP A 375 -28.43 15.34 22.67
N LEU A 376 -27.77 14.37 23.31
CA LEU A 376 -28.19 12.97 23.16
C LEU A 376 -29.54 12.74 23.80
N GLN A 377 -30.38 11.93 23.15
CA GLN A 377 -31.58 11.51 23.86
C GLN A 377 -32.04 10.12 23.47
N LEU A 378 -32.42 9.37 24.48
CA LEU A 378 -32.84 8.00 24.28
C LEU A 378 -34.34 8.03 23.95
N VAL A 379 -34.79 7.20 23.00
CA VAL A 379 -36.20 7.17 22.62
C VAL A 379 -36.62 5.72 22.48
N LEU A 380 -37.85 5.40 22.90
CA LEU A 380 -38.48 4.11 22.68
C LEU A 380 -39.54 4.24 21.60
N LEU A 381 -39.48 3.34 20.62
CA LEU A 381 -40.40 3.26 19.48
C LEU A 381 -41.18 1.96 19.55
N PRO A 382 -42.41 1.99 20.05
CA PRO A 382 -43.23 0.77 20.09
C PRO A 382 -43.62 0.34 18.68
N PRO A 383 -43.52 -0.96 18.37
CA PRO A 383 -43.78 -1.48 17.01
C PRO A 383 -45.09 -1.07 16.33
N ALA A 384 -46.14 -0.77 17.09
CA ALA A 384 -47.37 -0.28 16.47
C ALA A 384 -47.25 1.14 15.91
N LEU A 385 -46.29 1.94 16.37
CA LEU A 385 -45.98 3.23 15.76
C LEU A 385 -45.53 3.13 14.32
N PHE A 386 -45.02 1.99 13.88
CA PHE A 386 -44.59 1.80 12.49
C PHE A 386 -45.72 1.16 11.69
N ILE A 387 -46.30 1.96 10.80
CA ILE A 387 -47.28 1.49 9.81
C ILE A 387 -46.50 0.82 8.69
N PRO A 388 -47.14 -0.01 7.85
CA PRO A 388 -46.49 -0.46 6.61
C PRO A 388 -46.06 0.65 5.67
N SER A 389 -45.22 0.27 4.72
CA SER A 389 -44.61 1.20 3.78
C SER A 389 -45.06 0.84 2.38
N THR A 390 -45.81 1.74 1.76
CA THR A 390 -46.29 1.59 0.39
C THR A 390 -46.25 2.93 -0.30
N GLU A 391 -46.15 2.88 -1.63
CA GLU A 391 -46.23 4.09 -2.43
C GLU A 391 -47.65 4.62 -2.51
N ASN A 392 -48.65 3.79 -2.23
CA ASN A 392 -50.04 4.21 -2.28
C ASN A 392 -50.32 5.06 -1.06
N GLU A 393 -50.46 6.38 -1.27
CA GLU A 393 -50.67 7.34 -0.20
C GLU A 393 -52.04 7.21 0.45
N GLU A 394 -52.96 6.45 -0.15
CA GLU A 394 -54.23 6.24 0.51
C GLU A 394 -54.17 5.04 1.42
N GLN A 395 -53.49 3.95 1.01
CA GLN A 395 -53.12 2.89 1.95
C GLN A 395 -52.32 3.45 3.13
N ARG A 396 -51.46 4.45 2.85
CA ARG A 396 -50.68 5.07 3.91
C ARG A 396 -51.61 5.75 4.90
N LEU A 397 -52.56 6.56 4.39
CA LEU A 397 -53.55 7.21 5.26
C LEU A 397 -54.37 6.16 6.02
N ALA A 398 -54.73 5.08 5.33
CA ALA A 398 -55.51 3.97 5.88
C ALA A 398 -54.85 3.40 7.14
N SER A 399 -53.57 3.08 7.06
CA SER A 399 -52.91 2.56 8.26
C SER A 399 -52.46 3.65 9.22
N ALA A 400 -52.37 4.90 8.77
CA ALA A 400 -52.24 6.02 9.69
C ALA A 400 -53.51 6.18 10.53
N ARG A 401 -54.68 5.93 9.93
CA ARG A 401 -55.91 5.84 10.71
C ARG A 401 -55.88 4.62 11.62
N ALA A 402 -55.36 3.50 11.12
CA ALA A 402 -55.34 2.24 11.88
C ALA A 402 -54.46 2.29 13.13
N VAL A 403 -53.42 3.12 13.14
CA VAL A 403 -52.56 3.15 14.34
C VAL A 403 -53.31 3.84 15.48
N PRO A 404 -53.32 3.27 16.68
CA PRO A 404 -54.05 3.89 17.80
C PRO A 404 -53.47 5.23 18.23
N ARG A 405 -54.31 5.99 18.93
CA ARG A 405 -53.94 7.32 19.38
C ARG A 405 -53.00 7.30 20.59
N ASN A 406 -53.09 6.26 21.43
CA ASN A 406 -52.31 6.22 22.66
C ASN A 406 -50.81 6.02 22.39
N VAL A 407 -50.46 5.14 21.45
CA VAL A 407 -49.06 4.82 21.17
C VAL A 407 -48.32 6.04 20.61
N GLN A 408 -47.09 6.21 21.07
CA GLN A 408 -46.24 7.33 20.69
C GLN A 408 -44.82 6.97 21.07
N PRO A 409 -43.81 7.75 20.63
CA PRO A 409 -42.49 7.56 21.22
C PRO A 409 -42.32 8.35 22.52
N TYR A 410 -41.73 7.69 23.51
CA TYR A 410 -41.52 8.30 24.82
C TYR A 410 -40.03 8.63 24.99
N VAL A 411 -39.69 9.91 24.92
CA VAL A 411 -38.33 10.34 25.25
C VAL A 411 -38.10 10.26 26.76
N VAL A 412 -37.40 9.22 27.21
CA VAL A 412 -37.27 8.99 28.65
C VAL A 412 -36.13 9.83 29.21
N TYR A 413 -35.03 9.96 28.47
CA TYR A 413 -33.82 10.58 29.00
C TYR A 413 -33.27 11.49 27.92
N GLU A 414 -32.74 12.62 28.37
CA GLU A 414 -32.24 13.69 27.52
C GLU A 414 -30.96 14.23 28.15
N GLU A 415 -29.81 13.76 27.67
CA GLU A 415 -28.53 14.28 28.12
C GLU A 415 -28.15 15.49 27.27
N VAL A 416 -28.01 16.65 27.91
CA VAL A 416 -27.64 17.90 27.25
C VAL A 416 -26.42 18.45 27.97
N THR A 417 -25.43 18.91 27.20
CA THR A 417 -24.19 19.37 27.80
C THR A 417 -23.60 20.52 27.02
N ASN A 418 -22.69 21.24 27.67
CA ASN A 418 -21.97 22.34 27.06
C ASN A 418 -20.60 21.94 26.54
N VAL A 419 -20.19 20.68 26.71
CA VAL A 419 -18.87 20.29 26.23
C VAL A 419 -19.02 19.45 24.97
N TRP A 420 -19.45 18.19 25.14
CA TRP A 420 -19.90 17.26 24.10
C TRP A 420 -20.38 16.01 24.81
N ILE A 421 -21.29 15.27 24.19
CA ILE A 421 -21.73 14.00 24.74
C ILE A 421 -20.76 12.92 24.29
N ASN A 422 -20.14 12.25 25.25
CA ASN A 422 -19.46 11.01 24.97
C ASN A 422 -20.50 9.91 25.01
N VAL A 423 -20.63 9.17 23.91
CA VAL A 423 -21.74 8.24 23.78
C VAL A 423 -21.44 6.99 24.60
N HIS A 424 -22.22 6.76 25.65
CA HIS A 424 -22.07 5.60 26.51
C HIS A 424 -23.20 4.61 26.20
N ASP A 425 -22.84 3.43 25.70
CA ASP A 425 -23.85 2.44 25.35
C ASP A 425 -24.24 1.54 26.51
N ILE A 426 -24.63 2.13 27.64
CA ILE A 426 -25.03 1.41 28.83
C ILE A 426 -26.50 1.70 29.08
N PHE A 427 -27.38 0.74 28.76
CA PHE A 427 -28.78 0.97 29.08
C PHE A 427 -29.43 -0.07 29.99
N TYR A 428 -29.63 -1.30 29.49
CA TYR A 428 -30.35 -2.39 30.16
C TYR A 428 -31.66 -1.96 30.81
N PRO A 429 -32.81 -2.23 30.20
CA PRO A 429 -34.09 -1.89 30.84
C PRO A 429 -34.65 -3.02 31.69
N PHE A 430 -35.47 -2.63 32.66
CA PHE A 430 -35.99 -3.70 33.48
C PHE A 430 -37.40 -4.07 33.02
N PRO A 431 -37.78 -5.34 33.17
CA PRO A 431 -39.17 -5.73 32.90
C PRO A 431 -40.14 -5.03 33.84
N GLN A 432 -41.33 -4.73 33.30
CA GLN A 432 -42.34 -3.96 34.00
C GLN A 432 -43.67 -4.72 33.97
N SER A 433 -43.64 -5.99 34.40
CA SER A 433 -44.78 -6.89 34.25
C SER A 433 -45.99 -6.45 35.08
N GLU A 434 -45.77 -5.65 36.12
CA GLU A 434 -46.87 -4.99 36.81
C GLU A 434 -46.89 -3.52 36.45
N GLY A 435 -48.11 -2.98 36.24
CA GLY A 435 -48.27 -1.57 35.92
C GLY A 435 -47.66 -1.15 34.61
N GLU A 436 -48.30 -1.47 33.47
CA GLU A 436 -47.67 -1.33 32.16
C GLU A 436 -47.46 0.11 31.71
N ASP A 437 -46.62 0.81 32.47
CA ASP A 437 -46.02 2.10 32.25
C ASP A 437 -44.83 2.13 33.19
N GLU A 438 -44.29 3.34 33.48
CA GLU A 438 -43.28 3.54 34.53
C GLU A 438 -42.01 2.73 34.21
N LEU A 439 -41.31 3.21 33.19
CA LEU A 439 -40.12 2.50 32.74
C LEU A 439 -38.94 2.73 33.68
N CYS A 440 -38.29 1.64 34.07
CA CYS A 440 -37.14 1.66 34.94
C CYS A 440 -35.93 1.19 34.13
N PHE A 441 -34.89 2.00 34.10
CA PHE A 441 -33.68 1.66 33.36
C PHE A 441 -32.45 2.10 34.14
N LEU A 442 -31.29 1.64 33.67
CA LEU A 442 -30.00 2.10 34.13
C LEU A 442 -29.40 3.00 33.05
N ARG A 443 -28.62 4.00 33.47
CA ARG A 443 -28.10 4.89 32.44
C ARG A 443 -26.81 5.54 32.93
N ALA A 444 -25.77 5.44 32.09
CA ALA A 444 -24.51 6.11 32.33
C ALA A 444 -24.68 7.60 31.99
N ASN A 445 -24.22 8.49 32.88
CA ASN A 445 -24.39 9.92 32.62
C ASN A 445 -23.11 10.64 33.05
N GLU A 446 -22.32 11.05 32.06
CA GLU A 446 -21.12 11.82 32.32
C GLU A 446 -21.36 13.33 32.38
N CYS A 447 -22.35 13.82 31.62
CA CYS A 447 -22.62 15.26 31.56
C CYS A 447 -23.15 15.84 32.87
N LYS A 448 -23.85 15.04 33.67
CA LYS A 448 -24.39 15.51 34.95
C LYS A 448 -23.35 16.02 35.94
N THR A 449 -22.50 15.12 36.42
CA THR A 449 -21.50 15.48 37.41
C THR A 449 -20.12 15.75 36.82
N GLY A 450 -19.90 15.43 35.55
CA GLY A 450 -18.61 15.50 34.94
C GLY A 450 -17.93 14.17 34.74
N PHE A 451 -18.41 13.14 35.43
CA PHE A 451 -17.82 11.80 35.38
C PHE A 451 -18.90 10.79 35.04
N CYS A 452 -18.52 9.79 34.24
CA CYS A 452 -19.44 8.71 33.84
C CYS A 452 -19.81 7.86 35.05
N HIS A 453 -21.05 7.97 35.51
CA HIS A 453 -21.56 7.22 36.64
C HIS A 453 -22.87 6.56 36.28
N LEU A 454 -23.11 5.37 36.86
CA LEU A 454 -24.39 4.73 36.62
C LEU A 454 -25.49 5.39 37.44
N TYR A 455 -26.70 5.31 36.91
CA TYR A 455 -27.86 5.78 37.63
C TYR A 455 -28.96 4.77 37.38
N LYS A 456 -29.86 4.64 38.33
CA LYS A 456 -31.15 4.01 38.09
C LYS A 456 -32.14 5.15 37.91
N VAL A 457 -32.83 5.15 36.78
CA VAL A 457 -33.77 6.21 36.44
C VAL A 457 -35.11 5.55 36.16
N THR A 458 -36.15 6.06 36.81
CA THR A 458 -37.52 5.62 36.59
C THR A 458 -38.27 6.81 36.03
N ALA A 459 -38.64 6.72 34.76
CA ALA A 459 -39.50 7.68 34.09
C ALA A 459 -40.91 7.12 33.99
N VAL A 460 -41.86 7.99 33.68
CA VAL A 460 -43.26 7.59 33.58
C VAL A 460 -43.74 7.84 32.15
N LEU A 461 -44.32 6.80 31.55
CA LEU A 461 -44.78 6.84 30.17
C LEU A 461 -46.24 7.26 30.17
N LYS A 462 -46.47 8.57 30.11
CA LYS A 462 -47.82 9.11 30.01
C LYS A 462 -48.09 9.50 28.56
N SER A 463 -49.13 8.89 27.99
CA SER A 463 -49.46 9.12 26.60
C SER A 463 -50.29 10.39 26.45
N GLN A 464 -49.90 11.24 25.52
CA GLN A 464 -50.63 12.50 25.32
C GLN A 464 -51.78 12.33 24.32
N GLY A 465 -51.68 11.35 23.42
CA GLY A 465 -52.74 11.11 22.47
C GLY A 465 -52.54 11.88 21.18
N TYR A 466 -52.17 11.19 20.11
CA TYR A 466 -51.86 11.83 18.84
C TYR A 466 -52.63 11.19 17.71
N ASP A 467 -53.20 12.02 16.84
CA ASP A 467 -53.79 11.55 15.59
C ASP A 467 -52.65 11.52 14.57
N TRP A 468 -52.18 10.33 14.25
CA TRP A 468 -50.95 10.21 13.48
C TRP A 468 -51.16 10.39 11.97
N SER A 469 -52.41 10.53 11.52
CA SER A 469 -52.66 10.81 10.11
C SER A 469 -52.32 12.24 9.73
N GLU A 470 -52.66 13.22 10.57
CA GLU A 470 -52.37 14.62 10.30
C GLU A 470 -50.88 14.88 10.47
N PRO A 471 -50.19 15.40 9.45
CA PRO A 471 -48.78 15.77 9.64
C PRO A 471 -48.65 17.01 10.51
N PHE A 472 -47.58 17.05 11.31
CA PHE A 472 -47.40 18.14 12.24
C PHE A 472 -45.92 18.27 12.59
N SER A 473 -45.58 19.42 13.17
CA SER A 473 -44.23 19.65 13.65
C SER A 473 -44.21 19.45 15.16
N PRO A 474 -43.45 18.48 15.66
CA PRO A 474 -43.27 18.35 17.10
C PRO A 474 -42.57 19.55 17.73
N GLY A 475 -42.89 19.79 18.99
CA GLY A 475 -42.24 20.82 19.76
C GLY A 475 -40.85 20.37 20.21
N GLU A 476 -40.22 21.24 21.02
CA GLU A 476 -38.85 20.98 21.45
C GLU A 476 -38.76 19.81 22.42
N ASP A 477 -39.70 19.70 23.35
CA ASP A 477 -39.64 18.67 24.39
C ASP A 477 -41.02 18.04 24.62
N GLU A 478 -41.79 17.85 23.56
CA GLU A 478 -43.15 17.35 23.71
C GLU A 478 -43.23 15.84 23.90
N PHE A 479 -42.22 15.10 23.48
CA PHE A 479 -42.16 13.66 23.78
C PHE A 479 -41.40 13.38 25.07
N LYS A 480 -40.90 14.41 25.75
CA LYS A 480 -40.08 14.24 26.93
C LYS A 480 -40.93 13.80 28.13
N CYS A 481 -40.64 12.62 28.66
CA CYS A 481 -41.32 12.15 29.85
C CYS A 481 -40.80 12.87 31.09
N PRO A 482 -41.66 13.12 32.07
CA PRO A 482 -41.17 13.53 33.38
C PRO A 482 -40.63 12.33 34.14
N ILE A 483 -39.61 12.58 34.95
CA ILE A 483 -38.92 11.50 35.64
C ILE A 483 -39.48 11.34 37.05
N LYS A 484 -39.81 10.09 37.41
CA LYS A 484 -40.15 9.79 38.80
C LYS A 484 -38.94 9.90 39.70
N GLU A 485 -37.85 9.18 39.40
CA GLU A 485 -36.67 9.33 40.25
C GLU A 485 -35.42 9.02 39.44
N GLU A 486 -34.29 9.53 39.93
CA GLU A 486 -32.98 9.38 39.30
C GLU A 486 -31.90 9.14 40.37
N ILE A 487 -31.98 7.99 41.05
CA ILE A 487 -30.97 7.61 42.03
C ILE A 487 -29.62 7.35 41.36
N ALA A 488 -28.55 7.86 41.97
CA ALA A 488 -27.19 7.67 41.48
C ALA A 488 -26.54 6.50 42.20
N LEU A 489 -26.16 5.47 41.45
CA LEU A 489 -25.60 4.30 42.11
C LEU A 489 -24.13 4.47 42.46
N THR A 490 -23.39 5.27 41.69
CA THR A 490 -22.00 5.58 41.97
C THR A 490 -21.81 7.09 41.87
N SER A 491 -20.82 7.58 42.60
CA SER A 491 -20.49 8.99 42.60
C SER A 491 -19.06 9.17 43.10
N GLY A 492 -18.40 10.20 42.62
CA GLY A 492 -17.04 10.46 43.03
C GLY A 492 -16.26 11.15 41.92
N GLU A 493 -14.94 11.16 42.09
CA GLU A 493 -14.00 11.76 41.15
C GLU A 493 -13.39 10.72 40.22
N TRP A 494 -14.21 9.76 39.81
CA TRP A 494 -13.77 8.63 39.00
C TRP A 494 -14.91 8.30 38.05
N GLU A 495 -14.65 7.44 37.07
CA GLU A 495 -15.70 7.17 36.09
C GLU A 495 -15.81 5.68 35.82
N VAL A 496 -16.98 5.32 35.31
CA VAL A 496 -17.34 3.95 34.97
C VAL A 496 -17.01 3.69 33.51
N LEU A 497 -16.35 2.57 33.23
CA LEU A 497 -16.02 2.24 31.85
C LEU A 497 -17.30 1.86 31.12
N ALA A 498 -17.59 2.59 30.08
CA ALA A 498 -18.81 2.37 29.32
C ALA A 498 -18.55 2.12 27.85
N ARG A 499 -17.61 2.85 27.25
CA ARG A 499 -17.31 2.71 25.83
C ARG A 499 -16.35 1.54 25.59
N HIS A 500 -15.95 1.43 24.31
CA HIS A 500 -14.87 0.56 23.83
C HIS A 500 -15.16 -0.92 24.10
N GLY A 501 -16.42 -1.30 23.97
CA GLY A 501 -16.84 -2.66 24.21
C GLY A 501 -16.84 -3.10 25.64
N SER A 502 -16.65 -2.18 26.59
CA SER A 502 -16.96 -2.48 27.97
C SER A 502 -18.47 -2.39 28.18
N LYS A 503 -18.94 -3.03 29.25
CA LYS A 503 -20.38 -3.17 29.45
C LYS A 503 -20.65 -3.46 30.91
N ILE A 504 -21.92 -3.36 31.28
CA ILE A 504 -22.36 -3.72 32.62
C ILE A 504 -23.10 -5.05 32.54
N TRP A 505 -23.10 -5.75 33.67
CA TRP A 505 -23.74 -7.04 33.81
C TRP A 505 -24.71 -6.97 34.98
N VAL A 506 -26.00 -7.14 34.72
CA VAL A 506 -27.03 -6.88 35.71
C VAL A 506 -27.66 -8.22 36.11
N ASN A 507 -27.27 -8.73 37.27
CA ASN A 507 -27.95 -9.87 37.87
C ASN A 507 -29.25 -9.35 38.50
N GLU A 508 -30.38 -9.79 37.95
CA GLU A 508 -31.67 -9.31 38.42
C GLU A 508 -32.25 -10.11 39.56
N GLU A 509 -31.84 -11.36 39.77
CA GLU A 509 -32.36 -12.08 40.92
C GLU A 509 -31.63 -11.74 42.21
N THR A 510 -30.32 -11.48 42.17
CA THR A 510 -29.64 -10.95 43.34
C THR A 510 -29.70 -9.43 43.39
N LYS A 511 -30.18 -8.79 42.32
CA LYS A 511 -30.36 -7.34 42.20
C LYS A 511 -29.06 -6.57 42.39
N LEU A 512 -28.09 -6.93 41.55
CA LEU A 512 -26.76 -6.33 41.55
C LEU A 512 -26.37 -5.94 40.13
N VAL A 513 -25.55 -4.90 40.03
CA VAL A 513 -24.98 -4.47 38.76
C VAL A 513 -23.46 -4.46 38.88
N TYR A 514 -22.82 -5.28 38.04
CA TYR A 514 -21.38 -5.42 37.94
C TYR A 514 -20.92 -4.48 36.82
N PHE A 515 -20.00 -3.59 37.12
CA PHE A 515 -19.48 -2.67 36.14
C PHE A 515 -17.97 -2.63 36.25
N GLN A 516 -17.32 -1.97 35.30
CA GLN A 516 -15.90 -1.72 35.42
C GLN A 516 -15.68 -0.25 35.66
N GLY A 517 -14.58 0.09 36.34
CA GLY A 517 -14.36 1.50 36.63
C GLY A 517 -12.92 1.77 37.03
N THR A 518 -12.66 3.05 37.24
CA THR A 518 -11.37 3.57 37.67
C THR A 518 -11.45 4.19 39.06
N LYS A 519 -12.19 3.54 39.96
CA LYS A 519 -12.46 4.12 41.27
C LYS A 519 -11.20 4.16 42.14
N ASP A 520 -10.38 3.12 42.10
CA ASP A 520 -9.15 3.11 42.88
C ASP A 520 -8.14 4.12 42.37
N THR A 521 -7.96 4.19 41.05
CA THR A 521 -6.97 5.04 40.41
C THR A 521 -7.31 5.14 38.94
N PRO A 522 -7.00 6.26 38.28
CA PRO A 522 -7.25 6.37 36.83
C PRO A 522 -6.40 5.44 35.98
N LEU A 523 -5.31 4.89 36.52
CA LEU A 523 -4.40 4.05 35.75
C LEU A 523 -4.84 2.60 35.67
N GLU A 524 -5.97 2.23 36.28
CA GLU A 524 -6.35 0.83 36.39
C GLU A 524 -7.84 0.69 36.13
N HIS A 525 -8.19 -0.42 35.51
CA HIS A 525 -9.58 -0.77 35.23
C HIS A 525 -9.94 -1.97 36.11
N HIS A 526 -10.80 -1.74 37.09
CA HIS A 526 -11.19 -2.77 38.03
C HIS A 526 -12.67 -3.11 37.90
N LEU A 527 -12.99 -4.38 38.13
CA LEU A 527 -14.37 -4.84 38.18
C LEU A 527 -14.96 -4.49 39.54
N TYR A 528 -16.03 -3.72 39.56
CA TYR A 528 -16.76 -3.37 40.76
C TYR A 528 -18.18 -3.95 40.69
N VAL A 529 -18.79 -4.11 41.86
CA VAL A 529 -20.19 -4.47 41.95
C VAL A 529 -20.88 -3.54 42.94
N VAL A 530 -22.16 -3.23 42.67
CA VAL A 530 -22.96 -2.40 43.56
C VAL A 530 -24.40 -2.88 43.41
N SER A 531 -25.23 -2.60 44.40
CA SER A 531 -26.67 -2.84 44.31
C SER A 531 -27.37 -1.65 43.67
N TYR A 532 -28.35 -1.91 42.81
CA TYR A 532 -29.13 -0.82 42.24
C TYR A 532 -30.35 -0.44 43.08
N GLU A 533 -30.78 -1.28 44.02
CA GLU A 533 -31.80 -0.84 44.99
C GLU A 533 -31.17 0.05 46.06
N ALA A 534 -30.18 -0.48 46.77
CA ALA A 534 -29.52 0.24 47.85
C ALA A 534 -28.12 0.58 47.37
N ALA A 535 -27.92 1.82 46.93
CA ALA A 535 -26.61 2.29 46.49
C ALA A 535 -25.75 2.53 47.73
N GLY A 536 -25.13 1.46 48.20
CA GLY A 536 -24.24 1.53 49.34
C GLY A 536 -22.79 1.48 48.92
N GLU A 537 -22.03 0.56 49.49
CA GLU A 537 -20.61 0.49 49.19
C GLU A 537 -20.40 -0.23 47.87
N ILE A 538 -19.37 0.20 47.16
CA ILE A 538 -18.99 -0.35 45.87
C ILE A 538 -17.84 -1.32 46.10
N VAL A 539 -18.06 -2.61 45.85
CA VAL A 539 -17.09 -3.65 46.18
C VAL A 539 -16.27 -3.99 44.96
N ARG A 540 -14.95 -3.86 45.07
CA ARG A 540 -14.05 -4.28 44.01
C ARG A 540 -13.84 -5.79 44.06
N LEU A 541 -13.84 -6.43 42.90
CA LEU A 541 -13.68 -7.87 42.78
C LEU A 541 -12.33 -8.25 42.17
N THR A 542 -11.63 -7.34 41.54
CA THR A 542 -10.34 -7.66 40.95
C THR A 542 -9.20 -7.27 41.90
N THR A 543 -8.08 -7.95 41.73
CA THR A 543 -6.90 -7.67 42.55
C THR A 543 -6.32 -6.31 42.17
N PRO A 544 -5.92 -5.50 43.14
CA PRO A 544 -5.32 -4.20 42.83
C PRO A 544 -3.88 -4.37 42.34
N GLY A 545 -3.33 -3.27 41.84
CA GLY A 545 -2.00 -3.30 41.26
C GLY A 545 -1.96 -3.77 39.83
N PHE A 546 -3.11 -4.01 39.21
CA PHE A 546 -3.20 -4.42 37.82
C PHE A 546 -4.36 -3.68 37.16
N SER A 547 -4.45 -3.80 35.85
CA SER A 547 -5.60 -3.35 35.09
C SER A 547 -6.22 -4.55 34.39
N HIS A 548 -7.56 -4.59 34.41
CA HIS A 548 -8.33 -5.80 34.16
C HIS A 548 -9.36 -5.54 33.07
N SER A 549 -9.49 -6.51 32.17
CA SER A 549 -10.58 -6.55 31.21
C SER A 549 -11.42 -7.76 31.60
N CYS A 550 -12.66 -7.54 32.00
CA CYS A 550 -13.41 -8.59 32.65
C CYS A 550 -14.64 -8.97 31.83
N SER A 551 -15.21 -10.13 32.19
CA SER A 551 -16.41 -10.62 31.52
C SER A 551 -17.07 -11.65 32.42
N MET A 552 -18.33 -11.39 32.77
CA MET A 552 -19.10 -12.18 33.74
C MET A 552 -19.78 -13.36 33.07
N SER A 553 -20.13 -14.34 33.87
CA SER A 553 -21.09 -15.35 33.43
C SER A 553 -22.47 -14.73 33.31
N GLN A 554 -23.29 -15.33 32.44
CA GLN A 554 -24.70 -14.97 32.39
C GLN A 554 -25.44 -15.41 33.64
N ASN A 555 -24.92 -16.39 34.36
CA ASN A 555 -25.46 -16.80 35.66
C ASN A 555 -24.72 -16.20 36.84
N PHE A 556 -23.71 -15.36 36.58
CA PHE A 556 -23.09 -14.46 37.55
C PHE A 556 -22.39 -15.19 38.72
N ASP A 557 -21.89 -16.39 38.48
CA ASP A 557 -21.17 -17.11 39.52
C ASP A 557 -19.66 -17.10 39.33
N MET A 558 -19.18 -16.79 38.13
CA MET A 558 -17.75 -16.68 37.86
C MET A 558 -17.51 -15.77 36.66
N PHE A 559 -16.36 -15.11 36.69
CA PHE A 559 -15.96 -14.25 35.60
C PHE A 559 -14.54 -14.56 35.15
N VAL A 560 -14.20 -14.01 33.99
CA VAL A 560 -12.83 -14.02 33.49
C VAL A 560 -12.31 -12.61 33.70
N SER A 561 -11.01 -12.49 33.96
CA SER A 561 -10.29 -11.23 33.83
C SER A 561 -8.96 -11.42 33.11
N HIS A 562 -8.81 -10.73 31.99
CA HIS A 562 -7.55 -10.64 31.25
C HIS A 562 -6.85 -9.42 31.81
N TYR A 563 -5.81 -9.62 32.60
CA TYR A 563 -5.22 -8.47 33.28
C TYR A 563 -3.71 -8.43 33.16
N SER A 564 -3.18 -7.25 33.48
CA SER A 564 -1.75 -6.99 33.35
C SER A 564 -1.37 -5.79 34.19
N SER A 565 -0.10 -5.73 34.55
CA SER A 565 0.49 -4.55 35.15
C SER A 565 1.54 -4.03 34.18
N VAL A 566 2.19 -2.93 34.57
CA VAL A 566 3.29 -2.41 33.77
C VAL A 566 4.45 -3.40 33.76
N SER A 567 4.70 -4.05 34.89
CA SER A 567 5.78 -5.03 34.96
C SER A 567 5.31 -6.40 34.48
N THR A 568 4.18 -6.88 34.99
CA THR A 568 3.74 -8.21 34.60
C THR A 568 3.04 -8.16 33.24
N PRO A 569 3.40 -9.06 32.33
CA PRO A 569 2.69 -9.15 31.03
C PRO A 569 1.27 -9.66 31.20
N PRO A 570 0.41 -9.62 30.17
CA PRO A 570 -0.98 -10.03 30.37
C PRO A 570 -1.17 -11.51 30.57
N CYS A 571 -1.99 -11.82 31.57
CA CYS A 571 -2.47 -13.12 31.98
C CYS A 571 -3.99 -13.10 31.82
N VAL A 572 -4.61 -14.26 31.84
CA VAL A 572 -6.07 -14.39 31.77
C VAL A 572 -6.50 -15.41 32.81
N HIS A 573 -7.01 -14.91 33.94
CA HIS A 573 -7.39 -15.72 35.08
C HIS A 573 -8.91 -15.82 35.19
N VAL A 574 -9.37 -16.95 35.70
CA VAL A 574 -10.79 -17.23 35.89
C VAL A 574 -11.09 -17.17 37.38
N TYR A 575 -11.88 -16.20 37.79
CA TYR A 575 -12.22 -16.05 39.20
C TYR A 575 -13.64 -16.53 39.41
N LYS A 576 -13.98 -16.83 40.67
CA LYS A 576 -15.26 -17.42 41.04
C LYS A 576 -15.82 -16.69 42.25
N LEU A 577 -16.97 -16.05 42.06
CA LEU A 577 -17.67 -15.43 43.17
C LEU A 577 -18.24 -16.50 44.09
N SER A 578 -17.92 -16.43 45.38
CA SER A 578 -18.24 -17.54 46.28
C SER A 578 -18.49 -16.98 47.67
N GLY A 579 -19.54 -17.49 48.31
CA GLY A 579 -19.88 -17.05 49.64
C GLY A 579 -21.31 -17.39 50.01
N PRO A 580 -21.76 -16.92 51.17
CA PRO A 580 -23.19 -17.01 51.53
C PRO A 580 -24.07 -16.31 50.51
N ASP A 581 -25.16 -16.98 50.12
CA ASP A 581 -26.10 -16.45 49.16
C ASP A 581 -27.01 -15.37 49.73
N ASP A 582 -27.14 -15.26 51.05
CA ASP A 582 -28.00 -14.24 51.65
C ASP A 582 -27.44 -12.83 51.45
N ASP A 583 -26.13 -12.70 51.27
CA ASP A 583 -25.49 -11.41 51.02
C ASP A 583 -24.71 -11.56 49.71
N PRO A 584 -25.38 -11.38 48.56
CA PRO A 584 -24.69 -11.58 47.28
C PRO A 584 -23.73 -10.48 46.92
N LEU A 585 -23.87 -9.30 47.51
CA LEU A 585 -22.97 -8.19 47.20
C LEU A 585 -21.54 -8.50 47.65
N HIS A 586 -21.39 -9.20 48.77
CA HIS A 586 -20.09 -9.48 49.36
C HIS A 586 -19.58 -10.88 49.02
N LYS A 587 -20.02 -11.46 47.90
CA LYS A 587 -19.48 -12.73 47.45
C LYS A 587 -18.02 -12.57 47.10
N GLN A 588 -17.16 -13.32 47.79
CA GLN A 588 -15.73 -13.09 47.67
C GLN A 588 -15.22 -13.75 46.39
N PRO A 589 -14.60 -12.99 45.49
CA PRO A 589 -14.01 -13.61 44.30
C PRO A 589 -12.74 -14.37 44.63
N ARG A 590 -12.79 -15.69 44.56
CA ARG A 590 -11.62 -16.51 44.82
C ARG A 590 -11.15 -17.07 43.48
N PHE A 591 -9.82 -17.03 43.28
CA PHE A 591 -9.23 -17.52 42.04
C PHE A 591 -9.51 -19.01 41.85
N TRP A 592 -10.10 -19.35 40.70
CA TRP A 592 -10.47 -20.72 40.38
C TRP A 592 -9.45 -21.37 39.46
N ALA A 593 -9.18 -20.76 38.32
CA ALA A 593 -8.29 -21.36 37.34
C ALA A 593 -7.71 -20.26 36.46
N SER A 594 -6.67 -20.63 35.74
CA SER A 594 -5.88 -19.74 34.89
C SER A 594 -5.90 -20.23 33.45
N MET A 595 -5.97 -19.30 32.49
CA MET A 595 -6.02 -19.71 31.09
C MET A 595 -4.61 -19.63 30.52
N MET A 596 -3.97 -18.47 30.64
CA MET A 596 -2.65 -18.27 30.08
C MET A 596 -1.80 -17.69 31.19
N GLU A 597 -0.55 -18.12 31.26
CA GLU A 597 0.39 -17.41 32.11
C GLU A 597 0.90 -16.23 31.28
N ALA A 598 1.53 -15.26 31.96
CA ALA A 598 1.96 -14.02 31.31
C ALA A 598 3.04 -14.34 30.30
N ALA A 599 2.67 -14.29 29.02
CA ALA A 599 3.60 -14.50 27.91
C ALA A 599 4.62 -13.39 27.93
N SER A 600 5.83 -13.71 28.37
CA SER A 600 6.62 -12.75 29.09
C SER A 600 7.33 -11.74 28.19
N CYS A 601 7.89 -10.75 28.86
CA CYS A 601 8.65 -9.70 28.25
C CYS A 601 9.96 -10.25 27.69
N PRO A 602 10.58 -9.54 26.73
CA PRO A 602 11.93 -9.88 26.31
C PRO A 602 12.93 -9.65 27.43
N PRO A 603 14.12 -10.28 27.38
CA PRO A 603 15.16 -9.95 28.36
C PRO A 603 15.70 -8.54 28.22
N ASP A 604 15.49 -7.89 27.07
CA ASP A 604 15.86 -6.51 26.86
C ASP A 604 14.73 -5.57 27.31
N TYR A 605 13.72 -6.08 28.00
CA TYR A 605 12.62 -5.27 28.51
C TYR A 605 12.83 -4.99 29.99
N VAL A 606 12.99 -3.72 30.33
CA VAL A 606 12.75 -3.23 31.68
C VAL A 606 11.41 -2.52 31.66
N PRO A 607 10.56 -2.69 32.69
CA PRO A 607 9.30 -1.98 32.70
C PRO A 607 9.51 -0.49 32.85
N PRO A 608 8.65 0.32 32.26
CA PRO A 608 8.75 1.77 32.45
C PRO A 608 8.18 2.21 33.79
N GLU A 609 8.57 3.40 34.22
CA GLU A 609 8.13 3.95 35.48
C GLU A 609 7.01 4.95 35.26
N ILE A 610 5.90 4.77 35.98
CA ILE A 610 4.79 5.72 35.99
C ILE A 610 5.09 6.78 37.03
N PHE A 611 4.73 8.02 36.72
CA PHE A 611 4.82 9.13 37.63
C PHE A 611 3.59 10.00 37.47
N HIS A 612 3.46 10.99 38.33
CA HIS A 612 2.47 12.04 38.15
C HIS A 612 3.08 13.37 38.52
N PHE A 613 2.39 14.45 38.16
CA PHE A 613 2.81 15.79 38.51
C PHE A 613 1.62 16.72 38.39
N HIS A 614 1.83 17.96 38.81
CA HIS A 614 0.81 19.00 38.78
C HIS A 614 1.24 20.10 37.82
N THR A 615 0.28 20.69 37.12
CA THR A 615 0.56 21.81 36.25
C THR A 615 0.48 23.13 37.02
N ARG A 616 0.74 24.23 36.31
CA ARG A 616 0.55 25.56 36.88
C ARG A 616 -0.91 25.86 37.19
N SER A 617 -1.83 25.19 36.51
CA SER A 617 -3.25 25.24 36.84
C SER A 617 -3.64 24.22 37.89
N ASP A 618 -2.66 23.44 38.40
CA ASP A 618 -2.82 22.50 39.51
C ASP A 618 -3.75 21.35 39.13
N VAL A 619 -3.54 20.80 37.94
CA VAL A 619 -4.27 19.65 37.45
C VAL A 619 -3.28 18.49 37.38
N ARG A 620 -3.66 17.35 37.93
CA ARG A 620 -2.75 16.22 38.01
C ARG A 620 -2.71 15.49 36.67
N LEU A 621 -1.52 15.41 36.08
CA LEU A 621 -1.32 14.67 34.84
C LEU A 621 -0.42 13.48 35.13
N TYR A 622 -0.70 12.36 34.48
CA TYR A 622 0.15 11.19 34.60
C TYR A 622 1.06 11.03 33.39
N GLY A 623 2.13 10.27 33.59
CA GLY A 623 3.11 10.03 32.56
C GLY A 623 3.90 8.78 32.87
N MET A 624 4.55 8.26 31.83
CA MET A 624 5.45 7.14 31.94
C MET A 624 6.83 7.62 31.50
N ILE A 625 7.85 6.84 31.86
CA ILE A 625 9.18 7.04 31.31
C ILE A 625 9.89 5.70 31.20
N TYR A 626 10.53 5.50 30.06
CA TYR A 626 11.52 4.45 29.86
C TYR A 626 12.88 5.10 30.04
N LYS A 627 13.62 4.64 31.04
CA LYS A 627 14.96 5.11 31.32
C LYS A 627 15.94 4.50 30.32
N PRO A 628 17.03 5.20 30.01
CA PRO A 628 18.07 4.60 29.16
C PRO A 628 18.73 3.42 29.86
N HIS A 629 18.86 2.32 29.12
CA HIS A 629 19.51 1.13 29.64
C HIS A 629 20.98 1.40 29.90
N ALA A 630 21.51 0.78 30.96
CA ALA A 630 22.86 1.00 31.49
C ALA A 630 23.10 2.48 31.76
N LEU A 631 22.15 3.07 32.48
CA LEU A 631 22.20 4.49 32.83
C LEU A 631 23.36 4.77 33.77
N GLN A 632 24.13 5.82 33.46
CA GLN A 632 25.16 6.33 34.34
C GLN A 632 24.81 7.72 34.81
N PRO A 633 24.97 8.02 36.10
CA PRO A 633 24.64 9.37 36.60
C PRO A 633 25.56 10.44 36.03
N GLY A 634 24.96 11.56 35.64
CA GLY A 634 25.70 12.65 35.04
C GLY A 634 25.36 12.89 33.58
N LYS A 635 25.20 11.81 32.83
CA LYS A 635 24.97 11.92 31.39
C LYS A 635 23.54 12.37 31.09
N LYS A 636 23.41 13.33 30.19
CA LYS A 636 22.11 13.81 29.72
C LYS A 636 21.81 13.14 28.38
N HIS A 637 20.91 12.21 28.39
CA HIS A 637 20.56 11.39 27.25
C HIS A 637 19.52 12.11 26.38
N PRO A 638 19.47 11.84 25.07
CA PRO A 638 18.43 12.46 24.24
C PRO A 638 17.09 11.82 24.48
N THR A 639 16.04 12.63 24.37
CA THR A 639 14.72 12.21 24.85
C THR A 639 13.70 12.23 23.71
N VAL A 640 13.05 11.10 23.50
CA VAL A 640 11.95 10.96 22.57
C VAL A 640 10.65 11.07 23.37
N LEU A 641 9.97 12.19 23.21
CA LEU A 641 8.62 12.39 23.73
C LEU A 641 7.64 11.73 22.79
N PHE A 642 7.27 10.50 23.11
CA PHE A 642 6.22 9.84 22.36
C PHE A 642 4.89 10.46 22.78
N VAL A 643 3.94 10.52 21.85
CA VAL A 643 2.70 11.23 22.15
C VAL A 643 1.59 10.71 21.25
N TYR A 644 0.39 10.65 21.82
CA TYR A 644 -0.85 10.68 21.06
C TYR A 644 -1.62 11.94 21.42
N GLY A 645 -1.96 12.12 22.70
CA GLY A 645 -2.50 13.38 23.19
C GLY A 645 -3.97 13.61 22.93
N GLY A 646 -4.54 13.00 21.90
CA GLY A 646 -5.91 13.24 21.54
C GLY A 646 -6.86 12.51 22.46
N PRO A 647 -8.15 12.83 22.29
CA PRO A 647 -9.19 12.18 23.10
C PRO A 647 -9.36 10.71 22.73
N GLN A 648 -10.09 10.03 23.61
CA GLN A 648 -10.51 8.63 23.54
C GLN A 648 -9.35 7.64 23.65
N VAL A 649 -8.13 8.10 23.98
CA VAL A 649 -6.97 7.25 24.13
C VAL A 649 -6.24 7.64 25.40
N GLN A 650 -6.03 6.68 26.30
CA GLN A 650 -5.24 6.86 27.50
C GLN A 650 -3.92 6.12 27.32
N LEU A 651 -2.83 6.86 27.14
CA LEU A 651 -1.53 6.23 26.93
C LEU A 651 -0.96 5.67 28.23
N VAL A 652 -0.92 6.50 29.28
CA VAL A 652 -0.43 6.05 30.58
C VAL A 652 -1.55 5.39 31.39
N ASN A 653 -1.34 4.11 31.70
CA ASN A 653 -2.16 3.35 32.61
C ASN A 653 -1.32 2.17 33.09
N ASN A 654 -1.82 1.48 34.10
CA ASN A 654 -1.05 0.38 34.69
C ASN A 654 -1.33 -0.94 33.97
N SER A 655 -1.17 -0.91 32.65
CA SER A 655 -1.33 -2.06 31.78
C SER A 655 -0.03 -2.26 31.03
N PHE A 656 0.13 -3.45 30.45
CA PHE A 656 1.41 -3.83 29.89
C PHE A 656 1.63 -3.10 28.56
N LYS A 657 2.71 -2.33 28.48
CA LYS A 657 2.99 -1.55 27.28
C LYS A 657 3.91 -2.28 26.30
N GLY A 658 4.60 -3.33 26.74
CA GLY A 658 5.54 -4.04 25.88
C GLY A 658 4.90 -4.76 24.71
N ILE A 659 3.63 -5.09 24.81
CA ILE A 659 2.95 -5.80 23.73
C ILE A 659 2.65 -4.88 22.55
N LYS A 660 2.59 -3.57 22.78
CA LYS A 660 2.25 -2.60 21.74
C LYS A 660 3.28 -1.49 21.57
N TYR A 661 4.06 -1.16 22.60
CA TYR A 661 5.06 -0.11 22.50
C TYR A 661 6.45 -0.67 22.78
N LEU A 662 6.76 -1.79 22.12
CA LEU A 662 8.09 -2.39 22.20
C LEU A 662 9.15 -1.46 21.63
N ARG A 663 8.79 -0.66 20.62
CA ARG A 663 9.70 0.30 20.01
C ARG A 663 10.22 1.31 21.03
N LEU A 664 9.39 1.75 21.97
CA LEU A 664 9.80 2.65 23.03
C LEU A 664 10.90 2.03 23.90
N ASN A 665 10.78 0.73 24.18
CA ASN A 665 11.84 0.02 24.88
C ASN A 665 13.08 -0.16 24.02
N THR A 666 12.92 -0.37 22.72
CA THR A 666 14.09 -0.45 21.83
C THR A 666 14.87 0.85 21.83
N LEU A 667 14.15 1.97 21.74
CA LEU A 667 14.73 3.31 21.88
C LEU A 667 15.49 3.44 23.19
N ALA A 668 14.84 3.06 24.30
CA ALA A 668 15.48 3.06 25.61
C ALA A 668 16.76 2.21 25.63
N SER A 669 16.70 1.02 25.04
CA SER A 669 17.86 0.13 25.02
C SER A 669 18.99 0.66 24.15
N LEU A 670 18.69 1.57 23.23
CA LEU A 670 19.76 2.27 22.53
C LEU A 670 20.21 3.51 23.30
N GLY A 671 19.44 3.95 24.28
CA GLY A 671 19.93 5.02 25.14
C GLY A 671 19.11 6.29 25.14
N TYR A 672 17.97 6.27 24.47
CA TYR A 672 17.06 7.41 24.50
C TYR A 672 16.17 7.33 25.73
N ALA A 673 16.03 8.43 26.44
CA ALA A 673 14.94 8.55 27.39
C ALA A 673 13.64 8.60 26.58
N VAL A 674 12.68 7.76 26.92
CA VAL A 674 11.37 7.81 26.28
C VAL A 674 10.32 8.27 27.27
N VAL A 675 9.69 9.41 26.98
CA VAL A 675 8.70 9.99 27.87
C VAL A 675 7.33 9.87 27.20
N VAL A 676 6.30 9.59 27.99
CA VAL A 676 4.93 9.45 27.49
C VAL A 676 4.03 10.18 28.49
N ILE A 677 3.22 11.10 28.01
CA ILE A 677 2.44 11.97 28.88
C ILE A 677 0.97 11.92 28.45
N ASP A 678 0.05 11.82 29.41
CA ASP A 678 -1.36 12.07 29.11
C ASP A 678 -1.72 13.46 29.65
N GLY A 679 -1.62 14.46 28.78
CA GLY A 679 -2.05 15.80 29.11
C GLY A 679 -3.56 15.91 29.17
N ARG A 680 -4.03 17.16 29.30
CA ARG A 680 -5.46 17.41 29.33
C ARG A 680 -6.04 17.16 27.95
N GLY A 681 -7.18 16.49 27.91
CA GLY A 681 -7.74 15.98 26.68
C GLY A 681 -7.74 14.48 26.58
N SER A 682 -6.96 13.79 27.40
CA SER A 682 -6.97 12.33 27.36
C SER A 682 -8.22 11.81 28.07
N CYS A 683 -8.53 10.54 27.85
CA CYS A 683 -9.76 9.99 28.39
C CYS A 683 -9.55 9.50 29.82
N GLN A 684 -10.61 8.94 30.38
CA GLN A 684 -10.66 8.29 31.70
C GLN A 684 -10.30 9.24 32.84
N ARG A 685 -10.58 10.53 32.67
CA ARG A 685 -10.44 11.49 33.75
C ARG A 685 -11.64 12.42 33.84
N GLY A 686 -12.76 12.08 33.19
CA GLY A 686 -13.97 12.86 33.26
C GLY A 686 -14.11 13.89 32.14
N LEU A 687 -15.32 14.46 32.10
CA LEU A 687 -15.71 15.34 31.00
C LEU A 687 -15.00 16.68 31.07
N ARG A 688 -14.85 17.23 32.27
CA ARG A 688 -14.19 18.53 32.41
C ARG A 688 -12.73 18.44 32.03
N PHE A 689 -12.10 17.29 32.31
CA PHE A 689 -10.73 17.05 31.91
C PHE A 689 -10.60 16.92 30.40
N GLU A 690 -11.42 16.05 29.80
CA GLU A 690 -11.42 15.90 28.34
C GLU A 690 -11.75 17.20 27.61
N GLY A 691 -12.64 18.01 28.17
CA GLY A 691 -13.04 19.26 27.58
C GLY A 691 -12.09 20.42 27.66
N ALA A 692 -10.83 20.22 28.03
CA ALA A 692 -9.90 21.34 27.96
C ALA A 692 -9.43 21.62 26.54
N LEU A 693 -9.75 20.75 25.58
CA LEU A 693 -9.38 20.94 24.18
C LEU A 693 -10.50 21.53 23.35
N LYS A 694 -11.63 21.86 24.00
CA LYS A 694 -12.87 22.29 23.34
C LYS A 694 -12.66 23.52 22.47
N ASN A 695 -12.78 23.32 21.15
CA ASN A 695 -12.70 24.31 20.08
C ASN A 695 -11.32 24.95 19.96
N GLN A 696 -10.31 24.35 20.58
CA GLN A 696 -8.93 24.84 20.47
C GLN A 696 -7.94 23.68 20.48
N MET A 697 -8.32 22.54 19.89
CA MET A 697 -7.55 21.32 20.04
C MET A 697 -6.24 21.43 19.26
N GLY A 698 -5.15 20.99 19.89
CA GLY A 698 -3.81 21.22 19.40
C GLY A 698 -3.03 22.23 20.21
N GLN A 699 -3.70 23.08 20.98
CA GLN A 699 -3.03 24.20 21.65
C GLN A 699 -2.70 23.95 23.12
N VAL A 700 -3.51 23.18 23.85
CA VAL A 700 -3.32 23.04 25.30
C VAL A 700 -2.65 21.72 25.67
N GLU A 701 -2.95 20.66 24.91
CA GLU A 701 -2.32 19.36 25.15
C GLU A 701 -0.82 19.43 24.95
N ILE A 702 -0.36 20.06 23.85
CA ILE A 702 1.07 20.15 23.60
C ILE A 702 1.75 20.97 24.71
N GLU A 703 1.04 21.96 25.27
CA GLU A 703 1.55 22.73 26.40
C GLU A 703 1.74 21.84 27.63
N ASP A 704 0.78 20.93 27.84
CA ASP A 704 0.91 19.93 28.89
C ASP A 704 2.07 18.98 28.63
N GLN A 705 2.35 18.65 27.36
CA GLN A 705 3.46 17.76 27.06
C GLN A 705 4.80 18.45 27.34
N VAL A 706 4.91 19.72 26.94
CA VAL A 706 6.07 20.54 27.26
C VAL A 706 6.30 20.63 28.78
N GLU A 707 5.25 20.94 29.53
CA GLU A 707 5.33 20.97 31.00
C GLU A 707 5.73 19.63 31.62
N GLY A 708 5.22 18.53 31.08
CA GLY A 708 5.64 17.21 31.50
C GLY A 708 7.12 16.93 31.24
N LEU A 709 7.61 17.35 30.08
CA LEU A 709 9.04 17.31 29.78
C LEU A 709 9.83 18.09 30.83
N GLN A 710 9.39 19.32 31.15
CA GLN A 710 10.16 20.15 32.07
C GLN A 710 10.16 19.56 33.47
N PHE A 711 9.05 18.89 33.84
CA PHE A 711 8.97 18.18 35.11
C PHE A 711 9.96 17.02 35.15
N VAL A 712 10.01 16.23 34.08
CA VAL A 712 10.90 15.08 34.08
C VAL A 712 12.36 15.55 34.07
N ALA A 713 12.62 16.66 33.38
CA ALA A 713 13.94 17.29 33.42
C ALA A 713 14.40 17.72 34.81
N GLU A 714 13.52 18.35 35.63
CA GLU A 714 14.07 18.67 36.95
C GLU A 714 14.12 17.46 37.89
N LYS A 715 13.04 16.66 37.93
CA LYS A 715 12.99 15.49 38.81
C LYS A 715 14.08 14.47 38.51
N TYR A 716 14.23 14.04 37.26
CA TYR A 716 15.32 13.17 36.92
C TYR A 716 16.52 14.02 36.48
N GLY A 717 17.54 13.37 35.94
CA GLY A 717 18.74 14.10 35.56
C GLY A 717 19.38 13.61 34.28
N PHE A 718 18.61 12.92 33.44
CA PHE A 718 19.13 12.35 32.20
C PHE A 718 18.35 12.85 30.99
N ILE A 719 17.73 14.01 31.10
CA ILE A 719 16.98 14.62 30.01
C ILE A 719 17.87 15.70 29.41
N ASP A 720 18.29 15.51 28.16
CA ASP A 720 19.02 16.54 27.42
C ASP A 720 17.99 17.39 26.69
N LEU A 721 17.83 18.64 27.13
CA LEU A 721 16.84 19.52 26.53
C LEU A 721 17.26 20.00 25.15
N SER A 722 18.56 19.98 24.85
CA SER A 722 19.02 20.34 23.52
C SER A 722 18.70 19.26 22.49
N ARG A 723 18.49 18.02 22.92
CA ARG A 723 18.22 16.90 22.01
C ARG A 723 16.89 16.25 22.41
N VAL A 724 15.81 16.82 21.87
CA VAL A 724 14.46 16.36 22.13
C VAL A 724 13.79 16.05 20.81
N ALA A 725 13.22 14.86 20.73
CA ALA A 725 12.47 14.41 19.59
C ALA A 725 11.02 14.31 20.01
N ILE A 726 10.11 14.75 19.17
CA ILE A 726 8.70 14.56 19.45
C ILE A 726 8.21 13.59 18.40
N HIS A 727 7.33 12.67 18.77
CA HIS A 727 6.99 11.63 17.81
C HIS A 727 5.63 11.06 18.11
N GLY A 728 4.89 10.74 17.06
CA GLY A 728 3.57 10.17 17.29
C GLY A 728 2.81 9.88 16.02
N TRP A 729 1.68 9.20 16.20
CA TRP A 729 0.81 8.79 15.11
C TRP A 729 -0.57 9.40 15.33
N SER A 730 -1.42 9.29 14.32
CA SER A 730 -2.10 10.42 13.68
C SER A 730 -2.31 11.68 14.51
N TYR A 731 -2.98 11.59 15.66
CA TYR A 731 -3.02 12.75 16.56
C TYR A 731 -1.63 13.06 17.09
N GLY A 732 -0.83 12.03 17.34
CA GLY A 732 0.52 12.24 17.84
C GLY A 732 1.39 12.97 16.84
N GLY A 733 1.25 12.63 15.55
CA GLY A 733 1.98 13.36 14.52
C GLY A 733 1.48 14.78 14.33
N PHE A 734 0.16 14.98 14.40
CA PHE A 734 -0.42 16.33 14.41
C PHE A 734 0.16 17.15 15.55
N LEU A 735 0.25 16.55 16.74
CA LEU A 735 0.86 17.25 17.87
C LEU A 735 2.35 17.45 17.69
N SER A 736 3.06 16.45 17.18
CA SER A 736 4.48 16.60 16.88
C SER A 736 4.77 17.81 16.00
N LEU A 737 3.89 18.03 15.01
CA LEU A 737 3.97 19.21 14.18
C LEU A 737 3.57 20.49 14.92
N MET A 738 2.62 20.41 15.87
CA MET A 738 2.34 21.56 16.72
C MET A 738 3.47 21.86 17.68
N GLY A 739 4.14 20.82 18.16
CA GLY A 739 5.33 21.01 18.97
C GLY A 739 6.43 21.74 18.23
N LEU A 740 6.71 21.30 17.00
CA LEU A 740 7.75 21.97 16.23
C LEU A 740 7.34 23.37 15.76
N ILE A 741 6.04 23.63 15.62
CA ILE A 741 5.59 24.97 15.24
C ILE A 741 5.61 25.94 16.41
N HIS A 742 4.85 25.62 17.48
CA HIS A 742 4.67 26.56 18.56
C HIS A 742 5.68 26.43 19.68
N LYS A 743 6.49 25.36 19.70
CA LYS A 743 7.60 25.26 20.65
C LYS A 743 8.84 24.74 19.93
N PRO A 744 9.39 25.51 18.97
CA PRO A 744 10.59 25.03 18.26
C PRO A 744 11.84 25.01 19.11
N GLN A 745 11.92 25.83 20.16
CA GLN A 745 13.13 25.91 20.97
C GLN A 745 13.36 24.67 21.82
N VAL A 746 12.33 23.88 22.12
CA VAL A 746 12.50 22.68 22.93
C VAL A 746 12.63 21.43 22.08
N PHE A 747 11.82 21.26 21.04
CA PHE A 747 11.80 20.04 20.26
C PHE A 747 12.81 20.17 19.12
N LYS A 748 13.87 19.38 19.18
CA LYS A 748 14.88 19.42 18.13
C LYS A 748 14.36 18.81 16.84
N VAL A 749 13.76 17.63 16.91
CA VAL A 749 13.19 17.01 15.71
C VAL A 749 11.73 16.63 15.97
N ALA A 750 11.06 16.19 14.90
CA ALA A 750 9.66 15.82 14.97
C ALA A 750 9.35 14.75 13.95
N ILE A 751 9.14 13.54 14.44
CA ILE A 751 8.75 12.40 13.64
C ILE A 751 7.23 12.29 13.70
N ALA A 752 6.58 12.87 12.69
CA ALA A 752 5.14 12.98 12.60
C ALA A 752 4.60 11.85 11.73
N GLY A 753 3.87 10.91 12.34
CA GLY A 753 3.32 9.80 11.62
C GLY A 753 1.85 10.01 11.33
N ALA A 754 1.49 9.97 10.05
CA ALA A 754 0.12 10.07 9.57
C ALA A 754 -0.69 11.27 10.07
N PRO A 755 -0.14 12.49 9.96
CA PRO A 755 -0.71 13.60 10.72
C PRO A 755 -2.02 14.12 10.13
N VAL A 756 -2.86 14.65 11.01
CA VAL A 756 -4.08 15.34 10.60
C VAL A 756 -3.65 16.78 10.30
N THR A 757 -3.50 17.10 9.01
CA THR A 757 -2.96 18.42 8.72
C THR A 757 -4.02 19.48 8.51
N VAL A 758 -5.22 19.12 8.10
CA VAL A 758 -6.33 20.06 7.96
C VAL A 758 -7.57 19.44 8.59
N TRP A 759 -8.11 20.11 9.60
CA TRP A 759 -9.33 19.64 10.24
C TRP A 759 -10.56 19.83 9.38
N MET A 760 -10.51 20.73 8.40
CA MET A 760 -11.61 20.90 7.46
C MET A 760 -11.84 19.66 6.60
N ALA A 761 -10.82 18.84 6.39
CA ALA A 761 -10.96 17.61 5.62
C ALA A 761 -11.31 16.39 6.45
N TYR A 762 -11.11 16.44 7.77
CA TYR A 762 -11.44 15.27 8.58
C TYR A 762 -12.94 15.19 8.76
N ASP A 763 -13.44 14.01 9.11
CA ASP A 763 -14.88 13.80 9.00
C ASP A 763 -15.63 14.41 10.19
N THR A 764 -16.96 14.31 10.08
CA THR A 764 -17.88 15.01 10.98
C THR A 764 -17.81 14.50 12.40
N GLY A 765 -18.07 13.20 12.59
CA GLY A 765 -18.17 12.57 13.92
C GLY A 765 -17.07 12.91 14.90
N TYR A 766 -15.82 12.85 14.48
CA TYR A 766 -14.72 13.25 15.36
C TYR A 766 -14.66 14.77 15.48
N THR A 767 -14.38 15.43 14.35
CA THR A 767 -13.93 16.80 14.34
C THR A 767 -15.03 17.72 14.87
N GLU A 768 -16.29 17.47 14.50
CA GLU A 768 -17.35 18.39 14.87
C GLU A 768 -17.63 18.27 16.36
N ARG A 769 -17.69 17.03 16.87
CA ARG A 769 -17.71 16.70 18.30
C ARG A 769 -16.74 17.54 19.10
N TYR A 770 -15.50 17.72 18.63
CA TYR A 770 -14.63 18.49 19.52
C TYR A 770 -14.49 19.95 19.10
N MET A 771 -14.35 20.20 17.80
CA MET A 771 -14.18 21.53 17.21
C MET A 771 -15.52 21.84 16.57
N ASP A 772 -16.33 22.75 17.16
CA ASP A 772 -17.80 22.78 17.02
C ASP A 772 -18.42 22.52 15.65
N VAL A 773 -18.24 23.46 14.72
CA VAL A 773 -18.75 23.46 13.34
C VAL A 773 -17.68 24.31 12.66
N PRO A 774 -17.29 24.07 11.40
CA PRO A 774 -16.27 24.94 10.80
C PRO A 774 -16.69 26.38 10.65
N GLU A 775 -17.87 26.65 10.07
CA GLU A 775 -18.34 28.01 9.84
C GLU A 775 -18.60 28.79 11.13
N ASN A 776 -18.74 28.10 12.26
CA ASN A 776 -18.82 28.80 13.55
C ASN A 776 -17.43 29.08 14.10
N ASN A 777 -16.57 28.05 14.16
CA ASN A 777 -15.26 28.18 14.78
C ASN A 777 -14.16 28.30 13.71
N GLN A 778 -14.22 29.39 12.93
CA GLN A 778 -13.14 29.59 11.96
C GLN A 778 -11.81 29.95 12.62
N HIS A 779 -11.85 30.70 13.73
CA HIS A 779 -10.62 31.05 14.45
C HIS A 779 -9.89 29.83 14.98
N GLY A 780 -10.64 28.83 15.43
CA GLY A 780 -9.97 27.69 16.01
C GLY A 780 -9.64 26.64 14.97
N TYR A 781 -10.41 26.57 13.88
CA TYR A 781 -9.98 25.76 12.74
C TYR A 781 -8.67 26.25 12.15
N GLU A 782 -8.52 27.57 11.91
CA GLU A 782 -7.26 28.05 11.35
C GLU A 782 -6.12 27.90 12.37
N ALA A 783 -6.38 28.24 13.64
CA ALA A 783 -5.34 28.15 14.67
C ALA A 783 -4.86 26.72 14.90
N GLY A 784 -5.75 25.73 14.78
CA GLY A 784 -5.37 24.35 14.99
C GLY A 784 -5.25 23.50 13.75
N SER A 785 -5.25 24.10 12.55
CA SER A 785 -4.97 23.38 11.31
C SER A 785 -3.51 23.60 10.98
N VAL A 786 -2.68 22.57 11.19
CA VAL A 786 -1.23 22.70 11.18
C VAL A 786 -0.69 22.98 9.77
N ALA A 787 -1.38 22.54 8.73
CA ALA A 787 -0.94 22.76 7.35
C ALA A 787 -1.00 24.23 6.94
N LEU A 788 -1.79 25.04 7.62
CA LEU A 788 -1.82 26.47 7.40
C LEU A 788 -0.77 27.24 8.20
N HIS A 789 0.07 26.57 9.00
CA HIS A 789 1.10 27.24 9.79
C HIS A 789 2.49 26.73 9.45
N VAL A 790 2.73 26.43 8.18
CA VAL A 790 4.01 25.88 7.75
C VAL A 790 5.11 26.95 7.79
N GLU A 791 4.78 28.21 7.53
CA GLU A 791 5.70 29.34 7.73
C GLU A 791 6.42 29.36 9.07
N LYS A 792 5.83 28.80 10.12
CA LYS A 792 6.46 28.74 11.43
C LYS A 792 7.32 27.49 11.62
N LEU A 793 7.42 26.61 10.63
CA LEU A 793 8.28 25.45 10.74
C LEU A 793 9.74 25.87 10.56
N PRO A 794 10.70 25.09 11.05
CA PRO A 794 12.10 25.52 10.99
C PRO A 794 12.66 25.55 9.57
N ASN A 795 13.48 26.56 9.31
CA ASN A 795 14.21 26.62 8.05
C ASN A 795 15.35 25.63 8.01
N GLU A 796 15.80 25.13 9.16
CA GLU A 796 16.87 24.15 9.18
C GLU A 796 16.36 22.80 8.66
N PRO A 797 17.21 22.04 7.98
CA PRO A 797 16.79 20.73 7.49
C PRO A 797 16.93 19.65 8.54
N ASN A 798 16.45 18.45 8.16
CA ASN A 798 16.58 17.21 8.94
C ASN A 798 15.93 17.30 10.31
N ARG A 799 14.88 18.11 10.43
CA ARG A 799 14.18 18.30 11.69
C ARG A 799 12.76 17.75 11.68
N LEU A 800 12.29 17.21 10.57
CA LEU A 800 10.88 16.85 10.43
C LEU A 800 10.75 15.69 9.47
N LEU A 801 10.29 14.54 9.95
CA LEU A 801 10.09 13.37 9.10
C LEU A 801 8.61 13.01 9.13
N ILE A 802 7.96 13.05 7.98
CA ILE A 802 6.54 12.74 7.80
C ILE A 802 6.35 11.31 7.32
N LEU A 803 5.58 10.52 8.05
CA LEU A 803 5.31 9.13 7.73
C LEU A 803 3.86 9.04 7.30
N HIS A 804 3.56 8.25 6.26
CA HIS A 804 2.13 8.13 5.91
C HIS A 804 1.87 6.84 5.15
N GLY A 805 0.83 6.12 5.57
CA GLY A 805 0.32 5.01 4.80
C GLY A 805 -0.54 5.50 3.65
N PHE A 806 -0.21 5.04 2.44
CA PHE A 806 -0.83 5.55 1.22
C PHE A 806 -2.31 5.20 1.11
N LEU A 807 -2.74 4.06 1.66
CA LEU A 807 -4.12 3.61 1.52
C LEU A 807 -4.97 3.95 2.74
N ASP A 808 -4.65 5.02 3.46
CA ASP A 808 -5.30 5.28 4.73
C ASP A 808 -6.73 5.75 4.53
N GLU A 809 -7.67 5.00 5.07
CA GLU A 809 -9.08 5.41 5.04
C GLU A 809 -9.46 6.37 6.15
N ASN A 810 -8.62 6.56 7.19
CA ASN A 810 -9.06 7.39 8.31
C ASN A 810 -8.58 8.83 8.17
N VAL A 811 -7.27 9.03 8.23
CA VAL A 811 -6.60 10.30 7.99
C VAL A 811 -5.86 10.25 6.64
N HIS A 812 -6.57 10.66 5.60
CA HIS A 812 -6.23 10.38 4.21
C HIS A 812 -4.87 10.93 3.82
N PHE A 813 -4.29 10.30 2.80
CA PHE A 813 -3.00 10.73 2.26
C PHE A 813 -3.02 12.17 1.76
N PHE A 814 -4.20 12.70 1.40
CA PHE A 814 -4.39 14.13 1.16
C PHE A 814 -3.81 15.00 2.27
N HIS A 815 -3.90 14.58 3.52
CA HIS A 815 -3.41 15.39 4.63
C HIS A 815 -1.90 15.59 4.55
N THR A 816 -1.15 14.50 4.39
CA THR A 816 0.28 14.57 4.13
C THR A 816 0.60 15.29 2.83
N ASN A 817 -0.21 15.06 1.78
CA ASN A 817 -0.01 15.71 0.50
C ASN A 817 -0.16 17.23 0.60
N PHE A 818 -1.18 17.69 1.32
CA PHE A 818 -1.40 19.11 1.50
C PHE A 818 -0.33 19.71 2.39
N LEU A 819 0.16 18.94 3.36
CA LEU A 819 1.26 19.41 4.20
C LEU A 819 2.53 19.60 3.38
N VAL A 820 2.94 18.56 2.64
CA VAL A 820 4.15 18.66 1.82
C VAL A 820 3.98 19.75 0.77
N SER A 821 2.77 19.90 0.21
CA SER A 821 2.40 21.00 -0.69
C SER A 821 2.70 22.36 -0.06
N GLN A 822 2.25 22.58 1.17
CA GLN A 822 2.45 23.88 1.79
C GLN A 822 3.89 24.04 2.23
N LEU A 823 4.60 22.94 2.49
CA LEU A 823 6.04 23.00 2.71
C LEU A 823 6.76 23.46 1.45
N ILE A 824 6.40 22.91 0.28
CA ILE A 824 6.93 23.37 -1.01
C ILE A 824 6.65 24.85 -1.20
N ARG A 825 5.41 25.27 -0.93
CA ARG A 825 4.99 26.64 -1.14
C ARG A 825 5.65 27.62 -0.17
N ALA A 826 5.99 27.17 1.04
CA ALA A 826 6.69 28.02 2.00
C ALA A 826 8.20 27.87 1.93
N GLY A 827 8.71 26.94 1.13
CA GLY A 827 10.15 26.75 1.01
C GLY A 827 10.79 26.14 2.23
N LYS A 828 10.17 25.12 2.82
CA LYS A 828 10.69 24.50 4.02
C LYS A 828 11.04 23.03 3.76
N PRO A 829 12.16 22.55 4.30
CA PRO A 829 12.55 21.17 4.07
C PRO A 829 11.73 20.18 4.88
N TYR A 830 11.79 18.92 4.46
CA TYR A 830 11.12 17.81 5.12
C TYR A 830 11.73 16.52 4.63
N GLN A 831 11.63 15.48 5.45
CA GLN A 831 11.81 14.12 4.95
C GLN A 831 10.46 13.42 4.95
N LEU A 832 10.35 12.36 4.16
CA LEU A 832 9.06 11.73 3.98
C LEU A 832 9.22 10.24 3.71
N GLN A 833 8.28 9.46 4.22
CA GLN A 833 8.28 8.02 4.05
C GLN A 833 6.85 7.57 3.77
N ILE A 834 6.71 6.69 2.79
CA ILE A 834 5.40 6.19 2.38
C ILE A 834 5.33 4.72 2.75
N TYR A 835 4.13 4.26 3.10
CA TYR A 835 3.82 2.84 3.22
C TYR A 835 2.71 2.54 2.24
N PRO A 836 3.06 2.10 1.02
CA PRO A 836 2.07 1.97 -0.04
C PRO A 836 1.00 0.92 0.19
N ASN A 837 1.26 -0.08 1.04
CA ASN A 837 0.31 -1.16 1.28
C ASN A 837 -0.31 -1.12 2.67
N GLU A 838 -0.05 -0.07 3.45
CA GLU A 838 -0.49 -0.03 4.84
C GLU A 838 -1.58 1.03 5.00
N ARG A 839 -2.66 0.66 5.66
CA ARG A 839 -3.76 1.63 5.78
C ARG A 839 -3.54 2.59 6.92
N HIS A 840 -3.73 2.16 8.17
CA HIS A 840 -3.64 3.10 9.28
C HIS A 840 -2.60 2.70 10.31
N SER A 841 -2.69 1.50 10.85
CA SER A 841 -1.62 0.94 11.66
C SER A 841 -0.74 0.13 10.74
N ILE A 842 0.58 0.21 10.98
CA ILE A 842 1.51 -0.56 10.16
C ILE A 842 1.35 -2.02 10.56
N ARG A 843 0.61 -2.77 9.74
CA ARG A 843 0.24 -4.14 10.09
C ARG A 843 1.27 -5.16 9.67
N CYS A 844 1.92 -4.95 8.53
CA CYS A 844 2.73 -6.09 8.11
C CYS A 844 4.18 -5.89 8.55
N PRO A 845 4.80 -6.97 9.08
CA PRO A 845 6.06 -6.81 9.84
C PRO A 845 7.24 -6.22 9.09
N GLU A 846 7.44 -6.52 7.79
CA GLU A 846 8.52 -5.87 7.03
C GLU A 846 8.36 -4.36 7.01
N SER A 847 7.13 -3.86 6.78
CA SER A 847 6.87 -2.42 6.78
C SER A 847 7.05 -1.82 8.16
N GLY A 848 6.67 -2.55 9.22
CA GLY A 848 6.92 -2.05 10.55
C GLY A 848 8.40 -2.04 10.89
N GLU A 849 9.13 -3.04 10.41
CA GLU A 849 10.57 -3.11 10.63
C GLU A 849 11.30 -1.98 9.91
N HIS A 850 10.85 -1.64 8.70
CA HIS A 850 11.43 -0.50 7.99
C HIS A 850 11.14 0.79 8.73
N TYR A 851 9.89 0.95 9.20
CA TYR A 851 9.49 2.11 9.98
C TYR A 851 10.40 2.29 11.18
N GLU A 852 10.71 1.19 11.87
CA GLU A 852 11.51 1.31 13.07
C GLU A 852 12.96 1.59 12.77
N VAL A 853 13.52 0.97 11.72
CA VAL A 853 14.91 1.23 11.36
C VAL A 853 15.07 2.66 10.83
N THR A 854 14.03 3.19 10.17
CA THR A 854 14.01 4.59 9.75
C THR A 854 13.97 5.53 10.96
N LEU A 855 13.25 5.12 12.00
CA LEU A 855 13.16 5.94 13.21
C LEU A 855 14.49 5.98 13.95
N LEU A 856 15.13 4.81 14.07
CA LEU A 856 16.43 4.72 14.73
C LEU A 856 17.50 5.49 13.96
N HIS A 857 17.53 5.34 12.63
CA HIS A 857 18.47 6.10 11.80
C HIS A 857 18.28 7.60 11.92
N PHE A 858 17.02 8.06 11.82
CA PHE A 858 16.74 9.49 11.89
C PHE A 858 17.18 10.08 13.22
N LEU A 859 16.93 9.36 14.31
CA LEU A 859 17.38 9.84 15.61
C LEU A 859 18.90 9.82 15.73
N GLN A 860 19.56 8.72 15.35
CA GLN A 860 21.02 8.66 15.35
C GLN A 860 21.68 9.84 14.66
N GLU A 861 21.22 10.16 13.45
CA GLU A 861 21.93 11.19 12.70
C GLU A 861 21.50 12.60 13.06
N TYR A 862 20.19 12.85 13.18
CA TYR A 862 19.71 14.22 13.22
C TYR A 862 19.15 14.70 14.55
N LEU A 863 18.98 13.81 15.53
CA LEU A 863 18.66 14.29 16.87
C LEU A 863 19.92 14.71 17.61
N GLY B 166 14.88 -55.12 45.58
CA GLY B 166 15.87 -54.92 44.54
C GLY B 166 15.26 -54.57 43.20
N ASN B 167 15.74 -55.22 42.14
CA ASN B 167 15.23 -54.97 40.80
C ASN B 167 13.87 -55.65 40.62
N VAL B 168 12.92 -54.93 40.06
CA VAL B 168 11.56 -55.42 39.87
C VAL B 168 11.31 -55.56 38.37
N ASP B 169 10.39 -56.45 38.02
CA ASP B 169 10.14 -56.82 36.64
C ASP B 169 9.39 -55.73 35.90
N VAL B 170 9.20 -55.95 34.59
CA VAL B 170 8.33 -55.12 33.76
C VAL B 170 7.48 -56.04 32.90
N GLU B 171 6.34 -55.53 32.45
CA GLU B 171 5.55 -56.19 31.42
C GLU B 171 5.18 -55.17 30.36
N LEU B 172 5.72 -55.35 29.15
CA LEU B 172 5.50 -54.41 28.05
C LEU B 172 4.22 -54.81 27.35
N ILE B 173 3.16 -54.02 27.51
CA ILE B 173 1.91 -54.35 26.84
C ILE B 173 1.99 -54.02 25.35
N ASP B 174 2.49 -52.83 25.03
CA ASP B 174 2.75 -52.45 23.64
C ASP B 174 3.95 -51.52 23.62
N LYS B 175 4.86 -51.76 22.67
CA LYS B 175 6.11 -51.00 22.62
C LYS B 175 5.90 -49.62 22.01
N SER B 176 4.79 -49.41 21.29
CA SER B 176 4.58 -48.16 20.55
C SER B 176 4.35 -46.98 21.49
N THR B 177 3.32 -47.06 22.33
CA THR B 177 3.11 -46.04 23.34
C THR B 177 3.80 -46.38 24.65
N ASN B 178 4.52 -47.52 24.68
CA ASN B 178 5.56 -47.82 25.67
C ASN B 178 4.98 -47.93 27.09
N ARG B 179 3.99 -48.81 27.26
CA ARG B 179 3.32 -48.97 28.54
C ARG B 179 3.79 -50.25 29.25
N TYR B 180 4.19 -50.07 30.51
CA TYR B 180 4.73 -51.11 31.38
C TYR B 180 3.74 -51.37 32.51
N SER B 181 3.51 -52.63 32.81
CA SER B 181 2.79 -53.04 34.02
C SER B 181 3.78 -53.68 34.97
N VAL B 182 3.79 -53.22 36.22
CA VAL B 182 4.74 -53.67 37.23
C VAL B 182 3.96 -54.13 38.47
N TRP B 183 4.35 -55.28 39.00
CA TRP B 183 3.82 -55.85 40.23
C TRP B 183 4.73 -55.43 41.39
N PHE B 184 4.14 -54.78 42.41
CA PHE B 184 4.86 -54.30 43.58
C PHE B 184 4.41 -55.08 44.80
N PRO B 185 5.29 -55.91 45.41
CA PRO B 185 4.83 -56.87 46.42
C PRO B 185 4.31 -56.30 47.74
N THR B 186 5.10 -55.48 48.43
CA THR B 186 4.80 -55.12 49.81
C THR B 186 5.18 -53.62 49.92
N ALA B 187 5.19 -53.05 51.12
CA ALA B 187 5.66 -51.70 51.35
C ALA B 187 7.14 -51.58 51.02
N GLY B 188 7.56 -50.40 50.59
CA GLY B 188 8.99 -50.21 50.37
C GLY B 188 9.33 -48.89 49.71
N TRP B 189 10.64 -48.64 49.66
CA TRP B 189 11.21 -47.48 49.00
C TRP B 189 11.20 -47.64 47.49
N TYR B 190 11.79 -48.74 46.99
CA TYR B 190 11.65 -49.22 45.60
C TYR B 190 12.11 -48.17 44.59
N LEU B 191 13.42 -48.00 44.55
CA LEU B 191 14.06 -47.21 43.52
C LEU B 191 14.20 -48.02 42.24
N TRP B 192 13.78 -47.43 41.13
CA TRP B 192 13.85 -48.04 39.80
C TRP B 192 14.54 -47.03 38.90
N SER B 193 15.86 -47.20 38.72
CA SER B 193 16.70 -46.20 38.07
C SER B 193 16.89 -46.47 36.58
N ALA B 194 16.08 -47.35 36.00
CA ALA B 194 16.10 -47.49 34.54
C ALA B 194 15.50 -46.25 33.89
N THR B 195 14.52 -45.62 34.53
CA THR B 195 14.06 -44.28 34.20
C THR B 195 14.11 -43.30 35.36
N GLY B 196 14.19 -43.78 36.60
CA GLY B 196 14.46 -42.91 37.73
C GLY B 196 13.30 -42.64 38.68
N LEU B 197 12.52 -43.65 39.02
CA LEU B 197 11.33 -43.47 39.86
C LEU B 197 11.54 -44.12 41.23
N GLY B 198 11.31 -43.35 42.28
CA GLY B 198 11.28 -43.91 43.62
C GLY B 198 9.87 -44.01 44.15
N PHE B 199 9.39 -45.23 44.39
CA PHE B 199 7.97 -45.42 44.73
C PHE B 199 7.83 -45.81 46.20
N LEU B 200 7.67 -44.81 47.07
CA LEU B 200 7.34 -45.10 48.46
C LEU B 200 5.90 -45.58 48.53
N VAL B 201 5.75 -46.91 48.70
CA VAL B 201 4.45 -47.59 48.67
C VAL B 201 4.27 -48.35 49.99
N ARG B 202 3.01 -48.73 50.25
CA ARG B 202 2.68 -49.35 51.53
C ARG B 202 1.87 -50.64 51.39
N ASP B 203 1.74 -51.20 50.19
CA ASP B 203 0.96 -52.41 49.99
C ASP B 203 1.35 -53.06 48.66
N GLU B 204 0.56 -54.05 48.24
CA GLU B 204 0.58 -54.54 46.87
C GLU B 204 0.11 -53.47 45.91
N VAL B 205 0.93 -53.14 44.91
CA VAL B 205 0.59 -52.12 43.91
C VAL B 205 0.73 -52.71 42.52
N THR B 206 -0.36 -52.70 41.77
CA THR B 206 -0.30 -52.98 40.33
C THR B 206 -0.23 -51.64 39.61
N VAL B 207 0.96 -51.28 39.12
CA VAL B 207 1.19 -49.94 38.61
C VAL B 207 1.45 -50.03 37.11
N THR B 208 1.06 -48.99 36.37
CA THR B 208 1.27 -48.90 34.93
C THR B 208 1.94 -47.56 34.62
N ILE B 209 3.03 -47.61 33.85
CA ILE B 209 3.78 -46.43 33.46
C ILE B 209 3.84 -46.39 31.94
N ALA B 210 3.34 -45.30 31.35
CA ALA B 210 3.34 -45.14 29.91
C ALA B 210 4.29 -44.01 29.51
N PHE B 211 4.29 -43.68 28.22
CA PHE B 211 5.21 -42.71 27.66
C PHE B 211 4.44 -41.45 27.25
N GLY B 212 4.92 -40.30 27.72
CA GLY B 212 4.37 -39.02 27.32
C GLY B 212 5.45 -38.15 26.72
N SER B 213 5.06 -37.34 25.74
CA SER B 213 5.97 -36.37 25.14
C SER B 213 5.50 -34.97 25.50
N TRP B 214 6.46 -34.09 25.78
CA TRP B 214 6.15 -32.76 26.27
C TRP B 214 5.54 -31.85 25.20
N SER B 215 5.67 -32.21 23.92
CA SER B 215 5.14 -31.35 22.87
C SER B 215 3.61 -31.40 22.81
N GLN B 216 3.04 -32.60 22.87
CA GLN B 216 1.61 -32.75 22.62
C GLN B 216 0.74 -32.39 23.82
N HIS B 217 1.28 -32.41 25.04
CA HIS B 217 0.47 -32.15 26.22
C HIS B 217 0.62 -30.74 26.76
N LEU B 218 1.78 -30.12 26.59
CA LEU B 218 1.95 -28.73 27.00
C LEU B 218 1.20 -27.81 26.03
N ALA B 219 0.82 -26.64 26.52
CA ALA B 219 -0.11 -25.76 25.82
C ALA B 219 0.54 -24.91 24.72
N LEU B 220 1.75 -25.27 24.28
CA LEU B 220 2.50 -24.72 23.15
C LEU B 220 3.00 -23.29 23.36
N ASP B 221 2.60 -22.67 24.47
CA ASP B 221 3.10 -21.35 24.85
C ASP B 221 4.34 -21.54 25.72
N LEU B 222 4.36 -22.61 26.52
CA LEU B 222 5.38 -22.79 27.55
C LEU B 222 6.64 -23.48 27.06
N GLN B 223 6.66 -24.02 25.84
CA GLN B 223 7.94 -24.45 25.27
C GLN B 223 8.82 -23.26 24.94
N HIS B 224 8.27 -22.26 24.26
CA HIS B 224 9.03 -21.10 23.85
C HIS B 224 9.00 -19.98 24.88
N HIS B 225 8.30 -20.18 25.99
CA HIS B 225 8.34 -19.25 27.11
C HIS B 225 9.72 -19.25 27.75
N GLU B 226 10.21 -18.07 28.09
CA GLU B 226 11.58 -17.91 28.58
C GLU B 226 11.66 -17.85 30.10
N GLN B 227 10.58 -18.19 30.80
CA GLN B 227 10.61 -18.52 32.22
C GLN B 227 9.81 -19.78 32.51
N TRP B 228 9.76 -20.69 31.53
CA TRP B 228 9.04 -21.94 31.68
C TRP B 228 9.88 -23.09 31.13
N LEU B 229 11.14 -23.16 31.55
CA LEU B 229 12.01 -24.25 31.11
C LEU B 229 11.49 -25.57 31.64
N VAL B 230 11.00 -26.41 30.72
CA VAL B 230 10.56 -27.74 31.10
C VAL B 230 11.78 -28.61 31.38
N GLY B 231 11.73 -29.35 32.47
CA GLY B 231 12.67 -30.40 32.76
C GLY B 231 11.98 -31.76 32.68
N GLY B 232 12.76 -32.80 32.96
CA GLY B 232 12.26 -34.14 33.12
C GLY B 232 11.67 -34.79 31.89
N PRO B 233 11.45 -36.09 31.95
CA PRO B 233 10.57 -36.74 30.98
C PRO B 233 9.14 -36.81 31.52
N LEU B 234 8.23 -37.20 30.64
CA LEU B 234 6.80 -37.16 30.92
C LEU B 234 6.27 -38.59 31.07
N PHE B 235 5.57 -38.84 32.18
CA PHE B 235 5.07 -40.15 32.55
C PHE B 235 3.56 -40.16 32.71
N ASP B 236 2.93 -41.17 32.13
CA ASP B 236 1.54 -41.49 32.39
C ASP B 236 1.59 -42.64 33.39
N VAL B 237 1.59 -42.29 34.68
CA VAL B 237 1.58 -43.28 35.75
C VAL B 237 0.15 -43.42 36.26
N THR B 238 -0.29 -44.67 36.43
CA THR B 238 -1.58 -44.99 37.01
C THR B 238 -1.35 -46.03 38.11
N ALA B 239 -1.89 -45.77 39.29
CA ALA B 239 -1.66 -46.64 40.44
C ALA B 239 -2.86 -46.59 41.36
N GLU B 240 -2.76 -47.33 42.47
CA GLU B 240 -3.84 -47.40 43.44
C GLU B 240 -3.80 -46.21 44.38
N PRO B 241 -4.93 -45.52 44.57
CA PRO B 241 -4.95 -44.36 45.48
C PRO B 241 -5.15 -44.75 46.93
N GLU B 242 -5.38 -43.73 47.79
CA GLU B 242 -5.67 -43.86 49.22
C GLU B 242 -4.51 -44.55 49.95
N GLU B 243 -3.38 -43.86 49.96
CA GLU B 243 -2.15 -44.16 50.68
C GLU B 243 -1.50 -45.46 50.22
N ALA B 244 -1.93 -46.03 49.09
CA ALA B 244 -1.27 -47.22 48.57
C ALA B 244 0.09 -46.89 47.98
N VAL B 245 0.17 -45.82 47.20
CA VAL B 245 1.43 -45.31 46.67
C VAL B 245 1.59 -43.93 47.27
N ALA B 246 2.31 -43.85 48.39
CA ALA B 246 2.26 -42.64 49.20
C ALA B 246 3.13 -41.52 48.61
N GLU B 247 4.36 -41.83 48.18
CA GLU B 247 5.18 -40.78 47.58
C GLU B 247 5.80 -41.22 46.27
N ILE B 248 5.86 -40.27 45.32
CA ILE B 248 6.50 -40.44 44.02
C ILE B 248 7.74 -39.55 44.01
N HIS B 249 8.92 -40.14 44.17
CA HIS B 249 10.14 -39.41 43.89
C HIS B 249 10.40 -39.47 42.40
N LEU B 250 10.41 -38.30 41.75
CA LEU B 250 10.21 -38.17 40.33
C LEU B 250 11.43 -37.47 39.74
N PRO B 251 11.97 -37.95 38.61
CA PRO B 251 13.30 -37.52 38.16
C PRO B 251 13.26 -36.20 37.42
N HIS B 252 13.87 -35.18 38.01
CA HIS B 252 14.24 -34.01 37.23
C HIS B 252 15.70 -34.14 36.85
N PHE B 253 16.27 -33.09 36.27
CA PHE B 253 17.71 -33.06 36.11
C PHE B 253 18.37 -31.76 36.57
N ILE B 254 17.64 -30.66 36.69
CA ILE B 254 18.26 -29.34 36.86
C ILE B 254 18.94 -29.23 38.21
N SER B 255 19.98 -28.40 38.27
CA SER B 255 20.95 -28.42 39.34
C SER B 255 20.41 -27.82 40.62
N LEU B 256 21.03 -28.19 41.74
CA LEU B 256 20.63 -27.78 43.09
C LEU B 256 21.77 -26.97 43.69
N GLN B 257 21.80 -25.68 43.38
CA GLN B 257 22.74 -24.75 44.00
C GLN B 257 21.95 -23.57 44.53
N ALA B 258 22.54 -22.87 45.51
CA ALA B 258 21.81 -21.82 46.22
C ALA B 258 21.60 -20.59 45.34
N GLY B 259 22.64 -20.15 44.64
CA GLY B 259 22.51 -18.99 43.77
C GLY B 259 21.81 -19.36 42.48
N GLU B 260 20.93 -18.46 42.03
CA GLU B 260 20.19 -18.48 40.75
C GLU B 260 19.21 -19.63 40.61
N VAL B 261 19.05 -20.50 41.62
CA VAL B 261 18.06 -21.57 41.61
C VAL B 261 17.37 -21.57 42.97
N ASP B 262 16.05 -21.49 42.96
CA ASP B 262 15.25 -21.46 44.18
C ASP B 262 14.34 -22.70 44.19
N VAL B 263 14.11 -23.23 45.39
CA VAL B 263 13.28 -24.41 45.54
C VAL B 263 11.81 -24.11 45.24
N SER B 264 11.36 -22.88 45.51
CA SER B 264 9.97 -22.52 45.24
C SER B 264 9.70 -22.27 43.76
N TRP B 265 10.74 -22.18 42.92
CA TRP B 265 10.55 -22.15 41.48
C TRP B 265 10.07 -23.49 40.93
N PHE B 266 10.28 -24.57 41.68
CA PHE B 266 9.89 -25.90 41.23
C PHE B 266 8.38 -26.04 41.28
N LEU B 267 7.79 -26.62 40.22
CA LEU B 267 6.40 -27.02 40.25
C LEU B 267 6.25 -28.39 39.59
N VAL B 268 5.24 -29.13 40.05
CA VAL B 268 4.87 -30.41 39.46
C VAL B 268 3.50 -30.24 38.81
N ALA B 269 3.40 -30.68 37.56
CA ALA B 269 2.18 -30.57 36.78
C ALA B 269 1.43 -31.90 36.78
N HIS B 270 0.13 -31.81 36.52
CA HIS B 270 -0.72 -32.98 36.29
C HIS B 270 -1.53 -32.70 35.03
N PHE B 271 -1.46 -33.61 34.08
CA PHE B 271 -2.15 -33.44 32.78
C PHE B 271 -3.49 -34.17 32.82
N LYS B 272 -4.47 -33.50 33.40
CA LYS B 272 -5.84 -33.99 33.36
C LYS B 272 -6.51 -33.59 32.06
N ASN B 273 -7.72 -34.14 31.85
CA ASN B 273 -8.62 -33.68 30.81
C ASN B 273 -9.06 -32.24 31.07
N GLU B 274 -9.01 -31.80 32.33
CA GLU B 274 -9.11 -30.39 32.66
C GLU B 274 -8.04 -29.59 31.95
N GLY B 275 -6.79 -30.03 32.07
CA GLY B 275 -5.65 -29.28 31.58
C GLY B 275 -4.40 -29.58 32.38
N MET B 276 -3.72 -28.54 32.85
CA MET B 276 -2.48 -28.67 33.60
C MET B 276 -2.66 -28.12 35.00
N VAL B 277 -2.43 -28.97 36.00
CA VAL B 277 -2.56 -28.60 37.40
C VAL B 277 -1.17 -28.51 38.01
N LEU B 278 -0.77 -27.32 38.44
CA LEU B 278 0.57 -27.07 38.96
C LEU B 278 0.54 -26.89 40.47
N GLU B 279 1.36 -27.67 41.18
CA GLU B 279 1.51 -27.47 42.61
C GLU B 279 2.98 -27.47 42.98
N HIS B 280 3.29 -26.75 44.05
CA HIS B 280 4.64 -26.75 44.60
C HIS B 280 4.92 -28.09 45.28
N PRO B 281 6.11 -28.65 45.09
CA PRO B 281 6.48 -29.85 45.85
C PRO B 281 7.03 -29.47 47.22
N ALA B 282 7.32 -30.47 48.05
CA ALA B 282 7.76 -30.21 49.42
C ALA B 282 9.29 -30.15 49.52
N ARG B 283 9.99 -31.07 48.88
CA ARG B 283 11.42 -31.24 49.04
C ARG B 283 12.02 -31.59 47.68
N VAL B 284 13.24 -31.12 47.43
CA VAL B 284 13.95 -31.45 46.20
C VAL B 284 15.24 -32.19 46.56
N GLU B 285 15.41 -33.36 45.98
CA GLU B 285 16.54 -34.27 46.11
C GLU B 285 17.53 -34.03 44.97
N PRO B 286 18.81 -34.42 45.08
CA PRO B 286 19.77 -33.99 44.06
C PRO B 286 19.64 -34.69 42.71
N PHE B 287 18.64 -35.55 42.51
CA PHE B 287 18.19 -35.89 41.17
C PHE B 287 16.68 -35.90 41.06
N TYR B 288 15.95 -35.78 42.17
CA TYR B 288 14.54 -36.13 42.25
C TYR B 288 13.77 -35.02 42.95
N ALA B 289 12.44 -35.06 42.81
CA ALA B 289 11.55 -34.24 43.62
C ALA B 289 10.39 -35.09 44.10
N VAL B 290 9.90 -34.78 45.30
CA VAL B 290 8.89 -35.62 45.92
C VAL B 290 7.49 -35.14 45.55
N LEU B 291 6.62 -36.08 45.20
CA LEU B 291 5.21 -35.85 44.98
C LEU B 291 4.47 -36.53 46.13
N GLU B 292 3.69 -35.73 46.87
CA GLU B 292 3.08 -36.14 48.13
C GLU B 292 1.62 -36.49 47.91
N SER B 293 1.28 -37.77 48.11
CA SER B 293 -0.07 -38.33 48.12
C SER B 293 -0.88 -37.98 46.88
N PRO B 294 -0.61 -38.60 45.73
CA PRO B 294 -1.39 -38.30 44.52
C PRO B 294 -2.85 -38.71 44.67
N SER B 295 -3.71 -37.93 44.03
CA SER B 295 -5.15 -38.17 44.11
C SER B 295 -5.63 -39.01 42.93
N ARG B 304 -5.34 -39.19 37.89
CA ARG B 304 -4.13 -39.86 38.36
C ARG B 304 -3.14 -40.06 37.23
N ILE B 305 -3.67 -40.20 36.01
CA ILE B 305 -2.81 -40.46 34.86
C ILE B 305 -2.09 -39.19 34.42
N ALA B 306 -1.01 -39.40 33.65
CA ALA B 306 -0.23 -38.35 32.98
C ALA B 306 0.39 -37.36 33.96
N SER B 307 0.69 -37.83 35.18
CA SER B 307 1.06 -36.90 36.24
C SER B 307 2.57 -36.74 36.38
N GLY B 308 3.37 -37.67 35.86
CA GLY B 308 4.80 -37.54 36.01
C GLY B 308 5.36 -36.43 35.15
N THR B 309 5.69 -35.30 35.78
CA THR B 309 5.92 -34.04 35.07
C THR B 309 7.09 -33.32 35.69
N ARG B 310 7.44 -32.18 35.08
CA ARG B 310 8.43 -31.27 35.65
C ARG B 310 8.29 -29.93 34.98
N LEU B 311 7.97 -28.88 35.75
CA LEU B 311 8.00 -27.52 35.24
C LEU B 311 8.80 -26.66 36.20
N SER B 312 9.03 -25.41 35.80
CA SER B 312 9.79 -24.46 36.61
C SER B 312 9.37 -23.05 36.23
N ILE B 313 9.11 -22.21 37.22
CA ILE B 313 8.89 -20.79 36.98
C ILE B 313 10.04 -20.01 37.57
N PRO B 314 11.06 -19.64 36.80
CA PRO B 314 12.00 -18.64 37.27
C PRO B 314 11.42 -17.24 37.14
N ILE B 315 11.92 -16.34 38.00
CA ILE B 315 11.68 -14.90 37.80
C ILE B 315 12.80 -14.27 37.01
N THR B 316 13.81 -15.04 36.64
CA THR B 316 14.97 -14.62 35.86
C THR B 316 14.90 -15.39 34.54
N SER B 317 15.64 -14.92 33.52
CA SER B 317 15.53 -15.41 32.15
C SER B 317 15.95 -16.88 32.01
N ASN B 318 15.67 -17.44 30.83
CA ASN B 318 15.82 -18.86 30.56
C ASN B 318 17.26 -19.30 30.36
N THR B 319 18.19 -18.36 30.17
CA THR B 319 19.53 -18.72 29.75
C THR B 319 20.41 -19.24 30.89
N LEU B 320 19.91 -19.27 32.12
CA LEU B 320 20.74 -19.56 33.27
C LEU B 320 20.07 -20.49 34.29
N ILE B 321 19.46 -21.57 33.81
CA ILE B 321 18.96 -22.61 34.71
C ILE B 321 20.08 -23.59 35.05
N TYR B 322 21.06 -23.73 34.15
CA TYR B 322 22.38 -24.35 34.37
C TYR B 322 22.30 -25.80 34.86
N TYR B 323 21.87 -26.67 33.95
CA TYR B 323 22.20 -28.08 34.08
C TYR B 323 22.93 -28.58 32.85
N HIS B 324 23.97 -29.38 33.08
CA HIS B 324 24.95 -30.00 32.20
C HIS B 324 24.45 -31.35 31.66
N PRO B 325 24.67 -31.58 30.37
CA PRO B 325 24.29 -32.86 29.77
C PRO B 325 25.17 -34.00 30.24
N HIS B 326 24.78 -35.21 29.87
CA HIS B 326 25.75 -36.28 29.87
C HIS B 326 26.02 -36.73 28.43
N PRO B 327 27.27 -36.69 27.99
CA PRO B 327 27.57 -37.09 26.62
C PRO B 327 27.54 -38.60 26.44
N GLU B 328 27.41 -39.00 25.18
CA GLU B 328 27.44 -40.42 24.83
C GLU B 328 28.04 -40.52 23.42
N ASP B 329 29.08 -41.35 23.29
CA ASP B 329 29.89 -41.41 22.08
C ASP B 329 30.15 -42.87 21.68
N ILE B 330 30.15 -43.11 20.37
CA ILE B 330 30.19 -44.45 19.79
C ILE B 330 31.27 -44.47 18.72
N LYS B 331 32.12 -45.50 18.74
CA LYS B 331 33.05 -45.77 17.66
C LYS B 331 32.56 -46.98 16.86
N PHE B 332 32.30 -46.79 15.56
CA PHE B 332 31.73 -47.88 14.76
C PHE B 332 32.56 -48.08 13.51
N HIS B 333 32.75 -49.35 13.16
CA HIS B 333 33.54 -49.78 12.00
C HIS B 333 32.66 -49.86 10.77
N LEU B 334 32.91 -48.99 9.78
CA LEU B 334 32.12 -48.95 8.56
C LEU B 334 32.98 -48.52 7.37
N TYR B 335 32.95 -49.34 6.32
CA TYR B 335 33.97 -49.44 5.24
C TYR B 335 35.40 -49.30 5.77
N LEU B 336 35.69 -50.06 6.85
CA LEU B 336 36.97 -50.05 7.56
C LEU B 336 37.36 -48.65 8.06
N VAL B 337 36.35 -47.82 8.36
CA VAL B 337 36.55 -46.45 8.81
C VAL B 337 35.65 -46.22 10.01
N PRO B 338 36.21 -45.90 11.18
CA PRO B 338 35.36 -45.64 12.36
C PRO B 338 34.67 -44.28 12.26
N SER B 339 33.35 -44.33 12.22
CA SER B 339 32.52 -43.15 12.43
C SER B 339 32.25 -43.06 13.92
N ASP B 340 32.48 -41.87 14.49
CA ASP B 340 32.10 -41.67 15.87
C ASP B 340 30.67 -41.10 15.93
N ALA B 341 30.14 -41.06 17.15
CA ALA B 341 28.77 -40.60 17.36
C ALA B 341 28.71 -40.00 18.76
N LEU B 342 28.73 -38.67 18.83
CA LEU B 342 28.75 -37.94 20.10
C LEU B 342 27.47 -37.11 20.21
N LEU B 343 26.71 -37.35 21.27
CA LEU B 343 25.52 -36.57 21.56
C LEU B 343 25.59 -36.06 22.99
N THR B 344 25.05 -34.85 23.20
CA THR B 344 25.13 -34.14 24.48
C THR B 344 23.74 -33.63 24.90
N LYS B 345 23.03 -34.47 25.65
CA LYS B 345 21.70 -34.15 26.16
C LYS B 345 21.62 -34.36 27.66
N ALA B 346 20.69 -33.63 28.29
CA ALA B 346 20.45 -33.72 29.72
C ALA B 346 19.93 -35.10 30.09
N ILE B 347 20.14 -35.48 31.35
CA ILE B 347 19.93 -36.86 31.75
C ILE B 347 18.43 -37.16 31.84
N ASP B 348 17.92 -37.75 30.77
CA ASP B 348 16.58 -38.33 30.69
C ASP B 348 16.77 -39.68 30.03
N ASP B 349 16.61 -40.75 30.82
CA ASP B 349 16.95 -42.09 30.34
C ASP B 349 16.01 -42.57 29.25
N GLU B 350 14.76 -42.10 29.26
CA GLU B 350 13.86 -42.43 28.16
C GLU B 350 14.24 -41.65 26.89
N GLU B 351 14.67 -40.40 27.04
CA GLU B 351 15.25 -39.68 25.91
C GLU B 351 16.54 -40.31 25.44
N ASP B 352 17.36 -40.83 26.38
CA ASP B 352 18.58 -41.54 26.02
C ASP B 352 18.29 -42.79 25.21
N ARG B 353 17.30 -43.59 25.64
CA ARG B 353 16.98 -44.80 24.90
C ARG B 353 16.27 -44.49 23.59
N PHE B 354 15.55 -43.37 23.50
CA PHE B 354 14.94 -43.02 22.22
C PHE B 354 15.98 -42.51 21.23
N HIS B 355 16.98 -41.76 21.71
CA HIS B 355 18.08 -41.37 20.82
C HIS B 355 18.93 -42.58 20.44
N GLY B 356 19.03 -43.56 21.33
CA GLY B 356 19.68 -44.81 20.98
C GLY B 356 18.96 -45.59 19.89
N VAL B 357 17.63 -45.72 20.02
CA VAL B 357 16.90 -46.47 18.99
C VAL B 357 16.72 -45.65 17.72
N ARG B 358 16.85 -44.32 17.80
CA ARG B 358 16.86 -43.49 16.60
C ARG B 358 18.20 -43.58 15.89
N LEU B 359 19.29 -43.74 16.64
CA LEU B 359 20.61 -43.95 16.08
C LEU B 359 20.85 -45.40 15.69
N GLN B 360 19.95 -46.32 16.05
CA GLN B 360 20.13 -47.74 15.76
C GLN B 360 20.04 -48.10 14.29
N THR B 361 19.62 -47.16 13.41
CA THR B 361 19.73 -47.39 11.98
C THR B 361 21.20 -47.54 11.56
N SER B 362 22.09 -46.75 12.14
CA SER B 362 23.54 -46.94 12.04
C SER B 362 24.02 -47.25 13.46
N PRO B 363 23.99 -48.52 13.86
CA PRO B 363 23.74 -48.90 15.28
C PRO B 363 24.83 -48.44 16.24
N PRO B 364 24.47 -48.16 17.49
CA PRO B 364 25.46 -47.73 18.47
C PRO B 364 26.01 -48.90 19.29
N MET B 365 27.14 -48.63 19.95
CA MET B 365 27.66 -49.40 21.08
C MET B 365 28.20 -48.40 22.08
N GLU B 366 27.74 -48.48 23.33
CA GLU B 366 27.92 -47.39 24.27
C GLU B 366 28.90 -47.78 25.37
N PRO B 367 30.11 -47.20 25.40
CA PRO B 367 30.95 -47.31 26.60
C PRO B 367 30.43 -46.42 27.72
N LEU B 368 30.93 -46.67 28.92
CA LEU B 368 30.46 -46.00 30.12
C LEU B 368 31.38 -44.83 30.46
N ASN B 369 31.05 -43.67 29.89
CA ASN B 369 31.73 -42.42 30.19
C ASN B 369 30.70 -41.34 30.52
N PHE B 370 31.01 -40.50 31.49
CA PHE B 370 30.14 -39.37 31.84
C PHE B 370 30.98 -38.09 31.87
N GLY B 371 30.54 -37.08 31.14
CA GLY B 371 31.12 -35.76 31.18
C GLY B 371 30.38 -34.82 32.10
N SER B 372 30.35 -35.14 33.39
CA SER B 372 29.59 -34.38 34.39
C SER B 372 30.51 -33.52 35.24
N SER B 373 31.52 -32.90 34.62
CA SER B 373 32.54 -32.19 35.38
C SER B 373 32.01 -30.89 35.99
N TYR B 374 31.51 -29.99 35.16
CA TYR B 374 31.02 -28.71 35.67
C TYR B 374 29.58 -28.45 35.26
N ILE B 375 29.13 -27.22 35.44
CA ILE B 375 27.77 -26.79 35.16
C ILE B 375 27.78 -25.89 33.91
N VAL B 376 26.91 -26.20 32.97
CA VAL B 376 26.77 -25.43 31.74
C VAL B 376 25.27 -25.13 31.54
N SER B 377 24.98 -23.94 31.03
CA SER B 377 23.63 -23.41 31.04
C SER B 377 22.89 -23.72 29.74
N ASN B 378 21.66 -23.23 29.65
CA ASN B 378 20.83 -23.35 28.46
C ASN B 378 21.34 -22.40 27.37
N SER B 379 21.09 -22.80 26.12
CA SER B 379 21.48 -22.05 24.91
C SER B 379 22.97 -21.81 24.85
N ALA B 380 23.75 -22.83 25.22
CA ALA B 380 25.20 -22.76 25.22
C ALA B 380 25.73 -23.34 23.92
N ASN B 381 26.62 -22.58 23.27
CA ASN B 381 27.27 -23.02 22.03
C ASN B 381 28.60 -23.67 22.40
N LEU B 382 28.72 -24.96 22.09
CA LEU B 382 29.88 -25.76 22.48
C LEU B 382 30.68 -26.12 21.24
N LYS B 383 32.00 -25.94 21.33
CA LYS B 383 32.91 -26.35 20.28
C LYS B 383 33.52 -27.69 20.63
N VAL B 384 33.59 -28.58 19.63
CA VAL B 384 34.25 -29.87 19.77
C VAL B 384 35.68 -29.76 19.22
N MET B 385 36.66 -30.03 20.08
CA MET B 385 38.07 -29.95 19.73
C MET B 385 38.70 -31.33 19.87
N PRO B 386 39.21 -31.93 18.81
CA PRO B 386 40.10 -33.08 18.98
C PRO B 386 41.53 -32.61 19.24
N LYS B 387 42.13 -33.07 20.35
CA LYS B 387 43.48 -32.62 20.69
C LYS B 387 44.51 -33.17 19.70
N GLU B 388 44.40 -34.44 19.34
CA GLU B 388 45.07 -34.97 18.16
C GLU B 388 44.03 -35.07 17.05
N LEU B 389 44.36 -34.54 15.88
CA LEU B 389 43.37 -34.10 14.91
C LEU B 389 43.11 -35.09 13.79
N LYS B 390 41.84 -35.24 13.45
CA LYS B 390 41.32 -35.85 12.23
C LYS B 390 40.48 -34.79 11.50
N LEU B 391 39.70 -35.24 10.52
CA LEU B 391 38.79 -34.37 9.80
C LEU B 391 37.71 -33.87 10.75
N SER B 392 37.81 -32.60 11.16
CA SER B 392 36.85 -32.03 12.10
C SER B 392 35.59 -31.60 11.38
N TYR B 393 34.44 -31.96 11.94
CA TYR B 393 33.15 -31.74 11.30
C TYR B 393 32.17 -31.18 12.31
N ARG B 394 31.19 -30.41 11.79
CA ARG B 394 30.07 -29.76 12.50
C ARG B 394 30.43 -29.18 13.87
N SER B 395 31.51 -28.42 13.92
CA SER B 395 32.10 -28.00 15.20
C SER B 395 31.21 -27.11 16.08
N PRO B 396 30.49 -26.06 15.58
CA PRO B 396 29.66 -25.34 16.57
C PRO B 396 28.36 -26.04 16.95
N GLY B 397 28.46 -27.00 17.88
CA GLY B 397 27.26 -27.64 18.39
C GLY B 397 26.58 -26.76 19.42
N GLU B 398 25.37 -27.15 19.79
CA GLU B 398 24.56 -26.34 20.72
C GLU B 398 23.89 -27.26 21.73
N ILE B 399 23.51 -26.67 22.86
CA ILE B 399 22.80 -27.40 23.92
C ILE B 399 21.33 -27.05 23.82
N GLN B 400 20.51 -28.01 23.39
CA GLN B 400 19.06 -27.88 23.42
C GLN B 400 18.42 -29.11 24.06
N HIS B 401 17.15 -28.95 24.42
CA HIS B 401 16.32 -30.02 24.94
C HIS B 401 15.01 -30.01 24.17
N PHE B 402 14.49 -31.20 23.88
CA PHE B 402 13.22 -31.32 23.16
C PHE B 402 12.56 -32.64 23.52
N SER B 403 11.42 -32.89 22.88
CA SER B 403 10.64 -34.10 23.12
C SER B 403 11.34 -35.33 22.55
N LYS B 404 10.82 -36.50 22.92
CA LYS B 404 11.49 -37.77 22.61
C LYS B 404 11.16 -38.28 21.20
N PHE B 405 11.35 -37.40 20.21
CA PHE B 405 11.35 -37.86 18.82
C PHE B 405 12.46 -37.28 17.96
N TYR B 406 12.93 -36.06 18.23
CA TYR B 406 13.60 -35.27 17.21
C TYR B 406 15.06 -35.69 17.05
N ALA B 407 15.67 -35.21 15.96
CA ALA B 407 17.10 -35.40 15.76
C ALA B 407 17.88 -34.53 16.75
N GLY B 408 18.92 -35.10 17.33
CA GLY B 408 19.72 -34.40 18.32
C GLY B 408 20.76 -33.50 17.67
N GLN B 409 21.63 -32.96 18.53
CA GLN B 409 22.79 -32.19 18.07
C GLN B 409 23.97 -33.15 18.00
N MET B 410 23.95 -34.02 17.00
CA MET B 410 24.93 -35.09 16.91
C MET B 410 26.25 -34.58 16.36
N LYS B 411 27.31 -35.33 16.64
CA LYS B 411 28.62 -35.14 16.04
C LYS B 411 29.05 -36.49 15.48
N GLU B 412 29.41 -36.52 14.20
CA GLU B 412 29.88 -37.75 13.55
C GLU B 412 31.22 -37.52 12.88
N PRO B 413 32.31 -37.47 13.64
CA PRO B 413 33.64 -37.36 13.02
C PRO B 413 34.11 -38.70 12.48
N ILE B 414 35.16 -38.62 11.66
CA ILE B 414 35.68 -39.75 10.90
C ILE B 414 37.11 -40.00 11.35
N GLN B 415 37.41 -41.26 11.71
CA GLN B 415 38.73 -41.60 12.22
C GLN B 415 39.64 -42.19 11.13
N LEU B 416 39.09 -43.01 10.22
CA LEU B 416 39.71 -43.53 9.00
C LEU B 416 40.84 -44.53 9.28
N GLU B 417 41.15 -44.80 10.55
CA GLU B 417 42.19 -45.73 10.93
C GLU B 417 41.80 -46.37 12.25
N ILE B 418 42.71 -47.16 12.82
CA ILE B 418 42.39 -47.99 13.98
C ILE B 418 43.32 -47.58 15.13
N THR B 419 43.68 -46.29 15.18
CA THR B 419 44.52 -45.78 16.26
C THR B 419 43.78 -45.83 17.60
N GLU B 420 44.56 -45.99 18.67
CA GLU B 420 44.02 -46.46 19.93
C GLU B 420 43.32 -45.39 20.76
N LYS B 421 43.88 -44.19 20.85
CA LYS B 421 43.44 -43.20 21.83
C LYS B 421 42.82 -42.00 21.13
N ARG B 422 41.81 -41.42 21.75
CA ARG B 422 41.11 -40.26 21.21
C ARG B 422 40.89 -39.24 22.31
N HIS B 423 41.36 -38.02 22.10
CA HIS B 423 41.27 -36.95 23.10
C HIS B 423 40.27 -35.91 22.61
N GLY B 424 39.09 -35.91 23.23
CA GLY B 424 38.00 -35.03 22.84
C GLY B 424 37.77 -33.96 23.90
N THR B 425 37.40 -32.76 23.44
CA THR B 425 37.19 -31.62 24.34
C THR B 425 35.93 -30.87 23.94
N LEU B 426 35.04 -30.67 24.91
CA LEU B 426 33.89 -29.77 24.79
C LEU B 426 34.27 -28.47 25.46
N VAL B 427 34.36 -27.39 24.68
CA VAL B 427 34.90 -26.12 25.15
C VAL B 427 33.90 -25.02 24.79
N TRP B 428 33.78 -24.01 25.66
CA TRP B 428 32.88 -22.91 25.39
C TRP B 428 33.46 -21.97 24.33
N ASP B 429 32.68 -20.95 23.98
CA ASP B 429 33.16 -19.87 23.14
C ASP B 429 33.01 -18.49 23.78
N THR B 430 31.95 -18.26 24.55
CA THR B 430 31.75 -16.94 25.15
C THR B 430 32.72 -16.70 26.29
N GLU B 431 32.92 -17.68 27.15
CA GLU B 431 33.89 -17.61 28.24
C GLU B 431 35.00 -18.61 27.95
N VAL B 432 36.23 -18.24 28.30
CA VAL B 432 37.43 -18.96 27.87
C VAL B 432 37.53 -20.36 28.48
N LYS B 433 36.87 -20.62 29.60
CA LYS B 433 37.04 -21.89 30.28
C LYS B 433 36.28 -23.00 29.55
N PRO B 434 36.91 -24.18 29.35
CA PRO B 434 36.19 -25.32 28.75
C PRO B 434 35.25 -25.97 29.74
N VAL B 435 34.58 -27.05 29.33
CA VAL B 435 33.67 -27.72 30.24
C VAL B 435 34.00 -29.21 30.35
N ASP B 436 34.65 -29.79 29.35
CA ASP B 436 34.70 -31.24 29.32
C ASP B 436 35.89 -31.74 28.50
N LEU B 437 36.57 -32.77 29.00
CA LEU B 437 37.67 -33.41 28.29
C LEU B 437 37.69 -34.90 28.61
N GLN B 438 37.72 -35.75 27.58
CA GLN B 438 37.92 -37.19 27.78
C GLN B 438 39.04 -37.71 26.90
N LEU B 439 39.57 -38.86 27.33
CA LEU B 439 40.52 -39.66 26.55
C LEU B 439 39.97 -41.07 26.51
N VAL B 440 39.57 -41.53 25.33
CA VAL B 440 38.79 -42.76 25.16
C VAL B 440 39.56 -43.71 24.24
N ALA B 441 39.54 -45.01 24.60
CA ALA B 441 40.31 -46.04 23.91
C ALA B 441 39.45 -46.81 22.92
N ALA B 442 40.14 -47.51 22.02
CA ALA B 442 39.54 -48.39 21.03
C ALA B 442 39.70 -49.86 21.40
N SER B 443 39.54 -50.18 22.70
CA SER B 443 39.75 -51.54 23.18
C SER B 443 38.73 -52.53 22.60
N ALA B 444 37.48 -52.12 22.48
CA ALA B 444 36.42 -52.95 21.91
C ALA B 444 35.71 -52.18 20.80
N PRO B 445 36.31 -52.12 19.60
CA PRO B 445 35.67 -51.39 18.49
C PRO B 445 34.68 -52.26 17.70
N LEU C 320 3.32 -16.20 14.86
CA LEU C 320 4.66 -16.61 14.47
C LEU C 320 5.21 -17.69 15.40
N ILE C 321 4.74 -18.93 15.21
CA ILE C 321 5.27 -20.04 15.99
C ILE C 321 6.66 -20.38 15.48
N TYR C 322 7.56 -20.67 16.41
CA TYR C 322 8.90 -21.13 16.08
C TYR C 322 8.92 -22.65 16.26
N TYR C 323 8.68 -23.38 15.18
CA TYR C 323 8.58 -24.82 15.19
C TYR C 323 9.92 -25.46 14.84
N HIS C 324 10.18 -26.61 15.45
CA HIS C 324 11.44 -27.33 15.23
C HIS C 324 11.46 -27.92 13.83
N PRO C 325 12.43 -27.56 12.99
CA PRO C 325 12.43 -28.02 11.60
C PRO C 325 12.91 -29.46 11.49
N HIS C 326 12.64 -30.05 10.32
CA HIS C 326 13.12 -31.38 9.98
C HIS C 326 13.99 -31.24 8.72
N PRO C 327 15.32 -31.14 8.90
CA PRO C 327 16.22 -31.29 7.76
C PRO C 327 16.75 -32.72 7.62
N GLU C 328 16.82 -33.21 6.38
CA GLU C 328 17.31 -34.55 6.13
C GLU C 328 17.83 -34.62 4.69
N ASP C 329 18.94 -35.31 4.50
CA ASP C 329 19.53 -35.49 3.17
C ASP C 329 19.53 -36.98 2.83
N ILE C 330 18.41 -37.46 2.31
CA ILE C 330 18.33 -38.80 1.75
C ILE C 330 19.19 -38.87 0.49
N LYS C 331 19.89 -39.99 0.28
CA LYS C 331 20.54 -40.23 -0.99
C LYS C 331 20.20 -41.63 -1.48
N PHE C 332 20.15 -41.79 -2.81
CA PHE C 332 19.98 -43.08 -3.45
C PHE C 332 20.91 -43.12 -4.65
N HIS C 333 21.93 -43.97 -4.57
CA HIS C 333 22.87 -44.11 -5.68
C HIS C 333 22.22 -44.97 -6.75
N LEU C 334 21.76 -44.32 -7.82
CA LEU C 334 21.20 -45.01 -8.97
C LEU C 334 22.36 -45.48 -9.86
N TYR C 335 22.04 -46.13 -10.98
CA TYR C 335 23.03 -46.85 -11.78
C TYR C 335 24.07 -45.92 -12.39
N LEU C 336 23.69 -44.72 -12.81
CA LEU C 336 24.70 -43.79 -13.31
C LEU C 336 24.57 -42.42 -12.63
N VAL C 337 23.34 -41.99 -12.35
CA VAL C 337 23.07 -40.66 -11.81
C VAL C 337 22.51 -40.80 -10.40
N PRO C 338 23.32 -40.58 -9.36
CA PRO C 338 22.82 -40.70 -7.97
C PRO C 338 21.90 -39.54 -7.61
N SER C 339 20.69 -39.89 -7.18
CA SER C 339 19.65 -38.92 -6.89
C SER C 339 19.52 -38.75 -5.38
N ASP C 340 19.65 -37.51 -4.92
CA ASP C 340 19.42 -37.21 -3.51
C ASP C 340 17.95 -36.81 -3.31
N ALA C 341 17.62 -36.50 -2.06
CA ALA C 341 16.27 -36.10 -1.69
C ALA C 341 16.41 -35.28 -0.41
N LEU C 342 16.30 -33.96 -0.54
CA LEU C 342 16.45 -33.05 0.58
C LEU C 342 15.06 -32.78 1.17
N LEU C 343 14.85 -33.27 2.39
CA LEU C 343 13.59 -33.09 3.10
C LEU C 343 13.75 -31.94 4.08
N THR C 344 13.03 -30.86 3.84
CA THR C 344 12.87 -29.76 4.80
C THR C 344 11.39 -29.70 5.13
N LYS C 345 11.02 -30.23 6.28
CA LYS C 345 9.61 -30.47 6.56
C LYS C 345 9.31 -30.28 8.04
N ALA C 346 8.13 -29.76 8.34
CA ALA C 346 7.59 -29.82 9.67
C ALA C 346 7.06 -31.22 9.95
N ILE C 347 6.99 -31.56 11.24
CA ILE C 347 6.74 -32.94 11.67
C ILE C 347 5.60 -32.97 12.68
N ASP C 348 4.72 -33.97 12.54
CA ASP C 348 3.66 -34.23 13.50
C ASP C 348 3.53 -35.71 13.82
N ASP C 349 4.56 -36.50 13.46
CA ASP C 349 4.77 -37.92 13.81
C ASP C 349 3.82 -38.89 13.10
N GLU C 350 3.34 -38.56 11.90
CA GLU C 350 2.74 -39.57 11.03
C GLU C 350 3.19 -39.51 9.57
N GLU C 351 3.68 -38.37 9.09
CA GLU C 351 3.93 -38.22 7.65
C GLU C 351 5.21 -38.90 7.19
N ASP C 352 6.12 -39.19 8.14
CA ASP C 352 7.46 -39.68 7.77
C ASP C 352 7.39 -41.08 7.20
N ARG C 353 6.64 -41.97 7.86
CA ARG C 353 6.52 -43.35 7.39
C ARG C 353 5.72 -43.42 6.09
N PHE C 354 4.69 -42.59 5.95
CA PHE C 354 3.87 -42.61 4.74
C PHE C 354 4.65 -42.08 3.53
N HIS C 355 5.41 -41.00 3.71
CA HIS C 355 6.24 -40.51 2.62
C HIS C 355 7.38 -41.47 2.31
N GLY C 356 7.93 -42.14 3.33
CA GLY C 356 8.96 -43.13 3.10
C GLY C 356 8.46 -44.33 2.31
N VAL C 357 7.29 -44.85 2.66
CA VAL C 357 6.75 -45.97 1.90
C VAL C 357 6.19 -45.54 0.56
N ARG C 358 5.93 -44.24 0.36
CA ARG C 358 5.73 -43.74 -1.00
C ARG C 358 7.02 -43.84 -1.80
N LEU C 359 8.15 -43.46 -1.20
CA LEU C 359 9.43 -43.48 -1.93
C LEU C 359 10.16 -44.83 -1.81
N GLN C 360 9.53 -45.87 -1.28
CA GLN C 360 10.16 -47.18 -1.22
C GLN C 360 10.23 -47.89 -2.57
N THR C 361 9.62 -47.34 -3.62
CA THR C 361 9.84 -47.84 -4.98
C THR C 361 11.30 -47.67 -5.39
N SER C 362 11.91 -46.57 -4.96
CA SER C 362 13.34 -46.33 -5.08
C SER C 362 13.95 -46.36 -3.68
N PRO C 363 14.24 -47.53 -3.11
CA PRO C 363 14.48 -47.64 -1.66
C PRO C 363 15.86 -47.15 -1.26
N PRO C 364 15.92 -46.03 -0.52
CA PRO C 364 17.22 -45.48 -0.10
C PRO C 364 17.66 -45.93 1.28
N MET C 365 18.78 -45.37 1.74
CA MET C 365 19.17 -45.34 3.14
C MET C 365 19.09 -43.89 3.59
N GLU C 366 19.23 -43.64 4.90
CA GLU C 366 19.18 -42.27 5.45
C GLU C 366 20.53 -41.85 6.01
N PRO C 367 21.33 -41.11 5.24
CA PRO C 367 22.53 -40.46 5.80
C PRO C 367 22.20 -39.14 6.48
N LEU C 368 21.85 -39.20 7.77
CA LEU C 368 21.50 -38.00 8.52
C LEU C 368 22.71 -37.08 8.69
N ASN C 369 22.43 -35.82 8.98
CA ASN C 369 23.45 -34.78 9.00
C ASN C 369 23.12 -33.81 10.12
N PHE C 370 23.71 -32.61 10.06
CA PHE C 370 23.58 -31.60 11.10
C PHE C 370 22.14 -31.12 11.19
N GLY C 371 21.49 -31.40 12.32
CA GLY C 371 20.13 -30.92 12.53
C GLY C 371 20.10 -29.42 12.77
N SER C 372 18.95 -28.83 12.47
CA SER C 372 18.78 -27.38 12.57
C SER C 372 18.68 -26.99 14.04
N SER C 373 19.79 -26.50 14.59
CA SER C 373 19.79 -26.05 15.97
C SER C 373 18.96 -24.79 16.16
N TYR C 374 19.10 -23.83 15.24
CA TYR C 374 18.22 -22.68 15.26
C TYR C 374 16.88 -23.03 14.63
N ILE C 375 15.88 -22.22 14.94
CA ILE C 375 14.48 -22.60 14.79
C ILE C 375 13.80 -21.63 13.81
N VAL C 376 12.98 -22.17 12.91
CA VAL C 376 12.36 -21.39 11.85
C VAL C 376 10.91 -21.08 12.22
N SER C 377 10.31 -20.16 11.46
CA SER C 377 9.00 -19.58 11.78
C SER C 377 8.00 -19.88 10.65
N ASN C 378 6.83 -19.25 10.75
CA ASN C 378 5.77 -19.42 9.76
C ASN C 378 6.10 -18.68 8.47
N SER C 379 5.38 -19.07 7.40
CA SER C 379 5.55 -18.55 6.04
C SER C 379 7.00 -18.67 5.57
N ALA C 380 7.60 -19.81 5.86
CA ALA C 380 9.05 -19.97 5.77
C ALA C 380 9.46 -20.22 4.33
N ASN C 381 9.94 -19.16 3.68
CA ASN C 381 10.63 -19.25 2.41
C ASN C 381 12.12 -19.09 2.68
N LEU C 382 12.89 -20.13 2.40
CA LEU C 382 14.32 -20.17 2.67
C LEU C 382 15.03 -20.45 1.36
N LYS C 383 16.34 -20.19 1.34
CA LYS C 383 17.19 -20.63 0.24
C LYS C 383 18.04 -21.80 0.70
N VAL C 384 17.91 -22.92 -0.01
CA VAL C 384 18.78 -24.08 0.15
C VAL C 384 19.90 -23.88 -0.87
N MET C 385 20.97 -23.22 -0.44
CA MET C 385 22.04 -22.86 -1.36
C MET C 385 23.20 -23.82 -1.18
N PRO C 386 23.52 -24.65 -2.18
CA PRO C 386 24.80 -25.38 -2.15
C PRO C 386 25.94 -24.41 -2.40
N LYS C 387 27.11 -24.75 -1.85
CA LYS C 387 28.28 -23.89 -2.03
C LYS C 387 28.80 -23.94 -3.46
N GLU C 388 28.63 -25.07 -4.13
CA GLU C 388 28.94 -25.20 -5.55
C GLU C 388 27.65 -25.30 -6.35
N LEU C 389 27.78 -25.53 -7.65
CA LEU C 389 26.63 -25.65 -8.53
C LEU C 389 26.17 -27.10 -8.64
N LYS C 390 24.85 -27.29 -8.62
CA LYS C 390 24.25 -28.61 -8.78
C LYS C 390 23.02 -28.48 -9.66
N LEU C 391 22.36 -29.61 -9.91
CA LEU C 391 21.11 -29.63 -10.67
C LEU C 391 20.02 -28.97 -9.83
N SER C 392 19.65 -27.74 -10.18
CA SER C 392 18.80 -26.93 -9.30
C SER C 392 17.76 -26.17 -10.12
N TYR C 393 16.56 -26.74 -10.23
CA TYR C 393 15.36 -25.94 -10.37
C TYR C 393 14.85 -25.67 -8.95
N ARG C 394 13.70 -24.99 -8.84
CA ARG C 394 12.91 -24.73 -7.62
C ARG C 394 13.73 -24.40 -6.37
N SER C 395 14.78 -23.60 -6.56
CA SER C 395 15.81 -23.42 -5.54
C SER C 395 15.35 -22.78 -4.21
N PRO C 396 14.40 -21.85 -4.16
CA PRO C 396 13.81 -21.54 -2.85
C PRO C 396 12.97 -22.69 -2.32
N GLY C 397 13.22 -23.06 -1.07
CA GLY C 397 12.41 -24.04 -0.39
C GLY C 397 11.38 -23.38 0.51
N GLU C 398 10.28 -24.10 0.75
CA GLU C 398 9.18 -23.57 1.53
C GLU C 398 8.78 -24.60 2.59
N ILE C 399 8.37 -24.11 3.75
CA ILE C 399 7.94 -24.96 4.85
C ILE C 399 6.46 -24.74 5.06
N GLN C 400 5.65 -25.77 4.80
CA GLN C 400 4.21 -25.73 5.03
C GLN C 400 3.76 -27.05 5.64
N HIS C 401 2.61 -27.00 6.30
CA HIS C 401 1.98 -28.20 6.85
C HIS C 401 1.02 -28.80 5.84
N PHE C 402 0.86 -30.12 5.90
CA PHE C 402 -0.02 -30.83 4.99
C PHE C 402 -0.48 -32.12 5.65
N SER C 403 -1.65 -32.60 5.23
CA SER C 403 -2.25 -33.81 5.78
C SER C 403 -1.62 -35.05 5.13
N LYS C 404 -2.15 -36.21 5.47
CA LYS C 404 -1.56 -37.48 5.01
C LYS C 404 -2.15 -37.93 3.67
N PHE C 405 -2.20 -37.02 2.70
CA PHE C 405 -2.56 -37.37 1.34
C PHE C 405 -1.72 -36.64 0.29
N TYR C 406 -0.97 -35.61 0.65
CA TYR C 406 -0.25 -34.79 -0.31
C TYR C 406 1.25 -35.10 -0.27
N ALA C 407 1.92 -34.80 -1.37
CA ALA C 407 3.37 -34.97 -1.44
C ALA C 407 4.06 -33.91 -0.60
N GLY C 408 5.28 -34.23 -0.16
CA GLY C 408 6.02 -33.32 0.70
C GLY C 408 6.65 -32.17 -0.09
N GLN C 409 6.65 -31.00 0.52
CA GLN C 409 7.37 -29.84 -0.03
C GLN C 409 8.85 -30.05 0.21
N MET C 410 9.54 -30.58 -0.78
CA MET C 410 10.90 -31.07 -0.62
C MET C 410 11.62 -31.04 -1.96
N LYS C 411 12.94 -31.07 -1.89
CA LYS C 411 13.80 -31.01 -3.06
C LYS C 411 14.21 -32.41 -3.48
N GLU C 412 14.24 -32.66 -4.78
CA GLU C 412 14.71 -33.93 -5.33
C GLU C 412 15.85 -33.66 -6.31
N PRO C 413 17.05 -33.40 -5.80
CA PRO C 413 18.19 -33.15 -6.69
C PRO C 413 18.79 -34.45 -7.20
N ILE C 414 19.59 -34.33 -8.25
CA ILE C 414 20.40 -35.42 -8.77
C ILE C 414 21.80 -34.89 -8.93
N GLN C 415 22.77 -35.47 -8.23
CA GLN C 415 24.10 -34.89 -8.23
C GLN C 415 25.00 -35.48 -9.31
N LEU C 416 24.49 -36.46 -10.07
CA LEU C 416 24.91 -36.79 -11.43
C LEU C 416 26.30 -37.41 -11.59
N GLU C 417 27.08 -37.50 -10.52
CA GLU C 417 28.42 -38.06 -10.62
C GLU C 417 28.79 -38.67 -9.27
N ILE C 418 30.09 -38.90 -9.05
CA ILE C 418 30.57 -39.62 -7.89
C ILE C 418 31.51 -38.76 -7.05
N THR C 419 31.27 -37.45 -6.99
CA THR C 419 32.06 -36.58 -6.14
C THR C 419 31.85 -36.91 -4.66
N GLU C 420 32.92 -36.72 -3.88
CA GLU C 420 32.98 -37.23 -2.52
C GLU C 420 32.09 -36.42 -1.57
N LYS C 421 32.12 -35.10 -1.68
CA LYS C 421 31.51 -34.22 -0.68
C LYS C 421 30.50 -33.28 -1.34
N ARG C 422 29.60 -32.75 -0.51
CA ARG C 422 28.70 -31.69 -0.93
C ARG C 422 28.33 -30.88 0.32
N HIS C 423 28.24 -29.56 0.16
CA HIS C 423 28.04 -28.65 1.28
C HIS C 423 26.93 -27.67 0.96
N GLY C 424 25.99 -27.50 1.89
CA GLY C 424 24.87 -26.63 1.67
C GLY C 424 24.59 -25.76 2.88
N THR C 425 23.78 -24.72 2.66
CA THR C 425 23.35 -23.83 3.73
C THR C 425 21.90 -23.43 3.50
N LEU C 426 21.28 -22.95 4.58
CA LEU C 426 19.88 -22.52 4.57
C LEU C 426 19.82 -21.08 5.04
N VAL C 427 19.36 -20.19 4.17
CA VAL C 427 19.48 -18.75 4.38
C VAL C 427 18.11 -18.09 4.30
N TRP C 428 17.82 -17.22 5.28
CA TRP C 428 16.58 -16.45 5.33
C TRP C 428 16.59 -15.31 4.31
N ASP C 429 15.40 -14.71 4.12
CA ASP C 429 15.23 -13.65 3.13
C ASP C 429 15.60 -12.25 3.64
N THR C 430 14.88 -11.76 4.66
CA THR C 430 15.13 -10.41 5.15
C THR C 430 16.24 -10.36 6.20
N GLU C 431 16.66 -11.51 6.72
CA GLU C 431 17.68 -11.54 7.73
C GLU C 431 19.06 -11.42 7.08
N VAL C 432 20.08 -11.28 7.93
CA VAL C 432 21.47 -11.27 7.50
C VAL C 432 22.21 -12.52 7.93
N LYS C 433 21.48 -13.53 8.44
CA LYS C 433 22.09 -14.69 9.06
C LYS C 433 21.56 -15.98 8.42
N PRO C 434 22.38 -17.02 8.36
CA PRO C 434 21.87 -18.34 7.97
C PRO C 434 21.28 -19.07 9.16
N VAL C 435 20.67 -20.22 8.89
CA VAL C 435 20.02 -20.99 9.94
C VAL C 435 20.52 -22.43 10.04
N ASP C 436 21.04 -23.05 8.97
CA ASP C 436 21.55 -24.41 9.04
C ASP C 436 22.68 -24.56 8.04
N LEU C 437 23.81 -25.10 8.49
CA LEU C 437 24.99 -25.29 7.65
C LEU C 437 25.27 -26.79 7.57
N GLN C 438 24.82 -27.42 6.49
CA GLN C 438 24.85 -28.87 6.37
C GLN C 438 25.99 -29.35 5.49
N LEU C 439 26.49 -30.54 5.79
CA LEU C 439 27.55 -31.21 5.05
C LEU C 439 27.13 -32.65 4.81
N VAL C 440 27.42 -33.18 3.62
CA VAL C 440 27.11 -34.57 3.30
C VAL C 440 28.29 -35.16 2.53
N ALA C 441 28.65 -36.39 2.86
CA ALA C 441 29.72 -37.12 2.20
C ALA C 441 29.15 -38.33 1.47
N ALA C 442 29.61 -38.53 0.24
CA ALA C 442 29.17 -39.66 -0.58
C ALA C 442 30.10 -40.86 -0.48
N SER C 443 30.77 -41.03 0.67
CA SER C 443 31.75 -42.10 0.81
C SER C 443 31.09 -43.44 1.09
N ALA C 444 29.81 -43.46 1.47
CA ALA C 444 29.08 -44.69 1.72
C ALA C 444 27.76 -44.68 0.95
N PRO C 445 27.80 -44.99 -0.34
CA PRO C 445 26.57 -44.95 -1.15
C PRO C 445 25.76 -46.22 -0.97
N PRO C 446 24.46 -46.11 -0.62
CA PRO C 446 23.58 -47.27 -0.55
C PRO C 446 23.26 -47.85 -1.93
N ASP D 18 42.02 7.90 -0.53
CA ASP D 18 43.28 8.16 -1.21
C ASP D 18 43.93 9.44 -0.68
N ASP D 19 43.77 10.54 -1.43
CA ASP D 19 44.34 11.82 -1.03
C ASP D 19 43.24 12.77 -0.60
N PRO D 20 43.11 13.08 0.69
CA PRO D 20 42.08 14.04 1.12
C PRO D 20 42.44 15.49 0.85
N ALA D 21 43.68 15.79 0.51
CA ALA D 21 44.08 17.14 0.15
C ALA D 21 43.83 17.46 -1.32
N ALA D 22 43.46 16.47 -2.13
CA ALA D 22 43.16 16.69 -3.54
C ALA D 22 41.68 16.43 -3.85
N ARG D 23 40.82 16.50 -2.83
CA ARG D 23 39.38 16.34 -3.00
C ARG D 23 38.69 17.61 -2.55
N PHE D 24 38.00 18.27 -3.48
CA PHE D 24 37.29 19.52 -3.21
C PHE D 24 36.16 19.29 -2.23
N GLN D 25 36.09 20.11 -1.20
CA GLN D 25 34.99 20.07 -0.25
C GLN D 25 33.99 21.15 -0.63
N VAL D 26 32.75 20.73 -0.90
CA VAL D 26 31.71 21.68 -1.23
C VAL D 26 31.30 22.41 0.03
N GLN D 27 31.13 23.72 -0.08
CA GLN D 27 30.82 24.55 1.09
C GLN D 27 29.42 24.24 1.61
N LYS D 28 29.35 23.88 2.90
CA LYS D 28 28.07 23.56 3.51
C LYS D 28 27.29 24.84 3.78
N HIS D 29 26.27 25.09 2.96
CA HIS D 29 25.37 26.21 3.12
C HIS D 29 24.14 25.77 3.91
N SER D 30 23.55 26.71 4.65
CA SER D 30 22.24 26.49 5.22
C SER D 30 21.18 26.42 4.13
N TRP D 31 20.00 25.91 4.51
CA TRP D 31 18.87 25.80 3.59
C TRP D 31 18.45 27.16 3.06
N ASP D 32 18.35 28.17 3.94
CA ASP D 32 17.99 29.51 3.49
C ASP D 32 19.08 30.11 2.62
N GLY D 33 20.34 29.80 2.92
CA GLY D 33 21.44 30.12 2.01
C GLY D 33 21.26 29.53 0.62
N LEU D 34 20.92 28.24 0.56
CA LEU D 34 20.69 27.57 -0.72
C LEU D 34 19.52 28.18 -1.48
N ARG D 35 18.45 28.55 -0.77
CA ARG D 35 17.37 29.30 -1.39
C ARG D 35 17.85 30.63 -1.93
N SER D 36 18.68 31.35 -1.16
CA SER D 36 19.27 32.61 -1.60
C SER D 36 20.09 32.44 -2.88
N ILE D 37 20.77 31.30 -3.01
CA ILE D 37 21.58 31.02 -4.20
C ILE D 37 20.69 30.71 -5.40
N ILE D 38 19.68 29.85 -5.23
CA ILE D 38 18.75 29.54 -6.31
C ILE D 38 17.97 30.78 -6.74
N HIS D 39 17.52 31.59 -5.77
CA HIS D 39 16.84 32.84 -6.12
C HIS D 39 17.78 33.78 -6.88
N GLY D 40 19.04 33.92 -6.40
CA GLY D 40 19.99 34.72 -7.14
C GLY D 40 20.31 34.19 -8.52
N SER D 41 20.06 32.89 -8.75
CA SER D 41 20.21 32.34 -10.09
C SER D 41 19.06 32.78 -10.97
N ARG D 42 17.84 32.76 -10.42
CA ARG D 42 16.64 33.07 -11.19
C ARG D 42 16.02 34.41 -10.83
N LYS D 43 16.84 35.41 -10.49
CA LYS D 43 16.31 36.76 -10.30
C LYS D 43 16.20 37.52 -11.61
N TYR D 44 16.52 36.89 -12.73
CA TYR D 44 16.36 37.40 -14.09
C TYR D 44 15.76 36.33 -14.98
N SER D 45 14.78 35.59 -14.43
CA SER D 45 14.26 34.40 -15.11
C SER D 45 13.42 34.77 -16.32
N GLY D 46 12.67 35.88 -16.23
CA GLY D 46 11.85 36.30 -17.37
C GLY D 46 12.68 36.79 -18.53
N LEU D 47 13.90 37.28 -18.26
CA LEU D 47 14.81 37.66 -19.34
C LEU D 47 15.41 36.44 -20.02
N ILE D 48 15.54 35.33 -19.30
CA ILE D 48 16.10 34.11 -19.90
C ILE D 48 15.06 33.45 -20.79
N VAL D 49 13.98 32.97 -20.19
CA VAL D 49 12.91 32.27 -20.94
C VAL D 49 11.87 33.33 -21.31
N ASN D 50 12.12 33.98 -22.43
CA ASN D 50 11.17 34.96 -22.96
C ASN D 50 10.12 34.33 -23.86
N LYS D 51 10.12 32.99 -23.97
CA LYS D 51 9.27 32.20 -24.87
C LYS D 51 9.38 32.73 -26.30
N ALA D 52 10.58 32.52 -26.83
CA ALA D 52 11.00 33.09 -28.11
C ALA D 52 10.07 32.62 -29.23
N PRO D 53 9.76 33.47 -30.21
CA PRO D 53 8.58 33.28 -31.06
C PRO D 53 8.61 32.02 -31.93
N HIS D 54 7.42 31.65 -32.38
CA HIS D 54 7.16 30.39 -33.06
C HIS D 54 5.85 30.53 -33.82
N ASP D 55 5.57 29.53 -34.66
CA ASP D 55 4.38 29.48 -35.54
C ASP D 55 4.36 30.69 -36.49
N PHE D 56 5.46 30.86 -37.21
CA PHE D 56 5.64 32.03 -38.06
C PHE D 56 4.82 31.91 -39.34
N GLN D 57 4.18 33.01 -39.73
CA GLN D 57 3.34 33.03 -40.93
C GLN D 57 3.58 34.31 -41.74
N PHE D 58 4.27 34.14 -42.87
CA PHE D 58 4.52 35.19 -43.85
C PHE D 58 3.28 35.44 -44.70
N VAL D 59 2.88 36.71 -44.86
CA VAL D 59 1.81 37.06 -45.80
C VAL D 59 2.25 38.24 -46.66
N GLN D 60 2.06 38.12 -47.96
CA GLN D 60 2.46 39.13 -48.93
C GLN D 60 1.49 40.32 -48.93
N LYS D 61 2.01 41.50 -49.28
CA LYS D 61 1.23 42.72 -49.24
C LYS D 61 0.44 42.97 -50.53
N THR D 62 1.09 42.75 -51.68
CA THR D 62 0.52 42.94 -53.04
C THR D 62 0.02 44.37 -53.26
N ASP D 63 0.95 45.32 -53.20
CA ASP D 63 0.61 46.67 -53.62
C ASP D 63 1.71 47.28 -54.50
N GLU D 64 2.96 46.86 -54.26
CA GLU D 64 4.19 47.37 -54.88
C GLU D 64 4.37 48.88 -54.71
N SER D 65 3.77 49.47 -53.67
CA SER D 65 3.90 50.90 -53.40
C SER D 65 4.21 51.22 -51.96
N GLY D 66 3.86 50.35 -51.01
CA GLY D 66 4.16 50.58 -49.62
C GLY D 66 5.59 50.23 -49.29
N PRO D 67 5.95 50.39 -48.02
CA PRO D 67 7.34 50.11 -47.62
C PRO D 67 7.60 48.64 -47.28
N HIS D 68 6.58 47.92 -46.80
CA HIS D 68 6.78 46.57 -46.32
C HIS D 68 6.23 45.56 -47.33
N SER D 69 7.03 44.52 -47.60
CA SER D 69 6.69 43.50 -48.58
C SER D 69 5.77 42.44 -48.01
N HIS D 70 5.98 42.05 -46.75
CA HIS D 70 5.19 41.04 -46.07
C HIS D 70 4.84 41.50 -44.66
N ARG D 71 4.04 40.67 -44.00
CA ARG D 71 3.83 40.72 -42.56
C ARG D 71 4.10 39.34 -41.99
N LEU D 72 5.04 39.27 -41.06
CA LEU D 72 5.42 38.06 -40.34
C LEU D 72 4.62 37.98 -39.04
N TYR D 73 3.88 36.89 -38.85
CA TYR D 73 3.07 36.62 -37.66
C TYR D 73 3.69 35.56 -36.76
N TYR D 74 3.60 35.78 -35.44
CA TYR D 74 4.26 34.93 -34.44
C TYR D 74 3.64 35.17 -33.07
N LEU D 75 4.00 34.30 -32.12
CA LEU D 75 3.62 34.39 -30.70
C LEU D 75 4.67 35.08 -29.83
N GLY D 76 4.20 35.78 -28.80
CA GLY D 76 5.09 36.49 -27.89
C GLY D 76 4.34 37.07 -26.71
N MET D 77 5.11 37.54 -25.72
CA MET D 77 4.60 38.54 -24.79
C MET D 77 5.16 39.90 -25.17
N PRO D 78 4.35 40.96 -25.21
CA PRO D 78 4.88 42.31 -25.46
C PRO D 78 5.48 42.99 -24.23
N TYR D 79 5.82 42.20 -23.20
CA TYR D 79 6.39 42.63 -21.92
C TYR D 79 5.42 43.49 -21.09
N GLY D 80 4.14 43.46 -21.43
CA GLY D 80 3.13 44.11 -20.62
C GLY D 80 2.34 43.10 -19.81
N SER D 81 2.50 41.83 -20.16
CA SER D 81 1.78 40.75 -19.49
C SER D 81 2.56 39.46 -19.65
N ARG D 82 2.22 38.48 -18.81
CA ARG D 82 2.83 37.16 -18.87
C ARG D 82 2.19 36.27 -19.94
N GLU D 83 0.98 36.60 -20.37
CA GLU D 83 0.30 35.79 -21.37
C GLU D 83 0.90 35.87 -22.76
N ASN D 84 0.99 34.73 -23.45
CA ASN D 84 1.49 34.69 -24.81
C ASN D 84 0.39 35.22 -25.74
N SER D 85 0.76 36.05 -26.71
CA SER D 85 -0.24 36.61 -27.61
C SER D 85 0.20 36.78 -29.05
N LEU D 86 -0.79 36.79 -29.95
CA LEU D 86 -0.56 37.00 -31.37
C LEU D 86 0.03 38.37 -31.63
N LEU D 87 1.08 38.43 -32.45
CA LEU D 87 1.77 39.68 -32.73
C LEU D 87 2.06 39.70 -34.22
N TYR D 88 2.66 40.78 -34.69
CA TYR D 88 3.18 40.81 -36.05
C TYR D 88 4.39 41.72 -36.16
N SER D 89 5.18 41.47 -37.20
CA SER D 89 6.30 42.32 -37.60
C SER D 89 6.09 42.79 -39.03
N GLU D 90 6.72 43.89 -39.39
CA GLU D 90 6.67 44.41 -40.75
C GLU D 90 8.04 44.26 -41.41
N ILE D 91 8.12 43.36 -42.38
CA ILE D 91 9.37 43.07 -43.09
C ILE D 91 9.48 44.03 -44.28
N PRO D 92 10.46 44.92 -44.31
CA PRO D 92 10.54 45.89 -45.40
C PRO D 92 11.11 45.28 -46.67
N LYS D 93 10.65 45.79 -47.81
CA LYS D 93 11.15 45.27 -49.08
C LYS D 93 12.54 45.80 -49.42
N LYS D 94 12.90 46.97 -48.91
CA LYS D 94 14.24 47.52 -49.08
C LYS D 94 14.89 47.66 -47.71
N VAL D 95 16.13 47.17 -47.59
CA VAL D 95 16.89 47.27 -46.36
C VAL D 95 18.26 47.84 -46.72
N ARG D 96 18.85 48.56 -45.77
CA ARG D 96 20.13 49.24 -45.99
C ARG D 96 21.24 48.50 -45.26
N LYS D 97 22.46 48.64 -45.78
CA LYS D 97 23.62 48.01 -45.18
C LYS D 97 24.03 48.74 -43.90
N GLU D 98 24.85 48.05 -43.09
CA GLU D 98 25.34 48.50 -41.79
C GLU D 98 24.17 48.88 -40.87
N ALA D 99 23.36 47.85 -40.56
CA ALA D 99 22.18 48.04 -39.73
C ALA D 99 21.83 46.72 -39.07
N LEU D 100 22.06 46.63 -37.76
CA LEU D 100 21.55 45.51 -36.97
C LEU D 100 20.07 45.82 -36.68
N LEU D 101 19.23 45.48 -37.65
CA LEU D 101 17.83 45.90 -37.64
C LEU D 101 17.07 45.03 -36.65
N LEU D 102 16.53 45.67 -35.61
CA LEU D 102 15.82 44.99 -34.54
C LEU D 102 14.42 45.58 -34.49
N LEU D 103 13.41 44.72 -34.57
CA LEU D 103 12.04 45.16 -34.77
C LEU D 103 11.20 44.95 -33.52
N SER D 104 10.36 45.93 -33.23
CA SER D 104 9.42 45.84 -32.12
C SER D 104 8.33 44.82 -32.42
N TRP D 105 7.68 44.37 -31.36
CA TRP D 105 6.64 43.35 -31.45
C TRP D 105 5.29 44.06 -31.48
N LYS D 106 4.74 44.26 -32.68
CA LYS D 106 3.49 45.00 -32.83
C LYS D 106 2.32 44.12 -32.41
N GLN D 107 1.51 44.65 -31.50
CA GLN D 107 0.55 43.83 -30.76
C GLN D 107 -0.84 43.91 -31.39
N MET D 108 -1.44 42.73 -31.59
CA MET D 108 -2.60 42.51 -32.46
C MET D 108 -3.93 42.84 -31.78
N LEU D 109 -4.19 42.32 -30.59
CA LEU D 109 -5.50 42.41 -29.96
C LEU D 109 -5.57 43.62 -29.01
N ASP D 110 -6.74 43.82 -28.42
CA ASP D 110 -6.94 44.97 -27.52
C ASP D 110 -6.84 44.55 -26.05
N HIS D 111 -5.65 44.07 -25.69
CA HIS D 111 -5.14 43.88 -24.32
C HIS D 111 -6.06 43.06 -23.40
N PHE D 112 -6.96 42.23 -23.94
CA PHE D 112 -7.90 41.53 -23.08
C PHE D 112 -7.24 40.30 -22.48
N GLN D 113 -7.94 39.65 -21.55
CA GLN D 113 -7.37 38.56 -20.77
C GLN D 113 -7.42 37.28 -21.58
N ALA D 114 -6.25 36.79 -21.99
CA ALA D 114 -6.14 35.51 -22.67
C ALA D 114 -5.88 34.35 -21.70
N ILE D 139 -3.41 33.03 -25.88
CA ILE D 139 -3.74 32.30 -27.10
C ILE D 139 -2.55 31.50 -27.60
N THR D 140 -2.74 30.19 -27.74
CA THR D 140 -1.68 29.30 -28.20
C THR D 140 -2.19 28.35 -29.27
N SER D 141 -1.27 27.86 -30.11
CA SER D 141 -1.58 26.94 -31.21
C SER D 141 -2.67 27.47 -32.14
N TYR D 142 -2.57 28.75 -32.47
CA TYR D 142 -3.53 29.39 -33.35
C TYR D 142 -3.56 28.78 -34.74
N ASP D 143 -4.73 28.81 -35.38
CA ASP D 143 -4.89 28.29 -36.72
C ASP D 143 -5.03 29.51 -37.62
N PHE D 144 -4.54 29.35 -38.84
CA PHE D 144 -4.46 30.40 -39.84
C PHE D 144 -4.87 29.89 -41.20
N HIS D 145 -5.59 30.72 -41.94
CA HIS D 145 -5.94 30.40 -43.32
C HIS D 145 -5.47 31.57 -44.17
N SER D 146 -4.59 31.27 -45.12
CA SER D 146 -3.80 32.28 -45.83
C SER D 146 -4.65 33.15 -46.74
N GLU D 147 -5.66 32.57 -47.39
CA GLU D 147 -6.40 33.26 -48.45
C GLU D 147 -7.20 34.44 -47.90
N SER D 148 -8.12 34.17 -46.97
CA SER D 148 -8.81 35.25 -46.30
C SER D 148 -7.97 35.93 -45.23
N GLY D 149 -6.85 35.33 -44.83
CA GLY D 149 -6.05 35.88 -43.75
C GLY D 149 -6.73 35.74 -42.40
N LEU D 150 -7.30 34.58 -42.13
CA LEU D 150 -8.12 34.36 -40.94
C LEU D 150 -7.28 33.77 -39.81
N PHE D 151 -7.37 34.39 -38.63
CA PHE D 151 -6.66 33.96 -37.42
C PHE D 151 -7.69 33.51 -36.41
N LEU D 152 -7.88 32.20 -36.31
CA LEU D 152 -8.78 31.58 -35.35
C LEU D 152 -7.95 30.97 -34.21
N PHE D 153 -8.20 31.40 -32.97
CA PHE D 153 -7.43 30.86 -31.85
C PHE D 153 -8.30 30.57 -30.63
N GLN D 154 -7.67 29.85 -29.71
CA GLN D 154 -8.19 29.46 -28.40
C GLN D 154 -7.55 30.28 -27.29
N ALA D 155 -8.36 30.89 -26.42
CA ALA D 155 -7.81 31.65 -25.31
C ALA D 155 -8.65 31.43 -24.05
N SER D 156 -8.30 30.34 -23.34
CA SER D 156 -8.54 30.01 -21.93
C SER D 156 -9.97 29.72 -21.53
N ASN D 157 -10.95 30.08 -22.35
CA ASN D 157 -12.31 29.64 -22.09
C ASN D 157 -13.07 29.37 -23.37
N SER D 158 -12.55 29.89 -24.48
CA SER D 158 -13.39 30.15 -25.65
C SER D 158 -12.51 30.46 -26.84
N LEU D 159 -13.15 30.45 -28.00
CA LEU D 159 -12.55 30.68 -29.30
C LEU D 159 -12.78 32.12 -29.74
N PHE D 160 -11.80 32.63 -30.48
CA PHE D 160 -11.77 34.00 -30.95
C PHE D 160 -11.23 33.94 -32.36
N HIS D 161 -11.47 35.00 -33.13
CA HIS D 161 -10.92 35.07 -34.48
C HIS D 161 -10.85 36.52 -34.92
N CYS D 162 -10.11 36.71 -36.02
CA CYS D 162 -9.92 38.01 -36.65
C CYS D 162 -9.41 37.75 -38.06
N ARG D 163 -9.37 38.80 -38.88
CA ARG D 163 -8.87 38.61 -40.24
C ARG D 163 -8.14 39.85 -40.73
N ASP D 164 -6.93 39.62 -41.25
CA ASP D 164 -6.01 40.64 -41.71
C ASP D 164 -5.34 40.17 -42.98
N GLY D 165 -5.02 41.11 -43.87
CA GLY D 165 -4.28 40.77 -45.07
C GLY D 165 -5.10 40.17 -46.18
N GLY D 166 -6.41 40.06 -46.02
CA GLY D 166 -7.27 39.55 -47.08
C GLY D 166 -7.70 40.64 -48.04
N LYS D 167 -9.00 40.73 -48.31
CA LYS D 167 -9.51 41.82 -49.12
C LYS D 167 -9.63 43.13 -48.35
N ASN D 168 -9.47 43.10 -47.03
CA ASN D 168 -9.41 44.31 -46.23
C ASN D 168 -8.00 44.87 -46.22
N GLY D 169 -7.82 45.99 -45.51
CA GLY D 169 -6.51 46.60 -45.42
C GLY D 169 -5.66 46.03 -44.31
N PHE D 170 -4.35 46.18 -44.47
CA PHE D 170 -3.40 45.77 -43.44
C PHE D 170 -3.47 46.74 -42.27
N MET D 171 -3.93 46.25 -41.13
CA MET D 171 -4.11 47.07 -39.95
C MET D 171 -2.78 47.52 -39.35
N VAL D 172 -2.83 48.65 -38.65
CA VAL D 172 -1.72 49.14 -37.83
C VAL D 172 -2.14 49.30 -36.37
N SER D 173 -3.32 49.87 -36.13
CA SER D 173 -3.91 49.97 -34.80
C SER D 173 -4.60 48.65 -34.45
N PRO D 174 -4.57 48.24 -33.18
CA PRO D 174 -5.17 46.96 -32.80
C PRO D 174 -6.69 47.03 -32.73
N MET D 175 -7.32 45.94 -33.18
CA MET D 175 -8.78 45.81 -33.18
C MET D 175 -9.18 44.66 -32.27
N LYS D 176 -10.46 44.66 -31.91
CA LYS D 176 -11.01 43.61 -31.04
C LYS D 176 -11.29 42.36 -31.86
N PRO D 177 -10.70 41.20 -31.50
CA PRO D 177 -11.05 39.95 -32.19
C PRO D 177 -12.37 39.41 -31.67
N LEU D 178 -13.23 39.00 -32.58
CA LEU D 178 -14.62 38.67 -32.27
C LEU D 178 -14.75 37.36 -31.51
N GLU D 179 -15.70 37.33 -30.58
CA GLU D 179 -16.05 36.14 -29.83
C GLU D 179 -17.11 35.34 -30.59
N ILE D 180 -16.98 34.01 -30.55
CA ILE D 180 -17.92 33.11 -31.22
C ILE D 180 -18.89 32.61 -30.16
N LYS D 181 -20.16 33.00 -30.28
CA LYS D 181 -21.18 32.62 -29.32
C LYS D 181 -21.61 31.18 -29.58
N THR D 182 -21.76 30.39 -28.51
CA THR D 182 -22.06 28.98 -28.64
C THR D 182 -23.29 28.58 -27.84
N GLN D 183 -23.98 27.57 -28.34
CA GLN D 183 -25.02 26.88 -27.60
C GLN D 183 -24.50 25.64 -26.88
N CYS D 184 -23.25 25.25 -27.13
CA CYS D 184 -22.69 24.04 -26.57
C CYS D 184 -22.32 24.23 -25.11
N SER D 185 -22.48 23.16 -24.33
CA SER D 185 -22.14 23.17 -22.91
C SER D 185 -20.84 22.40 -22.73
N GLY D 186 -19.78 23.12 -22.35
CA GLY D 186 -18.46 22.53 -22.22
C GLY D 186 -17.43 23.30 -23.02
N PRO D 187 -16.16 23.00 -22.81
CA PRO D 187 -15.11 23.65 -23.60
C PRO D 187 -15.12 23.13 -25.02
N ARG D 188 -14.70 24.00 -25.94
CA ARG D 188 -14.70 23.68 -27.36
C ARG D 188 -13.23 23.55 -27.80
N MET D 189 -12.75 22.32 -27.89
CA MET D 189 -11.36 22.04 -28.16
C MET D 189 -11.09 21.85 -29.64
N ASP D 190 -9.79 21.93 -29.99
CA ASP D 190 -9.18 21.61 -31.29
C ASP D 190 -9.81 22.30 -32.49
N PRO D 191 -9.76 23.63 -32.62
CA PRO D 191 -10.45 24.28 -33.74
C PRO D 191 -9.58 24.41 -34.99
N LYS D 192 -10.20 24.21 -36.16
CA LYS D 192 -9.54 24.37 -37.45
C LYS D 192 -10.44 25.07 -38.45
N ILE D 193 -9.85 25.99 -39.23
CA ILE D 193 -10.54 26.71 -40.29
C ILE D 193 -10.64 25.82 -41.53
N CYS D 194 -11.79 25.84 -42.21
CA CYS D 194 -11.92 25.19 -43.51
C CYS D 194 -11.01 25.85 -44.54
N PRO D 195 -10.16 25.09 -45.24
CA PRO D 195 -9.33 25.72 -46.29
C PRO D 195 -10.12 26.14 -47.51
N ALA D 196 -11.13 25.35 -47.89
CA ALA D 196 -11.90 25.64 -49.10
C ALA D 196 -12.79 26.87 -48.92
N ASP D 197 -13.42 27.03 -47.76
CA ASP D 197 -14.31 28.17 -47.51
C ASP D 197 -13.99 28.79 -46.17
N PRO D 198 -13.45 30.02 -46.15
CA PRO D 198 -13.04 30.65 -44.89
C PRO D 198 -14.16 30.87 -43.89
N ALA D 199 -15.41 30.93 -44.34
CA ALA D 199 -16.53 31.18 -43.43
C ALA D 199 -16.77 30.03 -42.46
N PHE D 200 -16.44 28.81 -42.85
CA PHE D 200 -16.70 27.64 -42.03
C PHE D 200 -15.47 27.21 -41.24
N PHE D 201 -15.71 26.71 -40.04
CA PHE D 201 -14.65 26.15 -39.22
C PHE D 201 -15.21 24.98 -38.43
N SER D 202 -14.37 24.33 -37.65
CA SER D 202 -14.81 23.13 -36.95
C SER D 202 -14.02 22.98 -35.66
N PHE D 203 -14.62 22.28 -34.70
CA PHE D 203 -13.96 22.08 -33.42
C PHE D 203 -14.51 20.83 -32.76
N ILE D 204 -13.85 20.41 -31.69
CA ILE D 204 -14.36 19.32 -30.87
C ILE D 204 -15.10 19.97 -29.71
N ASN D 205 -16.29 19.46 -29.39
CA ASN D 205 -17.01 19.81 -28.18
C ASN D 205 -17.54 18.54 -27.54
N ASN D 206 -17.26 18.37 -26.24
CA ASN D 206 -17.68 17.21 -25.43
C ASN D 206 -17.31 15.90 -26.11
N SER D 207 -16.09 15.86 -26.63
CA SER D 207 -15.51 14.73 -27.36
C SER D 207 -16.33 14.32 -28.58
N ASP D 208 -16.93 15.30 -29.27
CA ASP D 208 -17.68 15.10 -30.49
C ASP D 208 -17.33 16.20 -31.49
N LEU D 209 -17.31 15.85 -32.76
CA LEU D 209 -16.98 16.81 -33.80
C LEU D 209 -18.16 17.74 -34.10
N TRP D 210 -17.93 19.05 -33.98
CA TRP D 210 -18.88 20.09 -34.34
C TRP D 210 -18.32 20.89 -35.52
N VAL D 211 -19.19 21.69 -36.13
CA VAL D 211 -18.81 22.53 -37.25
C VAL D 211 -19.65 23.79 -37.16
N ALA D 212 -19.06 24.91 -37.56
CA ALA D 212 -19.75 26.18 -37.39
C ALA D 212 -19.52 27.08 -38.59
N ASN D 213 -20.07 28.27 -38.48
CA ASN D 213 -19.92 29.33 -39.46
C ASN D 213 -19.83 30.69 -38.79
N ILE D 214 -18.97 31.55 -39.34
CA ILE D 214 -18.67 32.84 -38.75
C ILE D 214 -19.86 33.79 -38.81
N GLU D 215 -20.43 33.97 -40.00
CA GLU D 215 -21.40 35.05 -40.21
C GLU D 215 -22.75 34.74 -39.59
N THR D 216 -23.24 33.52 -39.77
CA THR D 216 -24.55 33.17 -39.23
C THR D 216 -24.49 32.73 -37.77
N GLY D 217 -23.32 32.34 -37.29
CA GLY D 217 -23.21 31.84 -35.94
C GLY D 217 -23.67 30.41 -35.77
N GLU D 218 -24.03 29.73 -36.86
CA GLU D 218 -24.62 28.41 -36.77
C GLU D 218 -23.55 27.38 -36.43
N GLU D 219 -23.82 26.62 -35.36
CA GLU D 219 -23.06 25.45 -34.96
C GLU D 219 -23.92 24.22 -35.16
N ARG D 220 -23.29 23.10 -35.48
CA ARG D 220 -24.01 21.86 -35.74
C ARG D 220 -23.11 20.67 -35.52
N ARG D 221 -23.60 19.71 -34.74
CA ARG D 221 -22.90 18.48 -34.42
C ARG D 221 -22.91 17.53 -35.61
N LEU D 222 -21.81 16.78 -35.77
CA LEU D 222 -21.70 15.78 -36.82
C LEU D 222 -21.49 14.36 -36.32
N THR D 223 -20.98 14.17 -35.11
CA THR D 223 -20.79 12.84 -34.55
C THR D 223 -21.71 12.64 -33.36
N PHE D 224 -22.21 11.41 -33.20
CA PHE D 224 -23.18 11.13 -32.15
C PHE D 224 -22.87 9.82 -31.46
N CYS D 225 -21.60 9.58 -31.15
CA CYS D 225 -21.18 8.42 -30.38
C CYS D 225 -21.03 8.73 -28.89
N HIS D 226 -20.96 10.00 -28.51
CA HIS D 226 -20.76 10.40 -27.12
C HIS D 226 -21.99 11.18 -26.66
N GLN D 227 -22.56 10.77 -25.53
CA GLN D 227 -23.77 11.38 -25.02
C GLN D 227 -23.56 12.22 -23.78
N GLY D 228 -22.52 11.93 -23.00
CA GLY D 228 -22.30 12.64 -21.75
C GLY D 228 -23.27 12.28 -20.66
N LEU D 229 -23.86 11.08 -20.72
CA LEU D 229 -24.81 10.65 -19.71
C LEU D 229 -24.12 10.39 -18.37
N SER D 230 -22.87 9.97 -18.41
CA SER D 230 -22.09 9.67 -17.21
C SER D 230 -20.63 9.93 -17.56
N ASN D 231 -19.72 9.36 -16.77
CA ASN D 231 -18.29 9.53 -17.00
C ASN D 231 -17.82 8.72 -18.20
N VAL D 232 -16.50 8.74 -18.43
CA VAL D 232 -15.91 8.09 -19.58
C VAL D 232 -15.97 6.57 -19.47
N LEU D 233 -16.13 6.04 -18.24
CA LEU D 233 -16.31 4.60 -18.09
C LEU D 233 -17.64 4.13 -18.68
N ASP D 234 -18.70 4.93 -18.52
CA ASP D 234 -19.98 4.56 -19.09
C ASP D 234 -20.15 5.06 -20.51
N ASP D 235 -19.38 6.06 -20.93
CA ASP D 235 -19.48 6.63 -22.28
C ASP D 235 -18.12 6.50 -22.93
N PRO D 236 -17.79 5.34 -23.51
CA PRO D 236 -16.43 5.09 -23.98
C PRO D 236 -16.17 5.42 -25.44
N LYS D 237 -17.16 5.85 -26.21
CA LYS D 237 -16.97 6.11 -27.63
C LYS D 237 -16.69 7.58 -27.85
N SER D 238 -15.61 7.87 -28.57
CA SER D 238 -15.16 9.23 -28.84
C SER D 238 -15.05 9.40 -30.35
N ALA D 239 -14.98 10.65 -30.81
CA ALA D 239 -14.88 10.89 -32.24
C ALA D 239 -14.18 12.20 -32.53
N GLY D 240 -13.17 12.14 -33.39
CA GLY D 240 -12.47 13.31 -33.88
C GLY D 240 -11.41 13.88 -32.97
N VAL D 241 -11.11 13.22 -31.86
CA VAL D 241 -10.05 13.66 -30.96
C VAL D 241 -9.00 12.57 -30.93
N ALA D 242 -7.76 12.94 -30.66
CA ALA D 242 -6.67 11.99 -30.50
C ALA D 242 -6.68 11.43 -29.10
N THR D 243 -6.61 10.10 -28.99
CA THR D 243 -6.61 9.44 -27.69
C THR D 243 -5.26 9.65 -26.99
N PHE D 244 -5.13 9.02 -25.82
CA PHE D 244 -4.01 9.28 -24.92
C PHE D 244 -2.67 8.89 -25.54
N VAL D 245 -2.52 7.61 -25.89
CA VAL D 245 -1.24 7.07 -26.35
C VAL D 245 -0.83 7.68 -27.70
N ILE D 246 -1.81 8.03 -28.53
CA ILE D 246 -1.53 8.70 -29.79
C ILE D 246 -1.09 10.13 -29.54
N GLN D 247 -1.76 10.81 -28.61
CA GLN D 247 -1.42 12.18 -28.27
C GLN D 247 -0.02 12.30 -27.67
N GLU D 248 0.37 11.38 -26.81
CA GLU D 248 1.62 11.61 -26.08
C GLU D 248 2.81 10.77 -26.53
N GLU D 249 2.63 9.79 -27.43
CA GLU D 249 3.77 9.06 -27.96
C GLU D 249 3.90 9.05 -29.47
N PHE D 250 2.81 9.27 -30.21
CA PHE D 250 2.92 9.40 -31.65
C PHE D 250 2.81 10.85 -32.09
N ASP D 251 2.74 11.77 -31.12
CA ASP D 251 2.87 13.22 -31.29
C ASP D 251 1.89 13.78 -32.32
N ARG D 252 0.64 13.33 -32.25
CA ARG D 252 -0.44 13.93 -33.00
C ARG D 252 -1.55 14.31 -32.05
N PHE D 253 -2.02 15.55 -32.15
CA PHE D 253 -2.95 16.11 -31.19
C PHE D 253 -4.29 16.44 -31.84
N THR D 254 -4.56 15.90 -33.03
CA THR D 254 -5.80 16.08 -33.74
C THR D 254 -6.29 14.72 -34.23
N GLY D 255 -7.60 14.59 -34.36
CA GLY D 255 -8.17 13.38 -34.90
C GLY D 255 -9.16 13.67 -36.00
N TYR D 256 -9.09 14.87 -36.55
CA TYR D 256 -9.89 15.26 -37.70
C TYR D 256 -9.08 16.16 -38.61
N TRP D 257 -9.32 16.01 -39.91
CA TRP D 257 -8.56 16.68 -40.96
C TRP D 257 -9.56 17.17 -42.00
N TRP D 258 -9.62 18.48 -42.22
CA TRP D 258 -10.50 19.02 -43.24
C TRP D 258 -10.07 18.57 -44.63
N CYS D 259 -11.03 18.42 -45.54
CA CYS D 259 -10.68 18.31 -46.94
C CYS D 259 -10.32 19.70 -47.47
N PRO D 260 -9.21 19.84 -48.20
CA PRO D 260 -8.78 21.18 -48.64
C PRO D 260 -9.55 21.72 -49.83
N THR D 261 -10.41 20.92 -50.46
CA THR D 261 -11.13 21.34 -51.65
C THR D 261 -12.63 21.22 -51.41
N ALA D 262 -13.38 21.82 -52.33
CA ALA D 262 -14.83 21.86 -52.26
C ALA D 262 -15.37 20.91 -53.33
N SER D 263 -16.25 20.01 -52.94
CA SER D 263 -16.88 19.09 -53.87
C SER D 263 -18.28 19.58 -54.20
N TRP D 264 -18.74 19.22 -55.39
CA TRP D 264 -20.06 19.65 -55.88
C TRP D 264 -20.84 18.42 -56.34
N GLU D 265 -21.81 18.01 -55.53
CA GLU D 265 -22.68 16.91 -55.92
C GLU D 265 -23.65 17.32 -57.02
N GLY D 266 -23.90 18.62 -57.18
CA GLY D 266 -24.77 19.13 -58.22
C GLY D 266 -26.23 18.77 -58.06
N SER D 267 -26.76 18.81 -56.83
CA SER D 267 -28.20 18.74 -56.65
C SER D 267 -28.86 19.97 -57.24
N GLU D 268 -28.65 21.14 -56.65
CA GLU D 268 -28.91 22.41 -57.33
C GLU D 268 -27.67 23.30 -57.36
N GLY D 269 -27.10 23.64 -56.22
CA GLY D 269 -25.87 24.43 -56.15
C GLY D 269 -25.03 24.11 -54.93
N LEU D 270 -25.29 22.97 -54.30
CA LEU D 270 -24.75 22.71 -52.97
C LEU D 270 -23.27 22.35 -53.02
N LYS D 271 -22.49 23.02 -52.16
CA LYS D 271 -21.05 22.85 -52.08
C LYS D 271 -20.75 21.93 -50.90
N THR D 272 -20.30 20.71 -51.20
CA THR D 272 -19.97 19.74 -50.17
C THR D 272 -18.62 20.11 -49.54
N LEU D 273 -18.43 19.76 -48.28
CA LEU D 273 -17.19 20.03 -47.55
C LEU D 273 -16.97 18.86 -46.60
N ARG D 274 -15.97 18.04 -46.92
CA ARG D 274 -15.66 16.83 -46.18
C ARG D 274 -14.70 17.08 -45.01
N ILE D 275 -14.73 16.16 -44.06
CA ILE D 275 -13.74 16.07 -43.00
C ILE D 275 -13.48 14.58 -42.76
N LEU D 276 -12.21 14.18 -42.75
CA LEU D 276 -11.84 12.84 -42.31
C LEU D 276 -11.64 12.87 -40.81
N TYR D 277 -12.24 11.92 -40.09
CA TYR D 277 -12.02 11.88 -38.66
C TYR D 277 -11.84 10.43 -38.20
N GLU D 278 -11.31 10.30 -36.99
CA GLU D 278 -11.08 8.98 -36.39
C GLU D 278 -12.08 8.71 -35.26
N GLU D 279 -12.91 7.71 -35.47
CA GLU D 279 -13.75 7.19 -34.40
C GLU D 279 -12.91 6.25 -33.54
N VAL D 280 -13.10 6.32 -32.22
CA VAL D 280 -12.35 5.50 -31.27
C VAL D 280 -13.31 4.93 -30.23
N ASP D 281 -13.28 3.61 -30.09
CA ASP D 281 -14.05 2.85 -29.11
C ASP D 281 -13.10 2.36 -28.03
N GLU D 282 -13.12 3.05 -26.88
CA GLU D 282 -12.23 2.77 -25.76
C GLU D 282 -12.91 1.87 -24.72
N SER D 283 -13.67 0.87 -25.16
CA SER D 283 -14.36 0.01 -24.22
C SER D 283 -13.44 -1.04 -23.63
N GLU D 284 -12.58 -1.65 -24.45
CA GLU D 284 -11.79 -2.80 -24.04
C GLU D 284 -10.42 -2.43 -23.50
N VAL D 285 -10.22 -1.17 -23.09
CA VAL D 285 -8.92 -0.68 -22.66
C VAL D 285 -9.01 -0.35 -21.18
N GLU D 286 -7.95 -0.67 -20.44
CA GLU D 286 -7.93 -0.54 -18.99
C GLU D 286 -8.04 0.93 -18.56
N VAL D 287 -8.82 1.15 -17.52
CA VAL D 287 -9.05 2.47 -16.95
C VAL D 287 -8.30 2.60 -15.63
N ILE D 288 -7.62 3.73 -15.46
CA ILE D 288 -6.82 4.02 -14.27
C ILE D 288 -7.33 5.34 -13.70
N HIS D 289 -7.32 5.44 -12.38
CA HIS D 289 -7.71 6.67 -11.72
C HIS D 289 -6.46 7.42 -11.30
N VAL D 290 -6.40 8.70 -11.67
CA VAL D 290 -5.30 9.58 -11.30
C VAL D 290 -5.90 10.77 -10.57
N PRO D 291 -5.32 11.19 -9.44
CA PRO D 291 -5.80 12.37 -8.71
C PRO D 291 -5.93 13.65 -9.54
N SER D 292 -7.03 14.36 -9.32
CA SER D 292 -7.26 15.65 -9.94
C SER D 292 -6.37 16.70 -9.28
N PRO D 293 -6.13 17.82 -9.97
CA PRO D 293 -5.40 18.93 -9.33
C PRO D 293 -6.04 19.47 -8.06
N ALA D 294 -7.37 19.43 -7.96
CA ALA D 294 -8.06 19.94 -6.77
C ALA D 294 -7.96 18.87 -5.69
N LEU D 295 -6.89 18.97 -4.89
CA LEU D 295 -6.60 17.97 -3.87
C LEU D 295 -7.64 17.97 -2.75
N GLU D 296 -8.25 19.13 -2.47
CA GLU D 296 -9.27 19.26 -1.42
C GLU D 296 -10.46 18.36 -1.69
N GLU D 297 -10.89 18.27 -2.94
CA GLU D 297 -12.07 17.48 -3.29
C GLU D 297 -11.84 15.97 -3.12
N ARG D 298 -10.58 15.54 -3.06
CA ARG D 298 -10.16 14.13 -2.94
C ARG D 298 -10.77 13.26 -4.03
N LYS D 299 -10.88 13.83 -5.23
CA LYS D 299 -11.46 13.13 -6.36
C LYS D 299 -10.38 12.82 -7.39
N THR D 300 -10.64 11.81 -8.18
CA THR D 300 -9.74 11.43 -9.26
C THR D 300 -10.40 11.73 -10.60
N ASP D 301 -9.64 11.49 -11.65
CA ASP D 301 -10.15 11.41 -13.01
C ASP D 301 -9.83 10.04 -13.57
N SER D 302 -10.83 9.44 -14.22
CA SER D 302 -10.59 8.21 -14.97
C SER D 302 -9.79 8.56 -16.23
N TYR D 303 -8.89 7.66 -16.60
CA TYR D 303 -8.03 7.79 -17.77
C TYR D 303 -7.99 6.43 -18.45
N ARG D 304 -8.34 6.38 -19.73
CA ARG D 304 -8.24 5.17 -20.52
C ARG D 304 -6.78 4.94 -20.87
N TYR D 305 -6.07 4.26 -19.97
CA TYR D 305 -4.63 4.06 -20.07
C TYR D 305 -4.33 2.66 -20.59
N PRO D 306 -3.87 2.51 -21.83
CA PRO D 306 -3.55 1.16 -22.34
C PRO D 306 -2.19 0.69 -21.84
N ARG D 307 -2.21 -0.28 -20.93
CA ARG D 307 -0.97 -0.96 -20.57
C ARG D 307 -0.51 -1.84 -21.73
N THR D 308 0.78 -2.15 -21.73
CA THR D 308 1.33 -3.12 -22.66
C THR D 308 0.72 -4.50 -22.44
N GLY D 309 0.46 -5.20 -23.53
CA GLY D 309 -0.29 -6.45 -23.50
C GLY D 309 -1.78 -6.23 -23.60
N SER D 310 -2.30 -5.25 -22.87
CA SER D 310 -3.72 -4.92 -22.91
C SER D 310 -4.09 -4.28 -24.25
N LYS D 311 -5.39 -4.10 -24.44
CA LYS D 311 -5.92 -3.69 -25.73
C LYS D 311 -5.83 -2.19 -25.92
N ASN D 312 -5.45 -1.78 -27.12
CA ASN D 312 -5.47 -0.39 -27.53
C ASN D 312 -6.90 0.00 -27.89
N PRO D 313 -7.20 1.31 -28.05
CA PRO D 313 -8.54 1.70 -28.50
C PRO D 313 -8.84 1.20 -29.90
N LYS D 314 -10.12 0.92 -30.14
CA LYS D 314 -10.57 0.33 -31.39
C LYS D 314 -10.80 1.46 -32.38
N ILE D 315 -9.99 1.50 -33.43
CA ILE D 315 -9.89 2.66 -34.27
C ILE D 315 -10.71 2.39 -35.52
N ALA D 316 -10.99 3.43 -36.31
CA ALA D 316 -11.66 3.41 -37.60
C ALA D 316 -11.56 4.80 -38.20
N LEU D 317 -11.50 4.84 -39.53
CA LEU D 317 -11.52 6.11 -40.26
C LEU D 317 -12.92 6.35 -40.81
N LYS D 318 -13.32 7.61 -40.88
CA LYS D 318 -14.71 7.94 -41.17
C LYS D 318 -14.77 9.31 -41.86
N LEU D 319 -15.76 9.48 -42.74
CA LEU D 319 -15.99 10.77 -43.41
C LEU D 319 -17.19 11.48 -42.82
N ALA D 320 -17.00 12.65 -42.26
CA ALA D 320 -18.13 13.46 -41.82
C ALA D 320 -18.33 14.59 -42.82
N GLU D 321 -19.36 14.47 -43.65
CA GLU D 321 -19.66 15.46 -44.68
C GLU D 321 -20.81 16.36 -44.25
N PHE D 322 -20.93 17.47 -44.98
CA PHE D 322 -22.10 18.33 -44.93
C PHE D 322 -22.06 19.22 -46.17
N GLN D 323 -23.16 19.91 -46.42
CA GLN D 323 -23.26 20.76 -47.59
C GLN D 323 -23.76 22.13 -47.19
N THR D 324 -23.60 23.10 -48.10
CA THR D 324 -23.94 24.47 -47.80
C THR D 324 -24.48 25.17 -49.04
N ASP D 325 -25.41 26.09 -48.82
CA ASP D 325 -25.82 27.01 -49.86
C ASP D 325 -24.84 28.20 -49.90
N SER D 326 -25.03 29.08 -50.89
CA SER D 326 -24.27 30.32 -50.94
C SER D 326 -24.56 31.26 -49.76
N GLN D 327 -25.73 31.12 -49.14
CA GLN D 327 -26.05 31.94 -47.97
C GLN D 327 -25.28 31.51 -46.73
N GLY D 328 -24.76 30.29 -46.69
CA GLY D 328 -23.98 29.84 -45.56
C GLY D 328 -24.84 29.17 -44.53
N LYS D 329 -25.63 28.20 -44.96
CA LYS D 329 -26.51 27.43 -44.10
C LYS D 329 -26.26 25.94 -44.34
N ILE D 330 -26.17 25.19 -43.26
CA ILE D 330 -25.93 23.76 -43.35
C ILE D 330 -27.21 23.07 -43.81
N VAL D 331 -27.29 22.77 -45.11
CA VAL D 331 -28.48 22.11 -45.66
C VAL D 331 -28.63 20.72 -45.08
N SER D 332 -27.57 19.91 -45.14
CA SER D 332 -27.59 18.59 -44.54
C SER D 332 -26.18 18.20 -44.12
N THR D 333 -26.12 17.23 -43.22
CA THR D 333 -24.94 16.57 -42.70
C THR D 333 -25.07 15.08 -42.94
N GLN D 334 -23.96 14.36 -42.77
CA GLN D 334 -23.94 12.92 -43.01
C GLN D 334 -22.65 12.26 -42.53
N GLU D 335 -22.81 11.28 -41.64
CA GLU D 335 -21.74 10.38 -41.26
C GLU D 335 -21.56 9.40 -42.41
N LYS D 336 -20.30 9.10 -42.73
CA LYS D 336 -20.01 8.16 -43.79
C LYS D 336 -18.98 7.15 -43.28
N GLU D 337 -19.04 5.93 -43.83
CA GLU D 337 -18.25 4.76 -43.37
C GLU D 337 -17.77 3.88 -44.53
N LEU D 338 -16.72 3.11 -44.28
CA LEU D 338 -16.10 2.26 -45.32
C LEU D 338 -17.05 1.15 -45.76
N VAL D 339 -16.77 0.59 -46.95
CA VAL D 339 -17.58 -0.51 -47.47
C VAL D 339 -17.47 -1.77 -46.60
N GLN D 340 -16.33 -1.97 -45.97
CA GLN D 340 -16.09 -3.02 -45.02
C GLN D 340 -15.91 -2.43 -43.63
N PRO D 341 -15.92 -3.26 -42.59
CA PRO D 341 -15.33 -2.83 -41.32
C PRO D 341 -13.87 -2.50 -41.51
N PHE D 342 -13.39 -1.54 -40.72
CA PHE D 342 -12.01 -1.07 -40.84
C PHE D 342 -11.03 -2.17 -40.47
N SER D 343 -11.29 -2.86 -39.36
CA SER D 343 -10.45 -3.97 -38.88
C SER D 343 -10.35 -5.10 -39.89
N SER D 344 -11.38 -5.29 -40.71
CA SER D 344 -11.42 -6.36 -41.72
C SER D 344 -10.81 -5.93 -43.05
N LEU D 345 -11.06 -4.69 -43.48
CA LEU D 345 -10.38 -4.18 -44.67
C LEU D 345 -8.89 -4.00 -44.44
N PHE D 346 -8.48 -3.74 -43.21
CA PHE D 346 -7.08 -3.47 -42.87
C PHE D 346 -6.76 -4.35 -41.66
N PRO D 347 -6.37 -5.59 -41.88
CA PRO D 347 -5.97 -6.44 -40.77
C PRO D 347 -4.68 -5.98 -40.13
N LYS D 348 -4.49 -6.38 -38.87
CA LYS D 348 -3.29 -6.19 -38.03
C LYS D 348 -2.82 -4.74 -37.96
N VAL D 349 -3.76 -3.79 -38.03
CA VAL D 349 -3.46 -2.37 -37.84
C VAL D 349 -3.82 -2.00 -36.41
N GLU D 350 -2.98 -1.21 -35.77
CA GLU D 350 -3.20 -0.82 -34.39
C GLU D 350 -3.26 0.69 -34.18
N TYR D 351 -2.46 1.47 -34.90
CA TYR D 351 -2.38 2.90 -34.67
C TYR D 351 -2.49 3.68 -35.97
N ILE D 352 -3.23 4.78 -35.91
CA ILE D 352 -3.24 5.78 -36.98
C ILE D 352 -2.16 6.77 -36.55
N ALA D 353 -0.95 6.61 -37.11
CA ALA D 353 0.13 7.54 -36.82
C ALA D 353 -0.22 8.97 -37.22
N ARG D 354 -0.52 9.17 -38.51
CA ARG D 354 -0.84 10.46 -39.09
C ARG D 354 -1.92 10.26 -40.14
N ALA D 355 -2.52 11.36 -40.59
CA ALA D 355 -3.50 11.32 -41.67
C ALA D 355 -3.71 12.72 -42.19
N GLY D 356 -4.34 12.79 -43.36
CA GLY D 356 -4.69 14.05 -43.96
C GLY D 356 -5.29 13.83 -45.33
N TRP D 357 -5.09 14.77 -46.24
CA TRP D 357 -5.60 14.69 -47.59
C TRP D 357 -4.55 15.18 -48.56
N THR D 358 -4.64 14.72 -49.80
CA THR D 358 -3.88 15.32 -50.87
C THR D 358 -4.42 16.71 -51.16
N ARG D 359 -3.58 17.57 -51.73
CA ARG D 359 -3.93 18.99 -51.90
C ARG D 359 -5.08 19.19 -52.86
N ASP D 360 -5.14 18.39 -53.94
CA ASP D 360 -6.27 18.47 -54.85
C ASP D 360 -7.56 17.94 -54.21
N GLY D 361 -7.44 17.07 -53.22
CA GLY D 361 -8.59 16.52 -52.53
C GLY D 361 -9.01 15.15 -52.99
N LYS D 362 -8.30 14.58 -53.96
CA LYS D 362 -8.72 13.31 -54.58
C LYS D 362 -8.63 12.14 -53.60
N TYR D 363 -7.56 12.07 -52.81
CA TYR D 363 -7.38 10.98 -51.87
C TYR D 363 -7.16 11.51 -50.47
N ALA D 364 -7.65 10.77 -49.47
CA ALA D 364 -7.34 11.05 -48.08
C ALA D 364 -6.25 10.10 -47.64
N TRP D 365 -5.08 10.63 -47.29
CA TRP D 365 -4.01 9.73 -46.94
C TRP D 365 -4.01 9.43 -45.44
N ALA D 366 -3.34 8.35 -45.07
CA ALA D 366 -3.21 7.94 -43.68
C ALA D 366 -2.01 7.02 -43.51
N MET D 367 -1.23 7.26 -42.47
CA MET D 367 -0.15 6.38 -42.04
C MET D 367 -0.72 5.39 -41.04
N PHE D 368 -0.72 4.11 -41.42
CA PHE D 368 -1.14 3.08 -40.50
C PHE D 368 0.10 2.51 -39.83
N LEU D 369 -0.12 1.79 -38.74
CA LEU D 369 1.02 1.28 -37.99
C LEU D 369 0.57 0.06 -37.18
N ASP D 370 1.43 -0.93 -37.10
CA ASP D 370 1.11 -2.22 -36.49
C ASP D 370 1.48 -2.20 -35.00
N ARG D 371 0.90 -3.13 -34.25
CA ARG D 371 1.15 -3.20 -32.80
C ARG D 371 2.62 -3.44 -32.40
N PRO D 372 3.43 -4.30 -33.07
CA PRO D 372 4.87 -4.28 -32.78
C PRO D 372 5.59 -3.00 -33.19
N GLN D 373 4.95 -2.16 -34.02
CA GLN D 373 5.49 -0.89 -34.54
C GLN D 373 6.74 -1.13 -35.38
N GLN D 374 6.57 -1.98 -36.41
CA GLN D 374 7.64 -2.27 -37.36
C GLN D 374 7.10 -2.35 -38.78
N TRP D 375 5.85 -1.96 -39.00
CA TRP D 375 5.11 -2.24 -40.24
C TRP D 375 4.25 -1.04 -40.65
N LEU D 376 4.85 0.15 -40.70
CA LEU D 376 4.09 1.33 -41.09
C LEU D 376 3.69 1.25 -42.55
N GLN D 377 2.50 1.76 -42.89
CA GLN D 377 2.13 1.81 -44.30
C GLN D 377 1.31 3.04 -44.67
N LEU D 378 1.66 3.63 -45.80
CA LEU D 378 0.95 4.80 -46.29
C LEU D 378 -0.26 4.27 -47.04
N VAL D 379 -1.42 4.89 -46.88
CA VAL D 379 -2.61 4.42 -47.58
C VAL D 379 -3.36 5.63 -48.10
N LEU D 380 -3.95 5.50 -49.29
CA LEU D 380 -4.85 6.50 -49.85
C LEU D 380 -6.27 5.96 -49.76
N LEU D 381 -7.17 6.77 -49.22
CA LEU D 381 -8.59 6.43 -49.09
C LEU D 381 -9.40 7.41 -49.92
N PRO D 382 -9.77 7.05 -51.14
CA PRO D 382 -10.62 7.93 -51.94
C PRO D 382 -12.02 7.98 -51.36
N PRO D 383 -12.61 9.17 -51.27
CA PRO D 383 -13.94 9.35 -50.64
C PRO D 383 -15.07 8.45 -51.11
N ALA D 384 -15.01 7.94 -52.35
CA ALA D 384 -16.01 6.98 -52.81
C ALA D 384 -15.89 5.61 -52.14
N LEU D 385 -14.73 5.26 -51.57
CA LEU D 385 -14.60 4.05 -50.75
C LEU D 385 -15.51 4.06 -49.52
N PHE D 386 -15.94 5.22 -49.07
CA PHE D 386 -16.83 5.35 -47.93
C PHE D 386 -18.29 5.45 -48.39
N ILE D 387 -19.06 4.40 -48.11
CA ILE D 387 -20.53 4.37 -48.31
C ILE D 387 -21.25 5.10 -47.17
N PRO D 388 -22.51 5.50 -47.33
CA PRO D 388 -23.30 5.98 -46.18
C PRO D 388 -23.46 4.97 -45.04
N SER D 389 -23.85 5.51 -43.89
CA SER D 389 -23.96 4.77 -42.65
C SER D 389 -25.41 4.80 -42.18
N THR D 390 -25.96 3.63 -41.91
CA THR D 390 -27.29 3.52 -41.32
C THR D 390 -27.40 2.18 -40.63
N GLU D 391 -28.41 2.06 -39.77
CA GLU D 391 -28.73 0.77 -39.16
C GLU D 391 -29.39 -0.18 -40.15
N ASN D 392 -29.95 0.35 -41.25
CA ASN D 392 -30.66 -0.47 -42.22
C ASN D 392 -29.65 -1.23 -43.10
N GLU D 393 -29.63 -2.55 -42.94
CA GLU D 393 -28.69 -3.38 -43.68
C GLU D 393 -29.05 -3.48 -45.16
N GLU D 394 -30.24 -3.04 -45.55
CA GLU D 394 -30.53 -3.05 -46.98
C GLU D 394 -30.11 -1.76 -47.65
N GLN D 395 -30.29 -0.62 -46.99
CA GLN D 395 -29.63 0.61 -47.44
C GLN D 395 -28.11 0.44 -47.52
N ARG D 396 -27.54 -0.33 -46.57
CA ARG D 396 -26.10 -0.56 -46.58
C ARG D 396 -25.69 -1.36 -47.82
N LEU D 397 -26.39 -2.48 -48.09
CA LEU D 397 -26.12 -3.24 -49.31
C LEU D 397 -26.36 -2.39 -50.56
N ALA D 398 -27.42 -1.58 -50.54
CA ALA D 398 -27.79 -0.70 -51.65
C ALA D 398 -26.63 0.21 -52.05
N SER D 399 -26.01 0.89 -51.09
CA SER D 399 -24.88 1.72 -51.48
C SER D 399 -23.56 0.95 -51.59
N ALA D 400 -23.49 -0.25 -51.03
CA ALA D 400 -22.39 -1.17 -51.36
C ALA D 400 -22.45 -1.59 -52.83
N ARG D 401 -23.64 -1.80 -53.36
CA ARG D 401 -23.78 -2.00 -54.80
C ARG D 401 -23.46 -0.71 -55.56
N ALA D 402 -23.89 0.44 -55.02
CA ALA D 402 -23.69 1.72 -55.69
C ALA D 402 -22.23 2.12 -55.83
N VAL D 403 -21.36 1.67 -54.93
CA VAL D 403 -19.94 2.09 -55.02
C VAL D 403 -19.28 1.39 -56.20
N PRO D 404 -18.50 2.12 -57.02
CA PRO D 404 -17.84 1.50 -58.19
C PRO D 404 -16.85 0.39 -57.85
N ARG D 405 -16.34 -0.22 -58.92
CA ARG D 405 -15.38 -1.32 -58.84
C ARG D 405 -13.94 -0.85 -58.89
N ASN D 406 -13.66 0.17 -59.70
CA ASN D 406 -12.29 0.67 -59.83
C ASN D 406 -11.79 1.36 -58.57
N VAL D 407 -12.69 1.99 -57.81
CA VAL D 407 -12.31 2.64 -56.56
C VAL D 407 -11.90 1.59 -55.52
N GLN D 408 -10.81 1.87 -54.82
CA GLN D 408 -10.21 0.96 -53.85
C GLN D 408 -9.21 1.75 -53.02
N PRO D 409 -8.75 1.22 -51.88
CA PRO D 409 -7.61 1.86 -51.21
C PRO D 409 -6.29 1.38 -51.79
N TYR D 410 -5.38 2.34 -52.02
CA TYR D 410 -4.06 2.05 -52.57
C TYR D 410 -2.99 2.18 -51.50
N VAL D 411 -2.45 1.04 -51.06
CA VAL D 411 -1.28 1.06 -50.18
C VAL D 411 -0.09 1.48 -51.02
N VAL D 412 0.34 2.73 -50.89
CA VAL D 412 1.37 3.23 -51.80
C VAL D 412 2.75 2.80 -51.34
N TYR D 413 3.02 2.86 -50.04
CA TYR D 413 4.34 2.64 -49.47
C TYR D 413 4.21 1.79 -48.22
N GLU D 414 5.19 0.93 -47.99
CA GLU D 414 5.15 -0.02 -46.86
C GLU D 414 6.54 -0.08 -46.25
N GLU D 415 6.72 0.61 -45.13
CA GLU D 415 7.96 0.58 -44.37
C GLU D 415 7.90 -0.60 -43.42
N VAL D 416 8.85 -1.53 -43.58
CA VAL D 416 8.97 -2.70 -42.71
C VAL D 416 10.40 -2.69 -42.17
N THR D 417 10.55 -2.99 -40.89
CA THR D 417 11.86 -2.92 -40.28
C THR D 417 12.00 -4.01 -39.24
N ASN D 418 13.25 -4.25 -38.83
CA ASN D 418 13.55 -5.23 -37.81
C ASN D 418 13.65 -4.62 -36.41
N VAL D 419 13.79 -3.30 -36.29
CA VAL D 419 13.99 -2.71 -34.97
C VAL D 419 12.73 -2.02 -34.46
N TRP D 420 12.35 -0.89 -35.08
CA TRP D 420 11.09 -0.19 -34.85
C TRP D 420 10.91 0.95 -35.85
N ILE D 421 9.67 1.31 -36.16
CA ILE D 421 9.38 2.45 -37.01
C ILE D 421 9.27 3.70 -36.15
N ASN D 422 10.06 4.72 -36.47
CA ASN D 422 9.78 6.07 -35.99
C ASN D 422 8.76 6.72 -36.90
N VAL D 423 7.75 7.35 -36.31
CA VAL D 423 6.74 8.05 -37.10
C VAL D 423 7.38 9.30 -37.67
N HIS D 424 7.59 9.32 -38.98
CA HIS D 424 8.07 10.51 -39.66
C HIS D 424 6.87 11.13 -40.37
N ASP D 425 6.49 12.32 -39.94
CA ASP D 425 5.34 13.01 -40.52
C ASP D 425 5.71 13.82 -41.74
N ILE D 426 6.41 13.19 -42.68
CA ILE D 426 6.87 13.86 -43.88
C ILE D 426 6.23 13.11 -45.04
N PHE D 427 5.23 13.72 -45.67
CA PHE D 427 4.53 13.10 -46.78
C PHE D 427 3.93 14.20 -47.65
N TYR D 428 4.68 14.60 -48.67
CA TYR D 428 4.24 15.70 -49.52
C TYR D 428 3.86 15.09 -50.86
N PRO D 429 2.58 14.96 -51.18
CA PRO D 429 2.18 14.45 -52.48
C PRO D 429 1.99 15.54 -53.52
N PHE D 430 2.17 15.16 -54.77
CA PHE D 430 2.09 16.15 -55.84
C PHE D 430 0.74 16.09 -56.51
N PRO D 431 0.32 17.18 -57.16
CA PRO D 431 -0.85 17.10 -58.05
C PRO D 431 -0.57 16.20 -59.24
N GLN D 432 -1.51 15.28 -59.49
CA GLN D 432 -1.46 14.38 -60.63
C GLN D 432 -2.41 14.84 -61.73
N SER D 433 -2.47 16.16 -61.96
CA SER D 433 -3.44 16.77 -62.86
C SER D 433 -3.18 16.42 -64.33
N GLU D 434 -2.01 15.90 -64.67
CA GLU D 434 -1.75 15.37 -66.00
C GLU D 434 -1.44 13.88 -65.89
N GLY D 435 -2.02 13.10 -66.79
CA GLY D 435 -1.83 11.65 -66.76
C GLY D 435 -2.44 11.02 -65.51
N GLU D 436 -3.77 10.90 -65.43
CA GLU D 436 -4.48 10.81 -64.15
C GLU D 436 -4.23 9.49 -63.42
N ASP D 437 -2.98 9.28 -63.03
CA ASP D 437 -2.46 8.12 -62.32
C ASP D 437 -1.05 8.55 -61.90
N GLU D 438 -0.23 7.60 -61.43
CA GLU D 438 1.20 7.78 -61.14
C GLU D 438 1.42 8.87 -60.08
N LEU D 439 0.99 8.54 -58.86
CA LEU D 439 1.18 9.48 -57.76
C LEU D 439 2.65 9.64 -57.43
N CYS D 440 3.08 10.89 -57.33
CA CYS D 440 4.46 11.25 -57.00
C CYS D 440 4.46 11.93 -55.65
N PHE D 441 5.26 11.42 -54.73
CA PHE D 441 5.33 12.02 -53.41
C PHE D 441 6.77 12.01 -52.91
N LEU D 442 6.99 12.74 -51.82
CA LEU D 442 8.23 12.69 -51.07
C LEU D 442 7.96 11.94 -49.77
N ARG D 443 8.96 11.22 -49.31
CA ARG D 443 8.76 10.44 -48.10
C ARG D 443 10.09 10.24 -47.41
N ALA D 444 10.12 10.55 -46.13
CA ALA D 444 11.29 10.28 -45.31
C ALA D 444 11.31 8.79 -45.00
N ASN D 445 12.45 8.14 -45.18
CA ASN D 445 12.51 6.70 -44.93
C ASN D 445 13.84 6.38 -44.25
N GLU D 446 13.75 6.12 -42.95
CA GLU D 446 14.89 5.73 -42.13
C GLU D 446 15.16 4.22 -42.16
N CYS D 447 14.11 3.41 -42.33
CA CYS D 447 14.27 1.95 -42.28
C CYS D 447 15.10 1.35 -43.42
N LYS D 448 15.10 1.96 -44.60
CA LYS D 448 15.91 1.44 -45.71
C LYS D 448 17.41 1.39 -45.46
N THR D 449 18.03 2.56 -45.31
CA THR D 449 19.48 2.64 -45.12
C THR D 449 19.91 2.80 -43.67
N GLY D 450 19.01 3.12 -42.75
CA GLY D 450 19.37 3.35 -41.36
C GLY D 450 19.33 4.79 -40.93
N PHE D 451 19.31 5.73 -41.87
CA PHE D 451 19.22 7.15 -41.55
C PHE D 451 18.02 7.75 -42.27
N CYS D 452 17.31 8.64 -41.56
CA CYS D 452 16.13 9.31 -42.11
C CYS D 452 16.54 10.23 -43.25
N HIS D 453 16.20 9.85 -44.48
CA HIS D 453 16.53 10.60 -45.68
C HIS D 453 15.28 10.77 -46.53
N LEU D 454 15.19 11.90 -47.23
CA LEU D 454 14.07 12.11 -48.12
C LEU D 454 14.22 11.27 -49.38
N TYR D 455 13.07 10.90 -49.95
CA TYR D 455 13.05 10.18 -51.21
C TYR D 455 11.91 10.77 -52.03
N LYS D 456 12.05 10.71 -53.35
CA LYS D 456 10.92 10.86 -54.25
C LYS D 456 10.50 9.46 -54.71
N VAL D 457 9.23 9.15 -54.48
CA VAL D 457 8.65 7.84 -54.79
C VAL D 457 7.45 8.05 -55.70
N THR D 458 7.41 7.30 -56.80
CA THR D 458 6.28 7.33 -57.73
C THR D 458 5.60 5.97 -57.72
N ALA D 459 4.39 5.91 -57.19
CA ALA D 459 3.57 4.70 -57.25
C ALA D 459 2.53 4.83 -58.36
N VAL D 460 2.01 3.68 -58.78
CA VAL D 460 1.00 3.61 -59.84
C VAL D 460 -0.25 2.95 -59.29
N LEU D 461 -1.39 3.62 -59.43
CA LEU D 461 -2.64 3.17 -58.84
C LEU D 461 -3.40 2.33 -59.88
N LYS D 462 -3.03 1.05 -59.93
CA LYS D 462 -3.71 0.11 -60.81
C LYS D 462 -4.89 -0.52 -60.07
N SER D 463 -6.09 -0.28 -60.58
CA SER D 463 -7.30 -0.78 -59.93
C SER D 463 -7.47 -2.26 -60.18
N GLN D 464 -7.78 -3.01 -59.13
CA GLN D 464 -8.00 -4.44 -59.25
C GLN D 464 -9.45 -4.78 -59.57
N GLY D 465 -10.39 -4.00 -59.05
CA GLY D 465 -11.79 -4.26 -59.27
C GLY D 465 -12.38 -5.13 -58.18
N TYR D 466 -13.18 -4.53 -57.30
CA TYR D 466 -13.71 -5.25 -56.15
C TYR D 466 -15.23 -5.12 -56.10
N ASP D 467 -15.89 -6.24 -55.82
CA ASP D 467 -17.32 -6.25 -55.51
C ASP D 467 -17.44 -5.97 -54.01
N TRP D 468 -17.72 -4.72 -53.66
CA TRP D 468 -17.66 -4.28 -52.28
C TRP D 468 -18.86 -4.70 -51.45
N SER D 469 -19.90 -5.26 -52.09
CA SER D 469 -21.03 -5.77 -51.33
C SER D 469 -20.71 -7.10 -50.65
N GLU D 470 -20.15 -8.03 -51.42
CA GLU D 470 -19.69 -9.31 -50.90
C GLU D 470 -18.39 -9.12 -50.11
N PRO D 471 -18.34 -9.56 -48.85
CA PRO D 471 -17.13 -9.37 -48.05
C PRO D 471 -16.02 -10.34 -48.45
N PHE D 472 -14.82 -10.05 -47.96
CA PHE D 472 -13.66 -10.88 -48.19
C PHE D 472 -12.61 -10.56 -47.13
N SER D 473 -11.63 -11.46 -47.01
CA SER D 473 -10.49 -11.22 -46.13
C SER D 473 -9.27 -10.89 -46.99
N PRO D 474 -8.74 -9.67 -46.91
CA PRO D 474 -7.46 -9.38 -47.56
C PRO D 474 -6.32 -10.21 -46.96
N GLY D 475 -5.39 -10.61 -47.83
CA GLY D 475 -4.23 -11.36 -47.41
C GLY D 475 -3.10 -10.50 -46.93
N GLU D 476 -1.90 -10.72 -47.48
CA GLU D 476 -0.71 -10.01 -47.02
C GLU D 476 -0.26 -8.90 -47.95
N ASP D 477 -0.59 -8.97 -49.24
CA ASP D 477 -0.02 -8.06 -50.23
C ASP D 477 -1.09 -7.56 -51.21
N GLU D 478 -2.30 -7.31 -50.71
CA GLU D 478 -3.42 -7.06 -51.61
C GLU D 478 -3.37 -5.67 -52.24
N PHE D 479 -3.45 -4.63 -51.41
CA PHE D 479 -3.64 -3.28 -51.91
C PHE D 479 -2.34 -2.55 -52.18
N LYS D 480 -1.19 -3.22 -52.06
CA LYS D 480 0.10 -2.57 -52.27
C LYS D 480 0.32 -2.26 -53.75
N CYS D 481 0.43 -0.99 -54.06
CA CYS D 481 0.75 -0.56 -55.42
C CYS D 481 2.23 -0.76 -55.69
N PRO D 482 2.60 -1.11 -56.92
CA PRO D 482 4.02 -1.17 -57.28
C PRO D 482 4.59 0.22 -57.51
N ILE D 483 5.87 0.38 -57.21
CA ILE D 483 6.56 1.65 -57.34
C ILE D 483 7.28 1.72 -58.69
N LYS D 484 7.10 2.83 -59.39
CA LYS D 484 7.89 3.10 -60.59
C LYS D 484 9.35 3.34 -60.22
N GLU D 485 9.60 4.30 -59.34
CA GLU D 485 10.95 4.59 -58.89
C GLU D 485 10.90 5.20 -57.50
N GLU D 486 12.05 5.10 -56.82
CA GLU D 486 12.27 5.59 -55.47
C GLU D 486 13.68 6.23 -55.37
N ILE D 487 13.87 7.34 -56.09
CA ILE D 487 15.13 8.08 -56.01
C ILE D 487 15.32 8.65 -54.61
N ALA D 488 16.53 8.52 -54.10
CA ALA D 488 16.90 9.05 -52.80
C ALA D 488 17.54 10.42 -52.99
N LEU D 489 16.87 11.46 -52.49
CA LEU D 489 17.37 12.81 -52.73
C LEU D 489 18.56 13.13 -51.84
N THR D 490 18.69 12.43 -50.71
CA THR D 490 19.81 12.57 -49.80
C THR D 490 20.27 11.20 -49.35
N SER D 491 21.55 11.13 -48.97
CA SER D 491 22.14 9.89 -48.49
C SER D 491 23.39 10.24 -47.71
N GLY D 492 23.72 9.41 -46.74
CA GLY D 492 24.89 9.64 -45.93
C GLY D 492 24.71 9.08 -44.53
N GLU D 493 25.61 9.49 -43.65
CA GLU D 493 25.60 9.09 -42.24
C GLU D 493 24.95 10.15 -41.36
N TRP D 494 23.87 10.74 -41.85
CA TRP D 494 23.18 11.82 -41.17
C TRP D 494 21.71 11.71 -41.48
N GLU D 495 20.89 12.39 -40.68
CA GLU D 495 19.44 12.28 -40.80
C GLU D 495 18.81 13.57 -41.27
N VAL D 496 17.65 13.41 -41.89
CA VAL D 496 16.76 14.53 -42.19
C VAL D 496 15.76 14.63 -41.05
N LEU D 497 15.63 15.83 -40.49
CA LEU D 497 14.75 16.01 -39.34
C LEU D 497 13.30 15.91 -39.77
N ALA D 498 12.58 14.99 -39.17
CA ALA D 498 11.17 14.79 -39.49
C ALA D 498 10.29 14.87 -38.25
N ARG D 499 10.72 14.30 -37.14
CA ARG D 499 9.95 14.32 -35.90
C ARG D 499 10.06 15.68 -35.22
N HIS D 500 9.37 15.78 -34.06
CA HIS D 500 9.41 16.94 -33.15
C HIS D 500 8.90 18.22 -33.83
N GLY D 501 7.92 18.05 -34.72
CA GLY D 501 7.30 19.17 -35.40
C GLY D 501 8.18 19.88 -36.41
N SER D 502 9.26 19.26 -36.84
CA SER D 502 9.99 19.74 -38.00
C SER D 502 9.30 19.26 -39.27
N LYS D 503 9.62 19.91 -40.39
CA LYS D 503 8.91 19.62 -41.63
C LYS D 503 9.77 20.05 -42.82
N ILE D 504 9.35 19.59 -44.01
CA ILE D 504 9.95 19.99 -45.25
C ILE D 504 9.04 21.01 -45.93
N TRP D 505 9.65 21.83 -46.79
CA TRP D 505 8.96 22.87 -47.53
C TRP D 505 9.29 22.69 -49.00
N VAL D 506 8.28 22.43 -49.82
CA VAL D 506 8.46 22.02 -51.22
C VAL D 506 7.98 23.18 -52.08
N ASN D 507 8.94 23.94 -52.60
CA ASN D 507 8.69 24.95 -53.61
C ASN D 507 8.49 24.27 -54.97
N GLU D 508 7.30 24.48 -55.54
CA GLU D 508 6.89 23.83 -56.78
C GLU D 508 7.31 24.58 -58.04
N GLU D 509 7.39 25.91 -57.99
CA GLU D 509 7.89 26.60 -59.19
C GLU D 509 9.41 26.52 -59.33
N THR D 510 10.18 26.56 -58.24
CA THR D 510 11.63 26.40 -58.38
C THR D 510 12.06 24.95 -58.34
N LYS D 511 11.12 24.02 -58.13
CA LYS D 511 11.34 22.57 -58.12
C LYS D 511 12.30 22.15 -57.01
N LEU D 512 12.23 22.83 -55.87
CA LEU D 512 13.18 22.60 -54.77
C LEU D 512 12.46 22.15 -53.50
N VAL D 513 13.17 21.37 -52.69
CA VAL D 513 12.69 20.96 -51.37
C VAL D 513 13.70 21.35 -50.29
N TYR D 514 13.24 22.19 -49.38
CA TYR D 514 14.00 22.66 -48.22
C TYR D 514 13.68 21.74 -47.05
N PHE D 515 14.72 21.18 -46.44
CA PHE D 515 14.56 20.27 -45.31
C PHE D 515 15.56 20.66 -44.24
N GLN D 516 15.43 20.05 -43.07
CA GLN D 516 16.40 20.22 -42.01
C GLN D 516 17.22 18.94 -41.83
N GLY D 517 18.44 19.10 -41.36
CA GLY D 517 19.26 17.91 -41.19
C GLY D 517 20.45 18.15 -40.29
N THR D 518 21.17 17.06 -40.04
CA THR D 518 22.37 17.04 -39.22
C THR D 518 23.59 16.66 -40.06
N LYS D 519 23.63 17.15 -41.30
CA LYS D 519 24.64 16.71 -42.26
C LYS D 519 26.04 17.21 -41.90
N ASP D 520 26.13 18.44 -41.37
CA ASP D 520 27.42 18.98 -40.94
C ASP D 520 27.98 18.18 -39.77
N THR D 521 27.14 17.89 -38.79
CA THR D 521 27.44 17.22 -37.53
C THR D 521 26.11 16.89 -36.88
N PRO D 522 26.02 15.83 -36.07
CA PRO D 522 24.77 15.57 -35.34
C PRO D 522 24.43 16.59 -34.27
N LEU D 523 25.36 17.46 -33.88
CA LEU D 523 25.10 18.45 -32.83
C LEU D 523 24.42 19.71 -33.33
N GLU D 524 24.14 19.84 -34.63
CA GLU D 524 23.66 21.11 -35.16
C GLU D 524 22.62 20.88 -36.24
N HIS D 525 21.43 21.43 -36.04
CA HIS D 525 20.35 21.41 -37.01
C HIS D 525 20.59 22.51 -38.03
N HIS D 526 20.79 22.12 -39.30
CA HIS D 526 20.95 23.10 -40.37
C HIS D 526 19.86 22.95 -41.42
N LEU D 527 19.45 24.08 -41.99
CA LEU D 527 18.52 24.11 -43.10
C LEU D 527 19.28 23.80 -44.39
N TYR D 528 18.87 22.76 -45.09
CA TYR D 528 19.45 22.39 -46.37
C TYR D 528 18.38 22.49 -47.46
N VAL D 529 18.83 22.64 -48.71
CA VAL D 529 17.95 22.58 -49.87
C VAL D 529 18.54 21.63 -50.92
N VAL D 530 17.65 20.93 -51.65
CA VAL D 530 18.03 20.01 -52.73
C VAL D 530 16.92 20.05 -53.77
N SER D 531 17.26 19.62 -54.99
CA SER D 531 16.29 19.41 -56.05
C SER D 531 15.72 17.99 -55.97
N TYR D 532 14.43 17.84 -56.26
CA TYR D 532 13.85 16.50 -56.25
C TYR D 532 13.77 15.82 -57.61
N GLU D 533 13.95 16.55 -58.72
CA GLU D 533 14.04 15.87 -60.01
C GLU D 533 15.37 15.16 -60.21
N ALA D 534 16.44 15.64 -59.58
CA ALA D 534 17.74 15.02 -59.73
C ALA D 534 18.46 15.09 -58.40
N ALA D 535 19.26 14.07 -58.11
CA ALA D 535 20.04 14.06 -56.88
C ALA D 535 21.20 15.04 -57.00
N GLY D 536 20.92 16.32 -56.79
CA GLY D 536 21.94 17.35 -56.85
C GLY D 536 22.66 17.51 -55.53
N GLU D 537 23.40 18.62 -55.43
CA GLU D 537 24.19 18.86 -54.25
C GLU D 537 23.30 19.41 -53.14
N ILE D 538 23.70 19.14 -51.91
CA ILE D 538 22.94 19.54 -50.72
C ILE D 538 23.49 20.90 -50.30
N VAL D 539 22.67 21.95 -50.44
CA VAL D 539 23.14 23.31 -50.13
C VAL D 539 22.66 23.71 -48.75
N ARG D 540 23.59 24.03 -47.87
CA ARG D 540 23.29 24.57 -46.55
C ARG D 540 22.94 26.05 -46.64
N LEU D 541 21.90 26.45 -45.91
CA LEU D 541 21.41 27.82 -45.89
C LEU D 541 21.69 28.54 -44.57
N THR D 542 21.89 27.80 -43.49
CA THR D 542 22.12 28.42 -42.20
C THR D 542 23.62 28.56 -41.94
N THR D 543 23.95 29.48 -41.04
CA THR D 543 25.34 29.70 -40.68
C THR D 543 25.87 28.51 -39.88
N PRO D 544 27.09 28.05 -40.15
CA PRO D 544 27.69 27.01 -39.33
C PRO D 544 28.03 27.53 -37.94
N GLY D 545 28.33 26.60 -37.04
CA GLY D 545 28.65 26.97 -35.68
C GLY D 545 27.45 27.29 -34.82
N PHE D 546 26.23 27.08 -35.31
CA PHE D 546 25.02 27.27 -34.53
C PHE D 546 24.04 26.16 -34.87
N SER D 547 23.00 26.02 -34.06
CA SER D 547 21.91 25.08 -34.32
C SER D 547 20.61 25.87 -34.47
N HIS D 548 19.81 25.46 -35.47
CA HIS D 548 18.76 26.28 -36.03
C HIS D 548 17.40 25.57 -36.05
N SER D 549 16.36 26.30 -35.70
CA SER D 549 14.97 25.89 -35.87
C SER D 549 14.38 26.86 -36.91
N CYS D 550 13.99 26.36 -38.06
CA CYS D 550 13.69 27.23 -39.18
C CYS D 550 12.24 27.10 -39.62
N SER D 551 11.80 28.07 -40.42
CA SER D 551 10.43 28.07 -40.95
C SER D 551 10.37 28.96 -42.17
N MET D 552 9.96 28.39 -43.30
CA MET D 552 9.98 29.07 -44.59
C MET D 552 8.69 29.87 -44.83
N SER D 553 8.80 30.88 -45.69
CA SER D 553 7.63 31.56 -46.21
C SER D 553 6.88 30.68 -47.21
N GLN D 554 5.57 30.92 -47.32
CA GLN D 554 4.79 30.29 -48.37
C GLN D 554 5.18 30.76 -49.76
N ASN D 555 5.69 31.98 -49.90
CA ASN D 555 6.21 32.48 -51.16
C ASN D 555 7.70 32.21 -51.32
N PHE D 556 8.31 31.53 -50.34
CA PHE D 556 9.61 30.87 -50.46
C PHE D 556 10.76 31.84 -50.73
N ASP D 557 10.63 33.10 -50.29
CA ASP D 557 11.68 34.08 -50.42
C ASP D 557 12.35 34.45 -49.11
N MET D 558 11.74 34.14 -47.97
CA MET D 558 12.36 34.36 -46.66
C MET D 558 12.03 33.26 -45.67
N PHE D 559 12.97 33.04 -44.78
CA PHE D 559 12.71 32.10 -43.71
C PHE D 559 13.07 32.77 -42.39
N VAL D 560 12.60 32.14 -41.32
CA VAL D 560 12.99 32.51 -39.97
C VAL D 560 13.94 31.42 -39.54
N SER D 561 14.92 31.80 -38.71
CA SER D 561 15.68 30.84 -37.94
C SER D 561 15.84 31.26 -36.49
N HIS D 562 15.37 30.39 -35.61
CA HIS D 562 15.56 30.49 -34.18
C HIS D 562 16.82 29.71 -33.89
N TYR D 563 17.91 30.39 -33.61
CA TYR D 563 19.15 29.65 -33.51
C TYR D 563 19.93 30.04 -32.27
N SER D 564 20.87 29.18 -31.94
CA SER D 564 21.66 29.34 -30.73
C SER D 564 22.93 28.54 -30.85
N SER D 565 23.76 28.65 -29.83
CA SER D 565 24.94 27.84 -29.66
C SER D 565 25.05 27.54 -28.18
N VAL D 566 26.07 26.76 -27.82
CA VAL D 566 26.34 26.48 -26.42
C VAL D 566 26.70 27.77 -25.69
N SER D 567 27.43 28.65 -26.35
CA SER D 567 27.84 29.91 -25.72
C SER D 567 26.76 30.98 -25.85
N THR D 568 26.25 31.19 -27.08
CA THR D 568 25.33 32.30 -27.24
C THR D 568 23.90 31.93 -26.84
N PRO D 569 23.15 32.88 -26.29
CA PRO D 569 21.71 32.69 -26.04
C PRO D 569 20.93 32.57 -27.33
N PRO D 570 19.64 32.20 -27.31
CA PRO D 570 18.92 32.05 -28.57
C PRO D 570 18.46 33.38 -29.14
N CYS D 571 18.67 33.51 -30.45
CA CYS D 571 18.32 34.63 -31.28
C CYS D 571 17.29 34.17 -32.31
N VAL D 572 16.62 35.14 -32.94
CA VAL D 572 15.66 34.84 -34.01
C VAL D 572 15.87 35.80 -35.17
N HIS D 573 16.54 35.29 -36.20
CA HIS D 573 16.92 36.07 -37.38
C HIS D 573 16.06 35.73 -38.58
N VAL D 574 15.83 36.74 -39.42
CA VAL D 574 15.04 36.61 -40.64
C VAL D 574 15.99 36.68 -41.84
N TYR D 575 16.08 35.59 -42.59
CA TYR D 575 16.97 35.55 -43.74
C TYR D 575 16.15 35.65 -45.02
N LYS D 576 16.85 36.01 -46.12
CA LYS D 576 16.25 36.31 -47.42
C LYS D 576 17.00 35.61 -48.54
N LEU D 577 16.32 34.69 -49.22
CA LEU D 577 16.87 34.05 -50.40
C LEU D 577 16.96 35.04 -51.55
N SER D 578 18.14 35.17 -52.15
CA SER D 578 18.38 36.24 -53.11
C SER D 578 19.40 35.74 -54.12
N GLY D 579 19.09 35.93 -55.40
CA GLY D 579 19.96 35.49 -56.46
C GLY D 579 19.26 35.36 -57.79
N PRO D 580 19.98 34.89 -58.81
CA PRO D 580 19.35 34.65 -60.11
C PRO D 580 18.45 33.43 -60.10
N ASP D 581 17.32 33.54 -60.79
CA ASP D 581 16.34 32.46 -60.87
C ASP D 581 16.79 31.31 -61.77
N ASP D 582 17.86 31.47 -62.54
CA ASP D 582 18.33 30.38 -63.40
C ASP D 582 18.86 29.22 -62.58
N ASP D 583 19.42 29.50 -61.41
CA ASP D 583 19.82 28.47 -60.44
C ASP D 583 19.20 28.80 -59.09
N PRO D 584 17.94 28.40 -58.88
CA PRO D 584 17.29 28.68 -57.59
C PRO D 584 17.87 27.86 -56.46
N LEU D 585 18.54 26.75 -56.78
CA LEU D 585 19.14 25.88 -55.78
C LEU D 585 20.26 26.61 -55.05
N HIS D 586 21.00 27.45 -55.76
CA HIS D 586 22.16 28.15 -55.22
C HIS D 586 21.81 29.58 -54.81
N LYS D 587 20.52 29.85 -54.61
CA LYS D 587 20.06 31.17 -54.19
C LYS D 587 20.54 31.47 -52.78
N GLN D 588 21.22 32.61 -52.59
CA GLN D 588 22.00 32.84 -51.39
C GLN D 588 21.17 33.46 -50.29
N PRO D 589 21.09 32.82 -49.11
CA PRO D 589 20.38 33.42 -47.97
C PRO D 589 21.18 34.57 -47.36
N ARG D 590 20.69 35.79 -47.49
CA ARG D 590 21.32 36.97 -46.95
C ARG D 590 20.50 37.45 -45.76
N PHE D 591 21.18 37.81 -44.67
CA PHE D 591 20.50 38.29 -43.46
C PHE D 591 19.73 39.56 -43.76
N TRP D 592 18.41 39.51 -43.53
CA TRP D 592 17.52 40.62 -43.85
C TRP D 592 17.21 41.46 -42.62
N ALA D 593 16.70 40.82 -41.57
CA ALA D 593 16.34 41.53 -40.36
C ALA D 593 16.40 40.55 -39.18
N SER D 594 16.40 41.13 -37.99
CA SER D 594 16.52 40.40 -36.74
C SER D 594 15.31 40.70 -35.89
N MET D 595 14.79 39.69 -35.18
CA MET D 595 13.61 39.92 -34.37
C MET D 595 14.02 40.17 -32.93
N MET D 596 14.79 39.25 -32.36
CA MET D 596 15.19 39.32 -30.97
C MET D 596 16.69 39.10 -30.99
N GLU D 597 17.41 39.81 -30.15
CA GLU D 597 18.83 39.52 -30.07
C GLU D 597 19.03 38.47 -28.99
N ALA D 598 20.24 37.88 -28.95
CA ALA D 598 20.56 36.88 -27.94
C ALA D 598 20.54 37.55 -26.57
N ALA D 599 19.81 36.94 -25.64
CA ALA D 599 19.38 37.61 -24.42
C ALA D 599 20.53 37.73 -23.43
N SER D 600 20.22 38.15 -22.21
CA SER D 600 21.24 38.32 -21.20
C SER D 600 21.71 36.95 -20.71
N CYS D 601 22.99 36.67 -20.87
CA CYS D 601 23.60 35.56 -20.17
C CYS D 601 23.56 35.83 -18.68
N PRO D 602 23.39 34.80 -17.85
CA PRO D 602 23.56 34.96 -16.41
C PRO D 602 24.98 35.41 -16.08
N PRO D 603 25.15 36.27 -15.08
CA PRO D 603 26.50 36.73 -14.73
C PRO D 603 27.39 35.62 -14.18
N ASP D 604 26.82 34.53 -13.70
CA ASP D 604 27.56 33.35 -13.30
C ASP D 604 27.39 32.19 -14.29
N TYR D 605 27.30 32.50 -15.58
CA TYR D 605 27.20 31.48 -16.62
C TYR D 605 28.50 31.38 -17.38
N VAL D 606 29.16 30.24 -17.25
CA VAL D 606 30.22 29.84 -18.18
C VAL D 606 29.62 28.79 -19.11
N PRO D 607 29.87 28.86 -20.42
CA PRO D 607 29.33 27.83 -21.31
C PRO D 607 29.97 26.50 -21.04
N PRO D 608 29.22 25.41 -21.15
CA PRO D 608 29.80 24.08 -21.03
C PRO D 608 30.60 23.68 -22.26
N GLU D 609 31.47 22.70 -22.06
CA GLU D 609 32.37 22.21 -23.09
C GLU D 609 31.78 20.96 -23.74
N ILE D 610 31.72 20.97 -25.07
CA ILE D 610 31.30 19.79 -25.84
C ILE D 610 32.52 18.92 -26.05
N PHE D 611 32.34 17.60 -25.97
CA PHE D 611 33.39 16.66 -26.30
C PHE D 611 32.76 15.46 -27.00
N HIS D 612 33.61 14.59 -27.51
CA HIS D 612 33.20 13.29 -28.00
C HIS D 612 34.24 12.27 -27.58
N PHE D 613 33.88 10.99 -27.70
CA PHE D 613 34.81 9.91 -27.40
C PHE D 613 34.32 8.64 -28.07
N HIS D 614 35.14 7.60 -27.98
CA HIS D 614 34.85 6.31 -28.57
C HIS D 614 34.70 5.27 -27.47
N THR D 615 33.86 4.27 -27.72
CA THR D 615 33.74 3.16 -26.79
C THR D 615 34.76 2.09 -27.12
N ARG D 616 34.67 0.96 -26.42
CA ARG D 616 35.44 -0.21 -26.81
C ARG D 616 34.93 -0.81 -28.11
N SER D 617 33.65 -0.58 -28.43
CA SER D 617 33.07 -1.02 -29.70
C SER D 617 33.27 -0.01 -30.82
N ASP D 618 33.90 1.13 -30.52
CA ASP D 618 34.30 2.17 -31.47
C ASP D 618 33.03 2.77 -32.10
N VAL D 619 32.17 3.32 -31.24
CA VAL D 619 31.09 4.19 -31.66
C VAL D 619 31.32 5.54 -30.99
N ARG D 620 31.11 6.61 -31.75
CA ARG D 620 31.37 7.95 -31.24
C ARG D 620 30.18 8.40 -30.41
N LEU D 621 30.42 8.71 -29.14
CA LEU D 621 29.39 9.25 -28.28
C LEU D 621 29.79 10.68 -27.95
N TYR D 622 28.80 11.55 -27.88
CA TYR D 622 29.03 12.92 -27.50
C TYR D 622 28.63 13.17 -26.04
N GLY D 623 29.19 14.24 -25.50
CA GLY D 623 28.93 14.60 -24.12
C GLY D 623 29.23 16.06 -23.89
N MET D 624 28.67 16.58 -22.81
CA MET D 624 28.94 17.93 -22.34
C MET D 624 29.59 17.84 -20.98
N ILE D 625 30.20 18.95 -20.57
CA ILE D 625 30.64 19.09 -19.18
C ILE D 625 30.57 20.55 -18.77
N TYR D 626 30.04 20.78 -17.57
CA TYR D 626 30.16 22.05 -16.88
C TYR D 626 31.29 21.92 -15.88
N LYS D 627 32.31 22.74 -16.03
CA LYS D 627 33.44 22.77 -15.12
C LYS D 627 33.06 23.51 -13.84
N PRO D 628 33.64 23.13 -12.71
CA PRO D 628 33.44 23.89 -11.47
C PRO D 628 34.01 25.30 -11.56
N HIS D 629 33.24 26.27 -11.09
CA HIS D 629 33.70 27.65 -11.04
C HIS D 629 34.86 27.79 -10.06
N ALA D 630 35.78 28.70 -10.40
CA ALA D 630 37.01 28.96 -9.65
C ALA D 630 37.82 27.68 -9.44
N LEU D 631 38.06 26.98 -10.54
CA LEU D 631 38.80 25.72 -10.52
C LEU D 631 40.24 25.94 -10.07
N GLN D 632 40.69 25.08 -9.17
CA GLN D 632 42.10 25.03 -8.76
C GLN D 632 42.70 23.73 -9.26
N PRO D 633 43.67 23.78 -10.17
CA PRO D 633 44.29 22.54 -10.69
C PRO D 633 44.96 21.71 -9.61
N GLY D 634 44.80 20.39 -9.72
CA GLY D 634 45.23 19.48 -8.69
C GLY D 634 44.17 19.12 -7.68
N LYS D 635 42.91 19.42 -7.96
CA LYS D 635 41.81 19.17 -7.05
C LYS D 635 40.73 18.38 -7.78
N LYS D 636 40.22 17.32 -7.14
CA LYS D 636 39.21 16.46 -7.72
C LYS D 636 37.85 16.81 -7.13
N HIS D 637 37.00 17.42 -7.92
CA HIS D 637 35.67 17.86 -7.54
C HIS D 637 34.67 16.72 -7.68
N PRO D 638 33.58 16.70 -6.89
CA PRO D 638 32.59 15.65 -7.06
C PRO D 638 31.74 15.90 -8.29
N THR D 639 31.29 14.80 -8.91
CA THR D 639 30.75 14.88 -10.26
C THR D 639 29.30 14.38 -10.30
N VAL D 640 28.42 15.22 -10.80
CA VAL D 640 27.02 14.90 -11.05
C VAL D 640 26.87 14.55 -12.53
N LEU D 641 26.68 13.26 -12.78
CA LEU D 641 26.33 12.74 -14.10
C LEU D 641 24.83 12.96 -14.30
N PHE D 642 24.48 14.06 -14.96
CA PHE D 642 23.10 14.26 -15.33
C PHE D 642 22.81 13.35 -16.51
N VAL D 643 21.57 12.86 -16.61
CA VAL D 643 21.28 11.88 -17.64
C VAL D 643 19.78 11.91 -17.94
N TYR D 644 19.47 11.68 -19.22
CA TYR D 644 18.19 11.13 -19.63
C TYR D 644 18.42 9.77 -20.29
N GLY D 645 19.20 9.72 -21.36
CA GLY D 645 19.64 8.45 -21.91
C GLY D 645 18.66 7.73 -22.81
N GLY D 646 17.38 8.01 -22.66
CA GLY D 646 16.36 7.35 -23.41
C GLY D 646 16.25 7.85 -24.83
N PRO D 647 15.44 7.15 -25.61
CA PRO D 647 15.24 7.52 -27.02
C PRO D 647 14.45 8.82 -27.16
N GLN D 648 14.43 9.31 -28.40
CA GLN D 648 13.70 10.48 -28.89
C GLN D 648 14.16 11.79 -28.27
N VAL D 649 15.25 11.79 -27.50
CA VAL D 649 15.77 12.99 -26.84
C VAL D 649 17.28 13.02 -27.05
N GLN D 650 17.79 14.15 -27.53
CA GLN D 650 19.22 14.40 -27.62
C GLN D 650 19.59 15.51 -26.64
N LEU D 651 20.32 15.15 -25.58
CA LEU D 651 20.81 16.16 -24.65
C LEU D 651 21.96 16.95 -25.25
N VAL D 652 22.96 16.27 -25.77
CA VAL D 652 24.21 16.91 -26.12
C VAL D 652 24.15 17.41 -27.56
N ASN D 653 24.12 18.73 -27.71
CA ASN D 653 24.10 19.39 -29.00
C ASN D 653 24.58 20.82 -28.84
N ASN D 654 24.82 21.49 -29.96
CA ASN D 654 25.34 22.85 -29.94
C ASN D 654 24.20 23.86 -29.92
N SER D 655 23.40 23.78 -28.86
CA SER D 655 22.23 24.62 -28.66
C SER D 655 22.24 25.12 -27.23
N PHE D 656 21.47 26.17 -26.98
CA PHE D 656 21.53 26.86 -25.69
C PHE D 656 20.90 26.02 -24.60
N LYS D 657 21.64 25.81 -23.52
CA LYS D 657 21.16 25.03 -22.39
C LYS D 657 20.65 25.88 -21.24
N GLY D 658 21.00 27.16 -21.20
CA GLY D 658 20.66 28.04 -20.08
C GLY D 658 19.18 28.24 -19.85
N ILE D 659 18.35 27.98 -20.86
CA ILE D 659 16.91 28.23 -20.73
C ILE D 659 16.27 27.23 -19.76
N LYS D 660 16.67 25.96 -19.80
CA LYS D 660 16.06 25.00 -18.89
C LYS D 660 17.06 23.97 -18.34
N TYR D 661 18.36 24.20 -18.48
CA TYR D 661 19.39 23.52 -17.71
C TYR D 661 20.21 24.52 -16.90
N LEU D 662 19.52 25.48 -16.31
CA LEU D 662 20.14 26.46 -15.42
C LEU D 662 20.58 25.82 -14.12
N ARG D 663 19.84 24.80 -13.66
CA ARG D 663 20.20 24.08 -12.44
C ARG D 663 21.59 23.46 -12.55
N LEU D 664 21.94 22.96 -13.73
CA LEU D 664 23.27 22.40 -13.99
C LEU D 664 24.35 23.46 -13.80
N ASN D 665 24.06 24.71 -14.20
CA ASN D 665 24.97 25.81 -13.93
C ASN D 665 25.03 26.12 -12.44
N THR D 666 23.91 26.00 -11.72
CA THR D 666 23.97 26.22 -10.26
C THR D 666 24.89 25.19 -9.58
N LEU D 667 24.76 23.92 -9.93
CA LEU D 667 25.72 22.89 -9.47
C LEU D 667 27.16 23.23 -9.79
N ALA D 668 27.44 23.58 -11.06
CA ALA D 668 28.79 23.99 -11.45
C ALA D 668 29.29 25.18 -10.62
N SER D 669 28.44 26.21 -10.41
CA SER D 669 28.83 27.38 -9.64
C SER D 669 29.01 27.06 -8.17
N LEU D 670 28.42 25.97 -7.68
CA LEU D 670 28.71 25.48 -6.34
C LEU D 670 29.93 24.59 -6.29
N GLY D 671 30.44 24.16 -7.44
CA GLY D 671 31.72 23.47 -7.50
C GLY D 671 31.66 22.04 -7.97
N TYR D 672 30.51 21.55 -8.42
CA TYR D 672 30.40 20.19 -8.91
C TYR D 672 30.80 20.14 -10.37
N ALA D 673 31.61 19.15 -10.72
CA ALA D 673 31.76 18.80 -12.13
C ALA D 673 30.44 18.23 -12.59
N VAL D 674 29.90 18.73 -13.70
CA VAL D 674 28.69 18.18 -14.29
C VAL D 674 28.97 17.52 -15.63
N VAL D 675 28.71 16.22 -15.72
CA VAL D 675 28.97 15.46 -16.94
C VAL D 675 27.62 15.05 -17.52
N VAL D 676 27.48 15.10 -18.85
CA VAL D 676 26.26 14.71 -19.55
C VAL D 676 26.65 13.92 -20.79
N ILE D 677 26.10 12.73 -20.95
CA ILE D 677 26.49 11.82 -22.02
C ILE D 677 25.24 11.37 -22.76
N ASP D 678 25.23 11.44 -24.10
CA ASP D 678 24.20 10.71 -24.85
C ASP D 678 24.79 9.43 -25.44
N GLY D 679 24.60 8.33 -24.73
CA GLY D 679 25.03 7.01 -25.17
C GLY D 679 24.19 6.46 -26.30
N ARG D 680 24.44 5.17 -26.59
CA ARG D 680 23.71 4.50 -27.66
C ARG D 680 22.25 4.31 -27.26
N GLY D 681 21.37 4.60 -28.20
CA GLY D 681 19.95 4.66 -27.93
C GLY D 681 19.39 6.06 -27.94
N SER D 682 20.20 7.06 -28.27
CA SER D 682 19.73 8.43 -28.31
C SER D 682 19.20 8.76 -29.70
N CYS D 683 18.57 9.91 -29.82
CA CYS D 683 17.96 10.32 -31.08
C CYS D 683 18.99 10.94 -32.01
N GLN D 684 18.62 11.01 -33.30
CA GLN D 684 19.32 11.78 -34.35
C GLN D 684 20.75 11.30 -34.59
N ARG D 685 20.99 9.99 -34.44
CA ARG D 685 22.29 9.41 -34.77
C ARG D 685 22.16 8.15 -35.61
N GLY D 686 20.99 7.91 -36.17
CA GLY D 686 20.79 6.71 -36.97
C GLY D 686 19.93 5.69 -36.26
N LEU D 687 19.23 4.89 -37.08
CA LEU D 687 18.32 3.89 -36.55
C LEU D 687 19.10 2.78 -35.88
N ARG D 688 20.23 2.38 -36.47
CA ARG D 688 21.04 1.30 -35.91
C ARG D 688 21.64 1.73 -34.57
N PHE D 689 21.95 3.01 -34.45
CA PHE D 689 22.46 3.58 -33.21
C PHE D 689 21.38 3.60 -32.14
N GLU D 690 20.22 4.17 -32.46
CA GLU D 690 19.07 4.17 -31.55
C GLU D 690 18.63 2.77 -31.14
N GLY D 691 18.71 1.81 -32.07
CA GLY D 691 18.30 0.45 -31.83
C GLY D 691 19.20 -0.43 -31.00
N ALA D 692 20.19 0.12 -30.29
CA ALA D 692 20.94 -0.72 -29.38
C ALA D 692 20.17 -1.01 -28.08
N LEU D 693 19.03 -0.37 -27.85
CA LEU D 693 18.22 -0.61 -26.67
C LEU D 693 17.05 -1.55 -26.95
N LYS D 694 16.98 -2.11 -28.16
CA LYS D 694 15.89 -3.01 -28.55
C LYS D 694 15.85 -4.25 -27.65
N ASN D 695 14.78 -4.35 -26.86
CA ASN D 695 14.43 -5.43 -25.94
C ASN D 695 15.39 -5.55 -24.76
N GLN D 696 16.34 -4.63 -24.60
CA GLN D 696 17.28 -4.63 -23.49
C GLN D 696 17.53 -3.21 -23.01
N MET D 697 16.48 -2.39 -23.00
CA MET D 697 16.60 -0.99 -22.66
C MET D 697 16.76 -0.83 -21.15
N GLY D 698 17.73 -0.03 -20.76
CA GLY D 698 18.20 0.03 -19.39
C GLY D 698 19.59 -0.57 -19.18
N GLN D 699 20.06 -1.40 -20.11
CA GLN D 699 21.31 -2.13 -19.92
C GLN D 699 22.53 -1.54 -20.63
N VAL D 700 22.37 -0.91 -21.78
CA VAL D 700 23.53 -0.47 -22.56
C VAL D 700 23.81 1.02 -22.37
N GLU D 701 22.76 1.79 -22.06
CA GLU D 701 22.90 3.21 -21.83
C GLU D 701 23.78 3.48 -20.62
N ILE D 702 23.53 2.78 -19.51
CA ILE D 702 24.32 3.00 -18.30
C ILE D 702 25.80 2.63 -18.54
N GLU D 703 26.05 1.63 -19.38
CA GLU D 703 27.41 1.27 -19.74
C GLU D 703 28.07 2.41 -20.51
N ASP D 704 27.32 3.04 -21.40
CA ASP D 704 27.82 4.22 -22.08
C ASP D 704 28.05 5.40 -21.13
N GLN D 705 27.21 5.55 -20.10
CA GLN D 705 27.40 6.65 -19.17
C GLN D 705 28.63 6.45 -18.28
N VAL D 706 28.81 5.24 -17.74
CA VAL D 706 30.03 4.92 -16.97
C VAL D 706 31.28 5.13 -17.82
N GLU D 707 31.30 4.62 -19.07
CA GLU D 707 32.44 4.86 -19.97
C GLU D 707 32.66 6.35 -20.25
N GLY D 708 31.58 7.13 -20.40
CA GLY D 708 31.72 8.57 -20.53
C GLY D 708 32.33 9.25 -19.31
N LEU D 709 31.91 8.80 -18.12
CA LEU D 709 32.54 9.22 -16.87
C LEU D 709 34.03 8.89 -16.86
N GLN D 710 34.37 7.65 -17.24
CA GLN D 710 35.75 7.18 -17.17
C GLN D 710 36.62 7.91 -18.18
N PHE D 711 36.04 8.29 -19.32
CA PHE D 711 36.75 9.10 -20.30
C PHE D 711 37.00 10.50 -19.76
N VAL D 712 36.00 11.11 -19.14
CA VAL D 712 36.18 12.47 -18.64
C VAL D 712 37.18 12.48 -17.49
N ALA D 713 37.15 11.42 -16.67
CA ALA D 713 38.13 11.20 -15.62
C ALA D 713 39.56 11.09 -16.15
N GLU D 714 39.76 10.36 -17.25
CA GLU D 714 41.12 10.27 -17.78
C GLU D 714 41.56 11.54 -18.51
N LYS D 715 40.70 12.08 -19.39
CA LYS D 715 41.01 13.30 -20.14
C LYS D 715 41.26 14.50 -19.24
N TYR D 716 40.33 14.79 -18.32
CA TYR D 716 40.48 15.89 -17.40
C TYR D 716 41.10 15.40 -16.10
N GLY D 717 41.15 16.27 -15.10
CA GLY D 717 41.79 15.93 -13.85
C GLY D 717 41.05 16.42 -12.62
N PHE D 718 39.74 16.63 -12.76
CA PHE D 718 38.92 17.15 -11.67
C PHE D 718 37.69 16.30 -11.40
N ILE D 719 37.72 15.03 -11.80
CA ILE D 719 36.60 14.11 -11.58
C ILE D 719 36.97 13.24 -10.38
N ASP D 720 36.25 13.40 -9.27
CA ASP D 720 36.42 12.56 -8.10
C ASP D 720 35.52 11.33 -8.25
N LEU D 721 36.13 10.16 -8.49
CA LEU D 721 35.36 8.95 -8.73
C LEU D 721 34.73 8.40 -7.46
N SER D 722 35.28 8.73 -6.29
CA SER D 722 34.65 8.33 -5.04
C SER D 722 33.36 9.08 -4.76
N ARG D 723 33.19 10.26 -5.35
CA ARG D 723 32.01 11.09 -5.14
C ARG D 723 31.35 11.35 -6.50
N VAL D 724 30.50 10.41 -6.90
CA VAL D 724 29.75 10.50 -8.15
C VAL D 724 28.28 10.40 -7.85
N ALA D 725 27.52 11.34 -8.38
CA ALA D 725 26.08 11.36 -8.27
C ALA D 725 25.51 11.11 -9.64
N ILE D 726 24.47 10.30 -9.72
CA ILE D 726 23.78 10.11 -10.98
C ILE D 726 22.41 10.74 -10.77
N HIS D 727 21.89 11.40 -11.79
CA HIS D 727 20.67 12.14 -11.56
C HIS D 727 19.92 12.35 -12.85
N GLY D 728 18.60 12.27 -12.78
CA GLY D 728 17.83 12.48 -13.99
C GLY D 728 16.35 12.32 -13.77
N TRP D 729 15.59 12.68 -14.80
CA TRP D 729 14.14 12.64 -14.80
C TRP D 729 13.66 11.70 -15.90
N SER D 730 12.37 11.41 -15.90
CA SER D 730 11.84 10.05 -15.86
C SER D 730 12.73 8.92 -16.38
N TYR D 731 13.18 8.99 -17.64
CA TYR D 731 14.17 8.02 -18.08
C TYR D 731 15.49 8.21 -17.33
N GLY D 732 15.84 9.45 -17.02
CA GLY D 732 17.06 9.73 -16.30
C GLY D 732 17.02 9.13 -14.91
N GLY D 733 15.88 9.22 -14.25
CA GLY D 733 15.74 8.59 -12.94
C GLY D 733 15.72 7.08 -13.01
N PHE D 734 15.05 6.52 -14.03
CA PHE D 734 15.13 5.08 -14.27
C PHE D 734 16.57 4.62 -14.48
N LEU D 735 17.35 5.37 -15.25
CA LEU D 735 18.75 5.03 -15.42
C LEU D 735 19.55 5.26 -14.16
N SER D 736 19.29 6.37 -13.44
CA SER D 736 19.95 6.61 -12.15
C SER D 736 19.78 5.43 -11.19
N LEU D 737 18.58 4.84 -11.18
CA LEU D 737 18.35 3.63 -10.40
C LEU D 737 19.04 2.41 -10.97
N MET D 738 19.15 2.31 -12.30
CA MET D 738 19.94 1.23 -12.87
C MET D 738 21.43 1.40 -12.62
N GLY D 739 21.91 2.65 -12.62
CA GLY D 739 23.28 2.94 -12.27
C GLY D 739 23.62 2.53 -10.86
N LEU D 740 22.77 2.90 -9.90
CA LEU D 740 23.03 2.54 -8.51
C LEU D 740 22.84 1.04 -8.28
N ILE D 741 22.02 0.37 -9.08
CA ILE D 741 21.85 -1.07 -8.96
C ILE D 741 23.01 -1.85 -9.58
N HIS D 742 23.26 -1.66 -10.88
CA HIS D 742 24.23 -2.51 -11.55
C HIS D 742 25.65 -1.98 -11.52
N LYS D 743 25.86 -0.70 -11.23
CA LYS D 743 27.21 -0.17 -11.01
C LYS D 743 27.23 0.65 -9.72
N PRO D 744 27.04 0.01 -8.55
CA PRO D 744 27.02 0.78 -7.30
C PRO D 744 28.38 1.31 -6.89
N GLN D 745 29.47 0.63 -7.27
CA GLN D 745 30.81 1.04 -6.86
C GLN D 745 31.25 2.34 -7.52
N VAL D 746 30.68 2.74 -8.66
CA VAL D 746 31.06 3.99 -9.26
C VAL D 746 30.16 5.15 -8.83
N PHE D 747 28.85 4.93 -8.71
CA PHE D 747 27.92 6.01 -8.38
C PHE D 747 27.70 6.04 -6.88
N LYS D 748 28.11 7.14 -6.23
CA LYS D 748 27.92 7.25 -4.79
C LYS D 748 26.45 7.46 -4.44
N VAL D 749 25.78 8.40 -5.11
CA VAL D 749 24.35 8.63 -4.85
C VAL D 749 23.57 8.61 -6.16
N ALA D 750 22.24 8.66 -6.02
CA ALA D 750 21.36 8.61 -7.18
C ALA D 750 20.07 9.36 -6.90
N ILE D 751 19.93 10.52 -7.52
CA ILE D 751 18.73 11.34 -7.43
C ILE D 751 17.84 11.03 -8.63
N ALA D 752 16.89 10.13 -8.40
CA ALA D 752 15.99 9.62 -9.43
C ALA D 752 14.70 10.42 -9.34
N GLY D 753 14.42 11.24 -10.35
CA GLY D 753 13.21 12.03 -10.38
C GLY D 753 12.21 11.39 -11.31
N ALA D 754 11.02 11.13 -10.79
CA ALA D 754 9.90 10.55 -11.52
C ALA D 754 10.20 9.24 -12.27
N PRO D 755 10.82 8.26 -11.62
CA PRO D 755 11.35 7.13 -12.38
C PRO D 755 10.26 6.16 -12.84
N VAL D 756 10.49 5.56 -13.99
CA VAL D 756 9.69 4.43 -14.43
C VAL D 756 10.29 3.14 -13.88
N THR D 757 9.54 2.48 -13.00
CA THR D 757 10.10 1.37 -12.25
C THR D 757 9.63 0.00 -12.73
N VAL D 758 8.46 -0.09 -13.36
CA VAL D 758 7.96 -1.34 -13.92
C VAL D 758 7.48 -1.07 -15.34
N TRP D 759 8.08 -1.75 -16.30
CA TRP D 759 7.71 -1.55 -17.69
C TRP D 759 6.36 -2.17 -18.02
N MET D 760 5.90 -3.14 -17.22
CA MET D 760 4.58 -3.71 -17.42
C MET D 760 3.46 -2.69 -17.18
N ALA D 761 3.73 -1.66 -16.39
CA ALA D 761 2.74 -0.62 -16.12
C ALA D 761 2.78 0.54 -17.09
N TYR D 762 3.86 0.68 -17.86
CA TYR D 762 3.93 1.84 -18.74
C TYR D 762 3.14 1.55 -20.00
N ASP D 763 2.79 2.60 -20.74
CA ASP D 763 1.83 2.49 -21.82
C ASP D 763 2.42 1.88 -23.09
N THR D 764 1.52 1.54 -24.02
CA THR D 764 1.85 0.72 -25.19
C THR D 764 2.80 1.42 -26.16
N GLY D 765 2.38 2.59 -26.67
CA GLY D 765 3.12 3.32 -27.70
C GLY D 765 4.61 3.49 -27.46
N TYR D 766 4.98 3.86 -26.23
CA TYR D 766 6.39 3.94 -25.91
C TYR D 766 6.96 2.54 -25.75
N THR D 767 6.48 1.79 -24.75
CA THR D 767 7.15 0.59 -24.27
C THR D 767 7.18 -0.50 -25.35
N GLU D 768 6.09 -0.67 -26.11
CA GLU D 768 5.99 -1.78 -27.04
C GLU D 768 6.91 -1.59 -28.23
N ARG D 769 7.00 -0.36 -28.76
CA ARG D 769 7.98 0.07 -29.75
C ARG D 769 9.38 -0.46 -29.50
N TYR D 770 9.87 -0.43 -28.27
CA TYR D 770 11.25 -0.87 -28.03
C TYR D 770 11.29 -2.26 -27.44
N MET D 771 10.40 -2.54 -26.50
CA MET D 771 10.27 -3.80 -25.77
C MET D 771 9.05 -4.48 -26.38
N ASP D 772 9.26 -5.45 -27.28
CA ASP D 772 8.29 -5.74 -28.34
C ASP D 772 6.91 -6.15 -27.81
N VAL D 773 6.82 -7.29 -27.12
CA VAL D 773 5.57 -7.76 -26.51
C VAL D 773 5.96 -8.28 -25.14
N PRO D 774 5.22 -7.98 -24.07
CA PRO D 774 5.57 -8.54 -22.75
C PRO D 774 5.43 -10.05 -22.67
N GLU D 775 4.58 -10.65 -23.51
CA GLU D 775 4.49 -12.10 -23.55
C GLU D 775 5.72 -12.73 -24.18
N ASN D 776 6.37 -12.04 -25.09
CA ASN D 776 7.53 -12.57 -25.80
C ASN D 776 8.87 -12.09 -25.25
N ASN D 777 8.87 -11.19 -24.27
CA ASN D 777 10.12 -10.62 -23.78
C ASN D 777 10.11 -10.52 -22.25
N GLN D 778 9.84 -11.65 -21.58
CA GLN D 778 9.82 -11.62 -20.12
C GLN D 778 11.19 -11.40 -19.51
N HIS D 779 12.25 -11.94 -20.16
CA HIS D 779 13.62 -11.75 -19.68
C HIS D 779 14.01 -10.28 -19.65
N GLY D 780 13.58 -9.52 -20.63
CA GLY D 780 13.99 -8.15 -20.70
C GLY D 780 13.06 -7.24 -19.94
N TYR D 781 11.79 -7.62 -19.83
CA TYR D 781 10.88 -6.94 -18.91
C TYR D 781 11.37 -7.05 -17.46
N GLU D 782 11.74 -8.26 -17.00
CA GLU D 782 12.23 -8.37 -15.63
C GLU D 782 13.58 -7.67 -15.48
N ALA D 783 14.49 -7.85 -16.45
CA ALA D 783 15.82 -7.23 -16.37
C ALA D 783 15.76 -5.71 -16.38
N GLY D 784 14.78 -5.11 -17.06
CA GLY D 784 14.73 -3.67 -17.14
C GLY D 784 13.71 -3.04 -16.20
N SER D 785 12.83 -3.85 -15.62
CA SER D 785 11.96 -3.37 -14.55
C SER D 785 12.81 -3.23 -13.31
N VAL D 786 13.20 -1.99 -13.02
CA VAL D 786 14.21 -1.71 -12.00
C VAL D 786 13.68 -2.03 -10.60
N ALA D 787 12.36 -1.94 -10.42
CA ALA D 787 11.70 -2.21 -9.14
C ALA D 787 11.78 -3.67 -8.74
N LEU D 788 12.03 -4.57 -9.68
CA LEU D 788 12.24 -5.98 -9.36
C LEU D 788 13.69 -6.29 -9.01
N HIS D 789 14.58 -5.30 -8.94
CA HIS D 789 15.97 -5.49 -8.59
C HIS D 789 16.36 -4.64 -7.38
N VAL D 790 15.45 -4.52 -6.42
CA VAL D 790 15.70 -3.70 -5.23
C VAL D 790 16.70 -4.36 -4.29
N GLU D 791 16.73 -5.70 -4.21
CA GLU D 791 17.78 -6.43 -3.51
C GLU D 791 19.21 -5.99 -3.84
N LYS D 792 19.45 -5.48 -5.04
CA LYS D 792 20.77 -4.99 -5.44
C LYS D 792 20.99 -3.52 -5.10
N LEU D 793 20.03 -2.84 -4.48
CA LEU D 793 20.23 -1.47 -4.05
C LEU D 793 21.11 -1.46 -2.79
N PRO D 794 21.77 -0.34 -2.49
CA PRO D 794 22.68 -0.32 -1.33
C PRO D 794 21.94 -0.43 -0.01
N ASN D 795 22.49 -1.25 0.89
CA ASN D 795 21.94 -1.35 2.23
C ASN D 795 22.27 -0.13 3.07
N GLU D 796 23.39 0.53 2.79
CA GLU D 796 23.73 1.74 3.51
C GLU D 796 22.87 2.90 3.02
N PRO D 797 22.51 3.82 3.92
CA PRO D 797 21.54 4.87 3.55
C PRO D 797 22.12 6.10 2.90
N ASN D 798 21.21 7.03 2.58
CA ASN D 798 21.49 8.35 2.01
C ASN D 798 22.17 8.28 0.65
N ARG D 799 21.90 7.22 -0.08
CA ARG D 799 22.44 7.03 -1.43
C ARG D 799 21.37 7.10 -2.50
N LEU D 800 20.11 7.29 -2.15
CA LEU D 800 19.02 7.20 -3.11
C LEU D 800 17.93 8.19 -2.73
N LEU D 801 17.68 9.17 -3.60
CA LEU D 801 16.64 10.16 -3.37
C LEU D 801 15.64 10.03 -4.51
N ILE D 802 14.40 9.67 -4.18
CA ILE D 802 13.32 9.51 -5.15
C ILE D 802 12.43 10.74 -5.14
N LEU D 803 12.28 11.38 -6.29
CA LEU D 803 11.46 12.56 -6.49
C LEU D 803 10.27 12.17 -7.36
N HIS D 804 9.08 12.69 -7.05
CA HIS D 804 7.95 12.36 -7.92
C HIS D 804 6.84 13.39 -7.83
N GLY D 805 6.34 13.81 -8.99
CA GLY D 805 5.13 14.60 -9.07
C GLY D 805 3.89 13.72 -8.93
N PHE D 806 3.01 14.09 -8.01
CA PHE D 806 1.88 13.24 -7.63
C PHE D 806 0.85 13.04 -8.73
N LEU D 807 0.64 14.04 -9.59
CA LEU D 807 -0.43 14.00 -10.58
C LEU D 807 0.06 13.58 -11.96
N ASP D 808 1.10 12.75 -12.02
CA ASP D 808 1.83 12.56 -13.26
C ASP D 808 1.03 11.69 -14.22
N GLU D 809 0.62 12.28 -15.34
CA GLU D 809 -0.10 11.58 -16.39
C GLU D 809 0.80 10.65 -17.21
N ASN D 810 2.10 10.95 -17.30
CA ASN D 810 2.98 10.19 -18.18
C ASN D 810 3.54 8.96 -17.48
N VAL D 811 4.29 9.18 -16.41
CA VAL D 811 4.84 8.12 -15.58
C VAL D 811 4.26 8.27 -14.16
N HIS D 812 3.16 7.56 -13.95
CA HIS D 812 2.28 7.74 -12.80
C HIS D 812 2.98 7.45 -11.47
N PHE D 813 2.37 7.97 -10.40
CA PHE D 813 2.89 7.80 -9.05
C PHE D 813 2.95 6.35 -8.60
N PHE D 814 2.19 5.45 -9.25
CA PHE D 814 2.29 4.01 -9.00
C PHE D 814 3.72 3.49 -9.13
N HIS D 815 4.49 4.03 -10.07
CA HIS D 815 5.86 3.56 -10.30
C HIS D 815 6.74 3.81 -9.08
N THR D 816 6.73 5.05 -8.57
CA THR D 816 7.40 5.38 -7.32
C THR D 816 6.82 4.58 -6.15
N ASN D 817 5.50 4.42 -6.11
CA ASN D 817 4.84 3.64 -5.06
C ASN D 817 5.28 2.20 -5.03
N PHE D 818 5.38 1.57 -6.20
CA PHE D 818 5.82 0.18 -6.29
C PHE D 818 7.30 0.06 -5.98
N LEU D 819 8.08 1.09 -6.31
CA LEU D 819 9.49 1.10 -5.94
C LEU D 819 9.63 1.16 -4.43
N VAL D 820 8.94 2.11 -3.80
CA VAL D 820 8.97 2.27 -2.35
C VAL D 820 8.45 1.01 -1.66
N SER D 821 7.41 0.39 -2.24
CA SER D 821 6.90 -0.91 -1.80
C SER D 821 7.97 -1.98 -1.78
N GLN D 822 8.72 -2.12 -2.87
CA GLN D 822 9.71 -3.19 -2.93
C GLN D 822 10.96 -2.84 -2.12
N LEU D 823 11.23 -1.55 -1.92
CA LEU D 823 12.25 -1.12 -0.97
C LEU D 823 11.88 -1.50 0.46
N ILE D 824 10.62 -1.24 0.82
CA ILE D 824 10.08 -1.65 2.12
C ILE D 824 10.20 -3.15 2.32
N ARG D 825 9.81 -3.92 1.30
CA ARG D 825 9.85 -5.38 1.40
C ARG D 825 11.27 -5.94 1.41
N ALA D 826 12.22 -5.27 0.78
CA ALA D 826 13.60 -5.72 0.80
C ALA D 826 14.43 -5.10 1.92
N GLY D 827 13.86 -4.17 2.68
CA GLY D 827 14.58 -3.58 3.80
C GLY D 827 15.68 -2.65 3.37
N LYS D 828 15.40 -1.78 2.40
CA LYS D 828 16.39 -0.85 1.92
C LYS D 828 15.95 0.58 2.20
N PRO D 829 16.86 1.45 2.61
CA PRO D 829 16.50 2.85 2.86
C PRO D 829 16.32 3.63 1.57
N TYR D 830 15.70 4.80 1.72
CA TYR D 830 15.45 5.74 0.62
C TYR D 830 15.09 7.08 1.24
N GLN D 831 15.35 8.15 0.50
CA GLN D 831 14.66 9.40 0.78
C GLN D 831 13.65 9.65 -0.33
N LEU D 832 12.66 10.48 -0.05
CA LEU D 832 11.58 10.68 -1.00
C LEU D 832 11.01 12.09 -0.88
N GLN D 833 10.59 12.63 -2.02
CA GLN D 833 10.03 13.96 -2.09
C GLN D 833 8.85 13.93 -3.06
N ILE D 834 7.76 14.57 -2.66
CA ILE D 834 6.55 14.59 -3.46
C ILE D 834 6.36 16.02 -3.95
N TYR D 835 5.82 16.16 -5.15
CA TYR D 835 5.35 17.46 -5.66
C TYR D 835 3.86 17.28 -5.95
N PRO D 836 2.99 17.63 -5.00
CA PRO D 836 1.57 17.28 -5.13
C PRO D 836 0.83 18.00 -6.25
N ASN D 837 1.31 19.15 -6.70
CA ASN D 837 0.60 19.93 -7.71
C ASN D 837 1.26 19.87 -9.08
N GLU D 838 2.24 18.99 -9.27
CA GLU D 838 3.05 18.94 -10.47
C GLU D 838 2.75 17.67 -11.24
N ARG D 839 2.57 17.80 -12.56
CA ARG D 839 2.30 16.57 -13.30
C ARG D 839 3.59 15.85 -13.61
N HIS D 840 4.32 16.30 -14.63
CA HIS D 840 5.50 15.58 -15.06
C HIS D 840 6.75 16.46 -15.05
N SER D 841 6.66 17.62 -15.68
CA SER D 841 7.70 18.63 -15.57
C SER D 841 7.33 19.58 -14.44
N ILE D 842 8.33 19.94 -13.63
CA ILE D 842 8.12 20.91 -12.56
C ILE D 842 7.94 22.28 -13.21
N ARG D 843 6.69 22.75 -13.26
CA ARG D 843 6.40 24.01 -13.95
C ARG D 843 6.36 25.20 -13.01
N CYS D 844 5.85 25.02 -11.78
CA CYS D 844 5.79 26.11 -10.83
C CYS D 844 7.19 26.51 -10.38
N PRO D 845 7.51 27.81 -10.39
CA PRO D 845 8.85 28.24 -9.94
C PRO D 845 9.14 27.93 -8.49
N GLU D 846 8.15 28.04 -7.61
CA GLU D 846 8.32 27.65 -6.20
C GLU D 846 8.67 26.18 -6.06
N SER D 847 7.97 25.31 -6.78
CA SER D 847 8.25 23.88 -6.76
C SER D 847 9.61 23.55 -7.38
N GLY D 848 10.01 24.26 -8.44
CA GLY D 848 11.33 24.05 -8.99
C GLY D 848 12.42 24.54 -8.07
N GLU D 849 12.18 25.64 -7.36
CA GLU D 849 13.13 26.15 -6.40
C GLU D 849 13.30 25.19 -5.22
N HIS D 850 12.19 24.57 -4.78
CA HIS D 850 12.31 23.57 -3.73
C HIS D 850 13.07 22.34 -4.23
N TYR D 851 12.75 21.87 -5.45
CA TYR D 851 13.44 20.74 -6.06
C TYR D 851 14.94 20.97 -6.12
N GLU D 852 15.35 22.17 -6.52
CA GLU D 852 16.78 22.44 -6.67
C GLU D 852 17.45 22.62 -5.30
N VAL D 853 16.79 23.28 -4.35
CA VAL D 853 17.40 23.44 -3.04
C VAL D 853 17.51 22.08 -2.33
N THR D 854 16.55 21.18 -2.59
CA THR D 854 16.63 19.80 -2.11
C THR D 854 17.78 19.06 -2.77
N LEU D 855 18.01 19.33 -4.06
CA LEU D 855 19.10 18.69 -4.80
C LEU D 855 20.45 19.17 -4.30
N LEU D 856 20.59 20.48 -4.10
CA LEU D 856 21.83 21.04 -3.57
C LEU D 856 22.11 20.56 -2.17
N HIS D 857 21.09 20.53 -1.30
CA HIS D 857 21.28 20.02 0.05
C HIS D 857 21.69 18.54 0.06
N PHE D 858 20.99 17.71 -0.72
CA PHE D 858 21.29 16.28 -0.76
C PHE D 858 22.71 16.02 -1.25
N LEU D 859 23.13 16.74 -2.29
CA LEU D 859 24.50 16.59 -2.79
C LEU D 859 25.51 17.14 -1.79
N GLN D 860 25.25 18.34 -1.27
CA GLN D 860 26.07 18.99 -0.24
C GLN D 860 26.38 18.06 0.91
N GLU D 861 25.36 17.38 1.44
CA GLU D 861 25.56 16.58 2.64
C GLU D 861 26.06 15.17 2.32
N TYR D 862 25.49 14.52 1.30
CA TYR D 862 25.69 13.09 1.14
C TYR D 862 26.53 12.67 -0.07
N LEU D 863 26.91 13.59 -0.94
CA LEU D 863 27.86 13.22 -1.99
C LEU D 863 29.30 13.39 -1.50
#